data_9N5U
#
_entry.id   9N5U
#
_cell.length_a   1.00
_cell.length_b   1.00
_cell.length_c   1.00
_cell.angle_alpha   90.00
_cell.angle_beta   90.00
_cell.angle_gamma   90.00
#
_symmetry.space_group_name_H-M   'P 1'
#
loop_
_entity.id
_entity.type
_entity.pdbx_description
1 polymer NfnA
2 polymer NfnB
3 polymer NfnC
4 non-polymer 'IRON/SULFUR CLUSTER'
5 non-polymer 'FLAVIN-ADENINE DINUCLEOTIDE'
6 non-polymer 'FE2/S2 (INORGANIC) CLUSTER'
7 non-polymer 'FLAVIN MONONUCLEOTIDE'
8 non-polymer 'ZINC ION'
#
loop_
_entity_poly.entity_id
_entity_poly.type
_entity_poly.pdbx_seq_one_letter_code
_entity_poly.pdbx_strand_id
1 'polypeptide(L)'
;MPRRRVSEMVKITVNGKEFEAPKDKSLIEFLREITHVPGFCYTEAFDPYGSCRLCLVQTPRGITTSCTLKPMEGLSIETL
SDEIIEMRKTALELILSDHYGDCIGPCQNGCPAHSDVQGYLALIAMGRYHEAVKLMKEKYILPAVLGRVCPAFCEEECRR
NLVEEPLAIRQLKRFAADYDLENGPWMPEIPPSTGKRIAVVGGGPAGLACAYYLRTMGHDVTIFDAMPHLGGMMRYGIPP
YRLPKDVLDKDIATVINTGIEVKTNTALGKDIALEELREQYDAVFLGVGAWKSRKMGIEGEDLDGVIHGTEFLRKVNMGE
KVELGKRVIVVGGGNTAMDVARTALRLGADVTVVYRRSKSEMPANSREVEEAEEEGVKFMFLTNPVKIIGKEKVEEVELI
KMKLGEPDASGRRRPMPIEGSEFRVKVDNVILAIGQYCDEEFLRTIGIEAKRGRVLVDEVTLQTNKEGVFAGGDLVLGPS
TVIESIATGRRAAIMIDLYLKGKLEKAREVLLDPSKHIEEVIYDEDLYRVLFDLRPYNHWKKVTEKDYEHVERKPRVKVK
LLDPEIRKSNFKEVEPTMDEETVLTEAQRCMSCGCMEVFRCKLREYATLYDAKQDAFVGEQNKFEIDETHPNVVLDNNKC
VLCGQCVNFTHEIAREGIVDYLFRGFKTYIGPQLGERLEDQKGVFIGELTDICPVGAITEKLPFVKPGPWKTQPVKTVCN
GCSFACEMNIEVYNDILVRASSRKDSWNGYICDYCRFERPWAQDIAQPILKGNAVSWEDAEKFLEEKECALILTPSLTNE
EIMFLKELAERKGIPIGSTIDGEGSTATLEDIRNAKRVLLKVNIEKYPLLKLLLKGKEIVEEGYEVAIIEGPAEPMDVPT
LILHDGVNATGLIKAGVTGIPEAKAYVVIGNSPAISKLKGEYLILPSGLWAEKEGTVTNAFGMDLKVKKARKAHYDVKSL
FNF
;
A
2 'polypeptide(L)'
;MSEIKAIAVGMNSCGIAAGARETYEAVKEELEKRNLDIKLKIVGCVGMCYREPLLDIITDNEIITYGHVTPDRVPRIIEE
HVINGKPIEDWVVKKDWWENGQRKTWDFDGYFVKQKKIVLENSGYIDPENIEEYIAAGGYEALKKAFKMKPEEIIDFITK
SGLRGRGGAGFPTGLKWKFTRDAPGDEKYIVCNADEGDPGAFMDRNVLEGDPHRVIEGMIIGAYAIGATKGFIYVRAEYP
LAIKRLRIALKQAREKGFLGENILGSGFSFEIVIKEGAGAFVCGEETALIASIEGKRGMPRPRPPYPAQKGLWGRPTNIN
NVETWANVPWIIKHGWEAYAALGTEKSKGTKVFALSGKIKHGGNVEVPMGITLREILYEIGGGTKTGKKIKAVQLGGPSG
GCIPDYLFNTPVDYESVTATGAIMGSGGMVVMDEDTCMVDVAKFFLDFTVKESCGKCTFCRLGTKRMWELLDKITKGEGA
LEDIEKLEKLAPLVKTGSLCGLGQTAPNPVLTTLKYFKDEYLAHIEGRCPAKVCKPLIKYVIITEKCTGCTACAIMCPVK
AISGERGKPHLINQEACIKCGTCYEVCRFNAIEITDAKKEGE
;
B
3 'polypeptide(L)'
;MNIQLEYIYHYEPNPSSLIPLLQKTQETFGYLPKEALEEISRYLKVPLSRVYGVATFYAQFRFEPLGKYVIKICHGTACH
VNGAVNISQAIREEVGIEEGQTTVDGLITLERVACLGCCSLAPVIMINEKVYGKLTPDKVRKIIRNLKEGKLNV
;
C
#
# COMPACT_ATOMS: atom_id res chain seq x y z
N VAL A 10 -7.77 -13.71 32.13
CA VAL A 10 -6.42 -13.14 32.11
C VAL A 10 -6.50 -11.65 32.40
N LYS A 11 -5.60 -11.17 33.26
CA LYS A 11 -5.55 -9.79 33.68
C LYS A 11 -4.42 -9.07 32.96
N ILE A 12 -4.77 -8.07 32.15
CA ILE A 12 -3.80 -7.25 31.46
C ILE A 12 -4.07 -5.79 31.82
N THR A 13 -3.03 -4.98 31.70
CA THR A 13 -3.10 -3.56 32.04
C THR A 13 -2.94 -2.74 30.77
N VAL A 14 -3.98 -2.02 30.39
CA VAL A 14 -3.99 -1.22 29.17
C VAL A 14 -4.03 0.24 29.59
N ASN A 15 -2.92 0.95 29.36
CA ASN A 15 -2.80 2.37 29.67
C ASN A 15 -3.08 2.67 31.15
N GLY A 16 -2.71 1.75 32.03
CA GLY A 16 -2.83 1.94 33.46
C GLY A 16 -4.06 1.31 34.10
N LYS A 17 -5.09 1.01 33.32
CA LYS A 17 -6.30 0.42 33.87
C LYS A 17 -6.24 -1.10 33.85
N GLU A 18 -7.01 -1.72 34.73
CA GLU A 18 -7.03 -3.17 34.85
C GLU A 18 -8.13 -3.76 33.99
N PHE A 19 -7.78 -4.74 33.17
CA PHE A 19 -8.73 -5.31 32.23
C PHE A 19 -8.63 -6.83 32.22
N GLU A 20 -9.77 -7.48 31.97
CA GLU A 20 -9.86 -8.92 31.83
C GLU A 20 -10.21 -9.27 30.39
N ALA A 21 -9.42 -10.13 29.77
CA ALA A 21 -9.57 -10.44 28.37
C ALA A 21 -9.52 -11.94 28.13
N PRO A 22 -10.17 -12.42 27.07
CA PRO A 22 -10.06 -13.85 26.72
C PRO A 22 -8.64 -14.22 26.31
N LYS A 23 -8.22 -15.41 26.70
CA LYS A 23 -6.84 -15.82 26.50
C LYS A 23 -6.55 -16.15 25.04
N ASP A 24 -7.45 -16.90 24.40
CA ASP A 24 -7.19 -17.36 23.04
C ASP A 24 -7.35 -16.24 22.02
N LYS A 25 -8.31 -15.35 22.22
CA LYS A 25 -8.59 -14.31 21.25
C LYS A 25 -7.43 -13.33 21.13
N SER A 26 -7.30 -12.75 19.95
CA SER A 26 -6.22 -11.82 19.70
C SER A 26 -6.40 -10.55 20.54
N LEU A 27 -5.29 -9.90 20.85
CA LEU A 27 -5.33 -8.70 21.66
C LEU A 27 -5.99 -7.55 20.91
N ILE A 28 -5.87 -7.53 19.58
CA ILE A 28 -6.38 -6.41 18.80
C ILE A 28 -7.90 -6.33 18.90
N GLU A 29 -8.57 -7.48 18.98
CA GLU A 29 -10.02 -7.50 19.12
C GLU A 29 -10.45 -6.83 20.42
N PHE A 30 -9.82 -7.22 21.53
CA PHE A 30 -10.16 -6.64 22.82
C PHE A 30 -9.81 -5.15 22.88
N LEU A 31 -8.65 -4.78 22.34
CA LEU A 31 -8.24 -3.38 22.36
C LEU A 31 -9.18 -2.52 21.51
N ARG A 32 -9.57 -3.01 20.34
CA ARG A 32 -10.55 -2.29 19.54
C ARG A 32 -11.91 -2.25 20.22
N GLU A 33 -12.22 -3.23 21.05
CA GLU A 33 -13.42 -3.15 21.88
C GLU A 33 -13.33 -1.99 22.88
N ILE A 34 -12.17 -1.81 23.50
CA ILE A 34 -12.10 -0.78 24.55
C ILE A 34 -11.60 0.57 24.03
N THR A 35 -10.74 0.59 23.02
CA THR A 35 -10.18 1.84 22.52
C THR A 35 -10.10 1.76 20.99
N HIS A 36 -9.34 2.66 20.39
CA HIS A 36 -9.14 2.69 18.95
C HIS A 36 -7.75 2.15 18.61
N VAL A 37 -7.71 1.15 17.74
CA VAL A 37 -6.47 0.60 17.23
C VAL A 37 -6.59 0.53 15.71
N PRO A 38 -5.74 1.23 14.96
CA PRO A 38 -5.77 1.09 13.51
C PRO A 38 -5.21 -0.24 13.05
N GLY A 39 -5.62 -0.65 11.86
CA GLY A 39 -5.11 -1.86 11.25
C GLY A 39 -5.96 -2.37 10.12
N PHE A 40 -5.32 -2.74 9.01
CA PHE A 40 -6.01 -3.13 7.79
C PHE A 40 -6.22 -4.64 7.69
N CYS A 41 -5.21 -5.43 8.01
CA CYS A 41 -5.09 -6.79 7.52
C CYS A 41 -5.68 -7.85 8.46
N TYR A 42 -6.18 -7.50 9.63
CA TYR A 42 -6.66 -8.50 10.57
C TYR A 42 -8.12 -8.84 10.30
N THR A 43 -8.39 -10.11 10.07
CA THR A 43 -9.74 -10.66 10.09
C THR A 43 -9.72 -11.93 10.94
N GLU A 44 -10.71 -12.08 11.81
CA GLU A 44 -10.70 -13.22 12.72
C GLU A 44 -10.91 -14.54 12.00
N ALA A 45 -11.51 -14.52 10.80
CA ALA A 45 -11.69 -15.75 10.03
C ALA A 45 -10.36 -16.31 9.56
N PHE A 46 -9.37 -15.45 9.35
CA PHE A 46 -8.02 -15.89 9.04
C PHE A 46 -7.14 -15.82 10.28
N ASP A 47 -5.96 -16.40 10.19
CA ASP A 47 -4.97 -16.24 11.24
C ASP A 47 -4.43 -14.81 11.21
N PRO A 48 -3.81 -14.36 12.30
CA PRO A 48 -3.20 -13.02 12.27
C PRO A 48 -2.17 -12.87 11.16
N TYR A 49 -2.26 -11.73 10.50
CA TYR A 49 -1.42 -11.36 9.36
C TYR A 49 -0.71 -10.08 9.74
N GLY A 50 0.61 -10.02 9.51
CA GLY A 50 1.38 -8.88 9.93
C GLY A 50 1.80 -7.92 8.83
N SER A 51 0.88 -7.58 7.93
CA SER A 51 1.26 -6.82 6.74
C SER A 51 1.07 -5.32 6.89
N CYS A 52 0.00 -4.86 7.53
CA CYS A 52 -0.24 -3.42 7.58
C CYS A 52 0.66 -2.71 8.57
N ARG A 53 1.02 -3.37 9.67
CA ARG A 53 1.94 -2.85 10.69
C ARG A 53 1.42 -1.56 11.32
N LEU A 54 0.11 -1.51 11.58
CA LEU A 54 -0.52 -0.31 12.13
C LEU A 54 -1.10 -0.50 13.52
N CYS A 55 -1.19 -1.72 14.02
CA CYS A 55 -1.79 -2.01 15.32
C CYS A 55 -0.76 -2.04 16.44
N LEU A 56 0.29 -1.25 16.34
CA LEU A 56 1.42 -1.35 17.25
C LEU A 56 1.03 -0.92 18.66
N VAL A 57 1.52 -1.68 19.64
CA VAL A 57 1.37 -1.33 21.05
C VAL A 57 2.75 -1.40 21.68
N GLN A 58 2.89 -0.71 22.81
CA GLN A 58 4.15 -0.70 23.54
C GLN A 58 4.05 -1.69 24.69
N THR A 59 4.77 -2.79 24.56
CA THR A 59 4.91 -3.82 25.56
C THR A 59 6.21 -3.61 26.33
N PRO A 60 6.38 -4.28 27.48
CA PRO A 60 7.68 -4.20 28.15
C PRO A 60 8.84 -4.69 27.32
N ARG A 61 8.59 -5.63 26.41
CA ARG A 61 9.66 -6.13 25.53
C ARG A 61 10.00 -5.16 24.41
N GLY A 62 9.03 -4.40 23.95
CA GLY A 62 9.25 -3.42 22.90
C GLY A 62 7.96 -3.08 22.19
N ILE A 63 8.09 -2.59 20.97
CA ILE A 63 6.94 -2.20 20.16
C ILE A 63 6.59 -3.38 19.26
N THR A 64 5.35 -3.85 19.38
CA THR A 64 4.91 -5.03 18.66
C THR A 64 3.46 -4.85 18.22
N THR A 65 3.03 -5.70 17.31
CA THR A 65 1.67 -5.63 16.77
C THR A 65 0.72 -6.37 17.68
N SER A 66 -0.43 -5.74 17.96
CA SER A 66 -1.40 -6.30 18.89
C SER A 66 -2.28 -7.36 18.25
N CYS A 67 -2.24 -7.52 16.93
CA CYS A 67 -3.04 -8.57 16.30
C CYS A 67 -2.44 -9.95 16.52
N THR A 68 -1.12 -10.01 16.71
CA THR A 68 -0.44 -11.28 16.96
C THR A 68 -0.35 -11.62 18.44
N LEU A 69 -0.39 -10.63 19.32
CA LEU A 69 -0.27 -10.89 20.74
C LEU A 69 -1.50 -11.61 21.28
N LYS A 70 -1.26 -12.54 22.19
CA LYS A 70 -2.22 -13.22 23.05
C LYS A 70 -2.14 -12.64 24.45
N PRO A 71 -3.28 -12.41 25.10
CA PRO A 71 -3.26 -11.83 26.44
C PRO A 71 -2.55 -12.73 27.44
N MET A 72 -1.53 -12.18 28.08
CA MET A 72 -0.76 -12.86 29.11
C MET A 72 -0.94 -12.15 30.44
N GLU A 73 -0.59 -12.85 31.52
CA GLU A 73 -0.76 -12.30 32.85
C GLU A 73 0.28 -11.21 33.10
N GLY A 74 -0.17 -10.08 33.63
CA GLY A 74 0.74 -9.01 33.99
C GLY A 74 1.28 -8.21 32.83
N LEU A 75 0.72 -8.40 31.64
CA LEU A 75 1.17 -7.65 30.47
C LEU A 75 0.65 -6.22 30.55
N SER A 76 1.55 -5.25 30.36
CA SER A 76 1.20 -3.84 30.33
C SER A 76 1.41 -3.32 28.92
N ILE A 77 0.36 -2.73 28.35
CA ILE A 77 0.40 -2.25 26.97
C ILE A 77 -0.02 -0.79 26.93
N GLU A 78 0.82 0.04 26.33
CA GLU A 78 0.49 1.42 26.01
C GLU A 78 0.06 1.47 24.55
N THR A 79 -1.15 1.96 24.30
CA THR A 79 -1.63 2.02 22.92
C THR A 79 -1.39 3.37 22.26
N LEU A 80 -1.34 4.45 23.04
CA LEU A 80 -1.09 5.79 22.51
C LEU A 80 0.03 6.43 23.32
N SER A 81 1.26 6.22 22.88
CA SER A 81 2.42 6.95 23.35
C SER A 81 2.99 7.75 22.18
N ASP A 82 3.97 8.61 22.48
CA ASP A 82 4.56 9.45 21.45
C ASP A 82 5.22 8.63 20.36
N GLU A 83 5.96 7.59 20.75
CA GLU A 83 6.65 6.76 19.77
C GLU A 83 5.67 5.98 18.92
N ILE A 84 4.60 5.47 19.52
CA ILE A 84 3.60 4.72 18.77
C ILE A 84 2.87 5.62 17.79
N ILE A 85 2.57 6.85 18.20
CA ILE A 85 1.96 7.82 17.28
C ILE A 85 2.91 8.10 16.12
N GLU A 86 4.20 8.30 16.42
CA GLU A 86 5.17 8.57 15.37
C GLU A 86 5.31 7.40 14.42
N MET A 87 5.30 6.17 14.95
CA MET A 87 5.44 4.97 14.12
C MET A 87 4.22 4.79 13.21
N ARG A 88 3.02 4.93 13.76
CA ARG A 88 1.81 4.83 12.95
C ARG A 88 1.76 5.93 11.91
N LYS A 89 2.17 7.14 12.29
CA LYS A 89 2.19 8.27 11.36
C LYS A 89 3.15 8.01 10.21
N THR A 90 4.34 7.51 10.51
CA THR A 90 5.30 7.19 9.47
C THR A 90 4.81 6.07 8.57
N ALA A 91 4.17 5.05 9.16
CA ALA A 91 3.62 3.97 8.34
C ALA A 91 2.54 4.48 7.40
N LEU A 92 1.64 5.34 7.90
CA LEU A 92 0.60 5.92 7.06
C LEU A 92 1.21 6.78 5.95
N GLU A 93 2.24 7.56 6.27
CA GLU A 93 2.88 8.39 5.26
C GLU A 93 3.58 7.54 4.21
N LEU A 94 4.17 6.42 4.63
CA LEU A 94 4.76 5.48 3.68
C LEU A 94 3.71 4.89 2.75
N ILE A 95 2.54 4.53 3.30
CA ILE A 95 1.46 4.00 2.48
C ILE A 95 0.94 5.05 1.51
N LEU A 96 0.80 6.29 1.97
CA LEU A 96 0.30 7.35 1.12
C LEU A 96 1.31 7.72 0.03
N SER A 97 2.59 7.51 0.28
CA SER A 97 3.60 7.77 -0.74
C SER A 97 3.47 6.86 -1.95
N ASP A 98 2.79 5.72 -1.83
CA ASP A 98 2.57 4.83 -2.95
C ASP A 98 1.12 4.79 -3.39
N HIS A 99 0.28 5.68 -2.87
CA HIS A 99 -1.14 5.71 -3.16
C HIS A 99 -1.40 6.65 -4.33
N TYR A 100 -2.31 6.26 -5.23
CA TYR A 100 -2.66 7.09 -6.37
C TYR A 100 -4.18 7.17 -6.44
N GLY A 101 -4.71 8.38 -6.42
CA GLY A 101 -6.13 8.58 -6.53
C GLY A 101 -6.57 9.85 -5.84
N ASP A 102 -7.82 10.22 -6.09
CA ASP A 102 -8.47 11.39 -5.51
C ASP A 102 -9.57 10.92 -4.56
N CYS A 103 -9.50 11.36 -3.30
CA CYS A 103 -10.58 11.08 -2.37
C CYS A 103 -11.85 11.80 -2.77
N ILE A 104 -11.73 13.10 -3.05
CA ILE A 104 -12.83 13.91 -3.56
C ILE A 104 -12.40 14.47 -4.90
N GLY A 105 -13.37 14.91 -5.68
CA GLY A 105 -13.09 15.59 -6.92
C GLY A 105 -12.63 17.00 -6.66
N PRO A 106 -11.82 17.55 -7.57
CA PRO A 106 -11.33 18.93 -7.40
C PRO A 106 -12.42 19.97 -7.37
N CYS A 107 -13.62 19.64 -7.86
CA CYS A 107 -14.77 20.52 -7.74
C CYS A 107 -15.11 20.80 -6.29
N GLN A 108 -15.04 19.77 -5.43
CA GLN A 108 -15.35 19.95 -4.02
C GLN A 108 -14.28 20.77 -3.32
N ASN A 109 -13.02 20.65 -3.74
CA ASN A 109 -11.97 21.46 -3.16
C ASN A 109 -12.00 22.90 -3.65
N GLY A 110 -12.53 23.13 -4.86
CA GLY A 110 -12.65 24.47 -5.36
C GLY A 110 -13.77 25.26 -4.72
N CYS A 111 -14.84 24.60 -4.31
CA CYS A 111 -15.95 25.27 -3.66
C CYS A 111 -15.50 25.76 -2.29
N PRO A 112 -15.68 27.05 -1.98
CA PRO A 112 -15.33 27.53 -0.63
C PRO A 112 -16.11 26.83 0.48
N ALA A 113 -17.33 26.37 0.20
CA ALA A 113 -18.11 25.65 1.18
C ALA A 113 -17.91 24.14 1.11
N HIS A 114 -17.15 23.65 0.13
CA HIS A 114 -16.81 22.24 -0.04
C HIS A 114 -18.06 21.36 -0.13
N SER A 115 -18.84 21.61 -1.17
CA SER A 115 -20.06 20.87 -1.41
C SER A 115 -19.79 19.65 -2.27
N ASP A 116 -20.57 18.59 -2.02
CA ASP A 116 -20.40 17.32 -2.74
C ASP A 116 -20.96 17.49 -4.15
N VAL A 117 -20.16 18.14 -5.00
CA VAL A 117 -20.58 18.44 -6.36
C VAL A 117 -20.82 17.16 -7.15
N GLN A 118 -19.92 16.19 -7.00
CA GLN A 118 -20.05 14.93 -7.73
C GLN A 118 -21.33 14.20 -7.35
N GLY A 119 -21.67 14.18 -6.05
CA GLY A 119 -22.86 13.47 -5.61
C GLY A 119 -24.14 14.08 -6.14
N TYR A 120 -24.28 15.41 -6.05
CA TYR A 120 -25.53 15.98 -6.53
C TYR A 120 -25.58 16.08 -8.04
N LEU A 121 -24.44 16.11 -8.73
CA LEU A 121 -24.47 15.98 -10.18
C LEU A 121 -24.90 14.58 -10.59
N ALA A 122 -24.50 13.55 -9.85
CA ALA A 122 -25.00 12.21 -10.09
C ALA A 122 -26.50 12.12 -9.82
N LEU A 123 -26.96 12.74 -8.74
CA LEU A 123 -28.39 12.74 -8.43
C LEU A 123 -29.20 13.51 -9.47
N ILE A 124 -28.62 14.55 -10.05
CA ILE A 124 -29.27 15.28 -11.14
C ILE A 124 -29.30 14.43 -12.41
N ALA A 125 -28.22 13.69 -12.67
CA ALA A 125 -28.21 12.80 -13.83
C ALA A 125 -29.24 11.68 -13.69
N MET A 126 -29.53 11.25 -12.46
CA MET A 126 -30.60 10.30 -12.26
C MET A 126 -31.98 10.93 -12.40
N GLY A 127 -32.07 12.24 -12.26
CA GLY A 127 -33.34 12.94 -12.27
C GLY A 127 -33.94 13.22 -10.92
N ARG A 128 -33.18 13.02 -9.84
CA ARG A 128 -33.67 13.21 -8.48
C ARG A 128 -33.26 14.61 -8.01
N TYR A 129 -34.05 15.60 -8.41
CA TYR A 129 -33.67 16.99 -8.15
C TYR A 129 -33.89 17.40 -6.70
N HIS A 130 -34.94 16.89 -6.06
CA HIS A 130 -35.15 17.17 -4.64
C HIS A 130 -34.01 16.59 -3.80
N GLU A 131 -33.58 15.37 -4.12
CA GLU A 131 -32.48 14.76 -3.39
C GLU A 131 -31.16 15.46 -3.67
N ALA A 132 -30.97 15.94 -4.90
CA ALA A 132 -29.77 16.72 -5.21
C ALA A 132 -29.74 18.02 -4.43
N VAL A 133 -30.88 18.69 -4.31
CA VAL A 133 -30.93 19.92 -3.51
C VAL A 133 -30.72 19.61 -2.03
N LYS A 134 -31.24 18.46 -1.56
CA LYS A 134 -30.99 18.05 -0.19
C LYS A 134 -29.51 17.85 0.07
N LEU A 135 -28.79 17.26 -0.88
CA LEU A 135 -27.34 17.13 -0.75
C LEU A 135 -26.65 18.49 -0.84
N MET A 136 -27.17 19.41 -1.65
CA MET A 136 -26.61 20.76 -1.72
C MET A 136 -26.72 21.47 -0.39
N LYS A 137 -27.82 21.29 0.32
CA LYS A 137 -28.09 22.03 1.53
C LYS A 137 -27.34 21.50 2.74
N GLU A 138 -26.44 20.53 2.58
CA GLU A 138 -25.56 20.16 3.67
C GLU A 138 -24.37 21.09 3.80
N LYS A 139 -24.09 21.90 2.78
CA LYS A 139 -22.95 22.81 2.81
C LYS A 139 -23.31 24.27 2.58
N TYR A 140 -24.40 24.57 1.89
CA TYR A 140 -24.88 25.94 1.78
C TYR A 140 -26.40 25.97 1.79
N ILE A 141 -26.97 27.16 1.83
CA ILE A 141 -28.40 27.30 2.10
C ILE A 141 -29.18 27.93 0.95
N LEU A 142 -28.55 28.57 -0.02
CA LEU A 142 -29.26 29.28 -1.09
C LEU A 142 -28.80 28.77 -2.45
N PRO A 143 -29.24 27.58 -2.85
CA PRO A 143 -28.75 27.01 -4.11
C PRO A 143 -29.24 27.73 -5.34
N ALA A 144 -30.42 28.35 -5.31
CA ALA A 144 -30.88 29.12 -6.46
C ALA A 144 -30.11 30.42 -6.61
N VAL A 145 -29.90 31.12 -5.50
CA VAL A 145 -29.10 32.34 -5.52
C VAL A 145 -27.68 32.04 -5.97
N LEU A 146 -27.11 30.93 -5.49
CA LEU A 146 -25.77 30.53 -5.89
C LEU A 146 -25.72 30.09 -7.36
N GLY A 147 -26.78 29.43 -7.84
CA GLY A 147 -26.85 29.12 -9.25
C GLY A 147 -26.99 30.33 -10.13
N ARG A 148 -27.42 31.46 -9.56
CA ARG A 148 -27.51 32.68 -10.34
C ARG A 148 -26.26 33.55 -10.26
N VAL A 149 -25.64 33.71 -9.10
CA VAL A 149 -24.64 34.76 -8.91
C VAL A 149 -23.26 34.24 -8.52
N CYS A 150 -23.07 32.95 -8.28
CA CYS A 150 -21.77 32.49 -7.80
C CYS A 150 -20.73 32.58 -8.93
N PRO A 151 -19.49 32.99 -8.60
CA PRO A 151 -18.43 33.02 -9.61
C PRO A 151 -17.94 31.66 -10.05
N ALA A 152 -18.52 30.58 -9.53
CA ALA A 152 -18.23 29.21 -9.95
C ALA A 152 -16.75 28.86 -9.76
N PHE A 153 -16.34 28.86 -8.49
CA PHE A 153 -15.00 28.40 -8.14
C PHE A 153 -14.82 26.92 -8.42
N CYS A 154 -15.91 26.15 -8.35
CA CYS A 154 -15.83 24.72 -8.60
C CYS A 154 -15.53 24.44 -10.08
N GLU A 155 -16.15 25.18 -10.98
CA GLU A 155 -15.92 24.97 -12.40
C GLU A 155 -14.52 25.38 -12.83
N GLU A 156 -13.84 26.21 -12.04
CA GLU A 156 -12.46 26.55 -12.35
C GLU A 156 -11.53 25.38 -12.08
N GLU A 157 -11.82 24.59 -11.05
CA GLU A 157 -10.98 23.49 -10.63
C GLU A 157 -11.33 22.17 -11.29
N CYS A 158 -12.39 22.14 -12.10
CA CYS A 158 -12.92 20.88 -12.61
C CYS A 158 -11.90 20.17 -13.48
N ARG A 159 -11.88 18.84 -13.37
CA ARG A 159 -11.00 18.01 -14.19
C ARG A 159 -11.43 17.96 -15.65
N ARG A 160 -12.65 18.41 -15.95
CA ARG A 160 -13.07 18.56 -17.34
C ARG A 160 -12.40 19.74 -18.03
N ASN A 161 -11.80 20.66 -17.26
CA ASN A 161 -10.98 21.70 -17.87
C ASN A 161 -9.78 21.11 -18.60
N LEU A 162 -9.32 19.94 -18.16
CA LEU A 162 -8.16 19.29 -18.78
C LEU A 162 -8.52 18.47 -20.00
N VAL A 163 -9.81 18.31 -20.33
CA VAL A 163 -10.15 17.55 -21.52
C VAL A 163 -10.81 18.48 -22.54
N GLU A 164 -12.01 18.99 -22.25
CA GLU A 164 -12.60 19.96 -23.18
C GLU A 164 -13.02 21.25 -22.52
N GLU A 165 -13.92 21.16 -21.53
CA GLU A 165 -14.66 22.28 -20.98
C GLU A 165 -15.24 21.85 -19.65
N PRO A 166 -15.24 22.71 -18.64
CA PRO A 166 -15.74 22.31 -17.32
C PRO A 166 -17.24 22.07 -17.34
N LEU A 167 -17.70 21.29 -16.37
CA LEU A 167 -19.12 21.02 -16.26
C LEU A 167 -19.87 22.27 -15.85
N ALA A 168 -21.10 22.40 -16.35
CA ALA A 168 -21.98 23.51 -16.01
C ALA A 168 -22.62 23.27 -14.63
N ILE A 169 -21.75 23.26 -13.62
CA ILE A 169 -22.19 22.93 -12.27
C ILE A 169 -23.16 23.98 -11.75
N ARG A 170 -22.86 25.25 -11.99
CA ARG A 170 -23.72 26.34 -11.51
C ARG A 170 -25.09 26.31 -12.17
N GLN A 171 -25.12 26.04 -13.48
CA GLN A 171 -26.40 26.06 -14.20
C GLN A 171 -27.25 24.83 -13.90
N LEU A 172 -26.61 23.66 -13.73
CA LEU A 172 -27.34 22.48 -13.27
C LEU A 172 -27.87 22.67 -11.86
N LYS A 173 -27.07 23.30 -11.00
CA LYS A 173 -27.55 23.62 -9.65
C LYS A 173 -28.73 24.58 -9.70
N ARG A 174 -28.67 25.58 -10.58
CA ARG A 174 -29.77 26.51 -10.72
C ARG A 174 -31.03 25.79 -11.19
N PHE A 175 -30.90 24.89 -12.15
CA PHE A 175 -32.06 24.15 -12.64
C PHE A 175 -32.68 23.30 -11.54
N ALA A 176 -31.85 22.54 -10.83
CA ALA A 176 -32.36 21.67 -9.77
C ALA A 176 -32.97 22.48 -8.63
N ALA A 177 -32.33 23.58 -8.26
CA ALA A 177 -32.85 24.42 -7.18
C ALA A 177 -34.17 25.07 -7.56
N ASP A 178 -34.30 25.53 -8.80
CA ASP A 178 -35.57 26.10 -9.24
C ASP A 178 -36.66 25.04 -9.35
N TYR A 179 -36.29 23.82 -9.73
CA TYR A 179 -37.27 22.72 -9.72
C TYR A 179 -37.75 22.43 -8.31
N ASP A 180 -36.83 22.44 -7.34
CA ASP A 180 -37.23 22.21 -5.96
C ASP A 180 -38.09 23.36 -5.43
N LEU A 181 -37.76 24.59 -5.78
CA LEU A 181 -38.57 25.72 -5.33
C LEU A 181 -39.97 25.66 -5.94
N GLU A 182 -40.06 25.24 -7.20
CA GLU A 182 -41.35 25.19 -7.89
C GLU A 182 -42.15 23.97 -7.47
N ASN A 183 -41.60 22.78 -7.65
CA ASN A 183 -42.34 21.54 -7.38
C ASN A 183 -42.19 21.11 -5.92
N GLY A 184 -42.43 22.03 -5.00
CA GLY A 184 -42.46 21.72 -3.60
C GLY A 184 -41.08 21.76 -2.99
N PRO A 185 -40.85 22.68 -2.06
CA PRO A 185 -39.50 22.85 -1.52
C PRO A 185 -39.17 21.81 -0.47
N TRP A 186 -37.90 21.43 -0.43
CA TRP A 186 -37.41 20.50 0.57
C TRP A 186 -37.06 21.27 1.84
N MET A 187 -37.65 20.87 2.95
CA MET A 187 -37.38 21.42 4.27
C MET A 187 -36.74 20.36 5.15
N PRO A 188 -35.74 20.71 5.94
CA PRO A 188 -35.01 19.71 6.72
C PRO A 188 -35.78 19.27 7.96
N GLU A 189 -35.19 18.34 8.69
CA GLU A 189 -35.72 17.87 9.96
C GLU A 189 -35.00 18.61 11.09
N ILE A 190 -35.77 19.14 12.02
CA ILE A 190 -35.25 19.91 13.14
C ILE A 190 -35.16 18.98 14.36
N PRO A 191 -33.98 18.78 14.93
CA PRO A 191 -33.86 17.93 16.12
C PRO A 191 -34.53 18.55 17.33
N PRO A 192 -34.73 17.79 18.40
CA PRO A 192 -35.33 18.37 19.61
C PRO A 192 -34.51 19.52 20.15
N SER A 193 -35.20 20.46 20.79
CA SER A 193 -34.59 21.72 21.19
C SER A 193 -33.49 21.50 22.22
N THR A 194 -32.39 22.21 22.04
CA THR A 194 -31.26 22.16 22.95
C THR A 194 -31.37 23.15 24.10
N GLY A 195 -32.40 23.99 24.09
CA GLY A 195 -32.59 24.96 25.15
C GLY A 195 -31.73 26.20 25.03
N LYS A 196 -30.96 26.33 23.96
CA LYS A 196 -30.06 27.47 23.79
C LYS A 196 -30.63 28.44 22.75
N ARG A 197 -30.30 29.72 22.93
CA ARG A 197 -30.70 30.78 22.02
C ARG A 197 -29.46 31.47 21.47
N ILE A 198 -29.48 31.77 20.18
CA ILE A 198 -28.37 32.43 19.50
C ILE A 198 -28.87 33.73 18.87
N ALA A 199 -28.18 34.82 19.14
CA ALA A 199 -28.46 36.08 18.48
C ALA A 199 -27.59 36.17 17.22
N VAL A 200 -28.24 36.41 16.08
CA VAL A 200 -27.53 36.61 14.82
C VAL A 200 -27.83 38.02 14.36
N VAL A 201 -26.78 38.79 14.08
CA VAL A 201 -26.90 40.17 13.66
C VAL A 201 -26.48 40.24 12.20
N GLY A 202 -27.44 40.57 11.34
CA GLY A 202 -27.17 40.60 9.92
C GLY A 202 -28.03 39.63 9.14
N GLY A 203 -28.91 40.17 8.30
CA GLY A 203 -29.79 39.36 7.48
C GLY A 203 -29.21 38.94 6.15
N GLY A 204 -27.91 39.09 5.96
CA GLY A 204 -27.27 38.66 4.73
C GLY A 204 -27.04 37.17 4.72
N PRO A 205 -26.39 36.69 3.66
CA PRO A 205 -26.17 35.25 3.51
C PRO A 205 -25.40 34.61 4.65
N ALA A 206 -24.44 35.31 5.27
CA ALA A 206 -23.70 34.71 6.36
C ALA A 206 -24.59 34.52 7.59
N GLY A 207 -25.38 35.54 7.94
CA GLY A 207 -26.31 35.39 9.03
C GLY A 207 -27.35 34.33 8.77
N LEU A 208 -27.83 34.25 7.52
CA LEU A 208 -28.79 33.22 7.15
C LEU A 208 -28.19 31.82 7.27
N ALA A 209 -26.94 31.66 6.85
CA ALA A 209 -26.26 30.37 6.96
C ALA A 209 -26.05 29.97 8.41
N CYS A 210 -25.59 30.92 9.24
CA CYS A 210 -25.40 30.63 10.65
C CYS A 210 -26.72 30.25 11.31
N ALA A 211 -27.78 31.00 11.01
CA ALA A 211 -29.09 30.70 11.57
C ALA A 211 -29.60 29.33 11.10
N TYR A 212 -29.45 29.04 9.81
CA TYR A 212 -29.96 27.78 9.28
C TYR A 212 -29.25 26.58 9.89
N TYR A 213 -27.93 26.65 9.98
CA TYR A 213 -27.19 25.51 10.51
C TYR A 213 -27.23 25.43 12.03
N LEU A 214 -27.55 26.52 12.73
CA LEU A 214 -27.81 26.41 14.16
C LEU A 214 -29.23 25.95 14.44
N ARG A 215 -30.16 26.20 13.52
CA ARG A 215 -31.51 25.68 13.66
C ARG A 215 -31.56 24.19 13.36
N THR A 216 -30.75 23.73 12.40
CA THR A 216 -30.70 22.30 12.10
C THR A 216 -30.00 21.50 13.20
N MET A 217 -29.38 22.16 14.17
CA MET A 217 -28.83 21.48 15.32
C MET A 217 -29.75 21.48 16.54
N GLY A 218 -30.71 22.42 16.59
CA GLY A 218 -31.69 22.43 17.66
C GLY A 218 -31.87 23.77 18.34
N HIS A 219 -30.86 24.62 18.28
CA HIS A 219 -30.89 25.89 18.99
C HIS A 219 -31.92 26.84 18.36
N ASP A 220 -32.59 27.61 19.21
CA ASP A 220 -33.55 28.60 18.75
C ASP A 220 -32.82 29.87 18.35
N VAL A 221 -33.03 30.32 17.11
CA VAL A 221 -32.24 31.38 16.52
C VAL A 221 -33.11 32.62 16.35
N THR A 222 -32.54 33.77 16.70
CA THR A 222 -33.14 35.06 16.43
C THR A 222 -32.20 35.85 15.52
N ILE A 223 -32.73 36.34 14.42
CA ILE A 223 -31.98 37.17 13.48
C ILE A 223 -32.37 38.62 13.70
N PHE A 224 -31.38 39.47 13.90
CA PHE A 224 -31.56 40.92 13.96
C PHE A 224 -31.02 41.52 12.67
N ASP A 225 -31.82 42.36 12.02
CA ASP A 225 -31.44 42.99 10.77
C ASP A 225 -31.89 44.44 10.77
N ALA A 226 -31.02 45.33 10.29
CA ALA A 226 -31.37 46.74 10.22
C ALA A 226 -32.35 47.05 9.10
N MET A 227 -32.13 46.46 7.93
CA MET A 227 -33.00 46.70 6.78
C MET A 227 -34.37 46.07 7.02
N PRO A 228 -35.42 46.58 6.38
CA PRO A 228 -36.76 46.01 6.58
C PRO A 228 -36.91 44.58 6.09
N HIS A 229 -36.04 44.11 5.19
CA HIS A 229 -36.13 42.76 4.66
C HIS A 229 -34.80 42.04 4.82
N LEU A 230 -34.87 40.71 4.84
CA LEU A 230 -33.69 39.88 4.88
C LEU A 230 -33.12 39.68 3.49
N GLY A 231 -31.80 39.54 3.42
CA GLY A 231 -31.14 39.36 2.14
C GLY A 231 -29.83 40.11 2.05
N GLY A 232 -29.73 41.24 2.75
CA GLY A 232 -28.48 41.98 2.75
C GLY A 232 -28.17 42.58 1.39
N MET A 233 -26.95 42.37 0.92
CA MET A 233 -26.56 42.84 -0.39
C MET A 233 -27.10 41.97 -1.52
N MET A 234 -27.69 40.82 -1.19
CA MET A 234 -28.42 40.07 -2.21
C MET A 234 -29.70 40.80 -2.60
N ARG A 235 -30.31 41.50 -1.66
CA ARG A 235 -31.54 42.24 -1.93
C ARG A 235 -31.30 43.72 -2.22
N TYR A 236 -30.28 44.33 -1.63
CA TYR A 236 -30.06 45.76 -1.79
C TYR A 236 -28.80 46.11 -2.56
N GLY A 237 -27.93 45.16 -2.85
CA GLY A 237 -26.75 45.47 -3.63
C GLY A 237 -26.68 44.75 -4.96
N ILE A 238 -27.14 43.50 -5.00
CA ILE A 238 -27.13 42.75 -6.25
C ILE A 238 -28.36 43.15 -7.06
N PRO A 239 -28.19 43.59 -8.30
CA PRO A 239 -29.31 44.15 -9.06
C PRO A 239 -30.26 43.06 -9.51
N PRO A 240 -31.49 43.42 -9.90
CA PRO A 240 -32.48 42.40 -10.26
C PRO A 240 -32.35 41.81 -11.65
N TYR A 241 -31.43 42.28 -12.50
CA TYR A 241 -31.22 41.59 -13.77
C TYR A 241 -30.28 40.40 -13.64
N ARG A 242 -29.61 40.24 -12.50
CA ARG A 242 -28.87 39.03 -12.18
C ARG A 242 -29.59 38.14 -11.18
N LEU A 243 -30.20 38.74 -10.17
CA LEU A 243 -30.91 38.01 -9.12
C LEU A 243 -32.30 38.61 -8.98
N PRO A 244 -33.30 38.03 -9.64
CA PRO A 244 -34.68 38.47 -9.41
C PRO A 244 -35.09 38.26 -7.96
N LYS A 245 -35.88 39.19 -7.45
CA LYS A 245 -36.17 39.19 -6.02
C LYS A 245 -37.26 38.21 -5.63
N ASP A 246 -38.03 37.68 -6.59
CA ASP A 246 -38.96 36.60 -6.27
C ASP A 246 -38.21 35.31 -5.95
N VAL A 247 -37.14 35.04 -6.70
CA VAL A 247 -36.29 33.89 -6.39
C VAL A 247 -35.66 34.04 -5.02
N LEU A 248 -35.19 35.26 -4.73
CA LEU A 248 -34.59 35.51 -3.41
C LEU A 248 -35.62 35.35 -2.31
N ASP A 249 -36.84 35.83 -2.53
CA ASP A 249 -37.89 35.67 -1.53
C ASP A 249 -38.19 34.20 -1.29
N LYS A 250 -38.28 33.40 -2.35
CA LYS A 250 -38.53 31.97 -2.19
C LYS A 250 -37.39 31.27 -1.42
N ASP A 251 -36.14 31.60 -1.77
CA ASP A 251 -35.00 30.97 -1.09
C ASP A 251 -34.94 31.36 0.38
N ILE A 252 -35.11 32.65 0.68
CA ILE A 252 -35.08 33.09 2.06
C ILE A 252 -36.27 32.54 2.82
N ALA A 253 -37.42 32.37 2.15
CA ALA A 253 -38.54 31.72 2.80
C ALA A 253 -38.21 30.28 3.18
N THR A 254 -37.52 29.56 2.30
CA THR A 254 -37.11 28.20 2.65
C THR A 254 -36.17 28.20 3.85
N VAL A 255 -35.29 29.19 3.95
CA VAL A 255 -34.41 29.26 5.12
C VAL A 255 -35.20 29.61 6.38
N ILE A 256 -36.11 30.59 6.29
CA ILE A 256 -36.78 31.13 7.47
C ILE A 256 -37.92 30.25 7.97
N ASN A 257 -38.52 29.43 7.10
CA ASN A 257 -39.59 28.55 7.52
C ASN A 257 -39.14 27.45 8.47
N THR A 258 -37.83 27.25 8.64
CA THR A 258 -37.35 26.24 9.57
C THR A 258 -37.63 26.59 11.02
N GLY A 259 -37.97 27.85 11.32
CA GLY A 259 -38.27 28.24 12.68
C GLY A 259 -37.37 29.35 13.21
N ILE A 260 -36.91 30.21 12.32
CA ILE A 260 -36.01 31.30 12.69
C ILE A 260 -36.83 32.53 13.03
N GLU A 261 -36.57 33.12 14.19
CA GLU A 261 -37.28 34.31 14.63
C GLU A 261 -36.63 35.53 14.02
N VAL A 262 -37.38 36.25 13.19
CA VAL A 262 -36.85 37.36 12.43
C VAL A 262 -37.24 38.66 13.12
N LYS A 263 -36.24 39.50 13.36
CA LYS A 263 -36.47 40.86 13.85
C LYS A 263 -35.78 41.80 12.87
N THR A 264 -36.53 42.23 11.85
CA THR A 264 -36.06 43.25 10.93
C THR A 264 -36.46 44.63 11.43
N ASN A 265 -35.76 45.65 10.91
CA ASN A 265 -35.80 47.00 11.46
C ASN A 265 -35.43 47.01 12.94
N THR A 266 -34.42 46.23 13.28
CA THR A 266 -33.80 46.24 14.61
C THR A 266 -32.30 46.30 14.40
N ALA A 267 -31.69 47.44 14.72
CA ALA A 267 -30.28 47.66 14.46
C ALA A 267 -29.46 47.46 15.72
N LEU A 268 -28.16 47.23 15.51
CA LEU A 268 -27.20 47.09 16.59
C LEU A 268 -26.47 48.42 16.78
N GLY A 269 -26.44 48.89 18.02
CA GLY A 269 -25.91 50.20 18.34
C GLY A 269 -26.96 51.28 18.45
N LYS A 270 -28.15 51.03 17.92
CA LYS A 270 -29.26 51.96 18.04
C LYS A 270 -30.40 51.38 18.89
N ASP A 271 -30.89 50.21 18.54
CA ASP A 271 -31.99 49.61 19.29
C ASP A 271 -31.50 48.72 20.43
N ILE A 272 -30.58 47.80 20.14
CA ILE A 272 -30.06 46.87 21.12
C ILE A 272 -28.55 46.96 21.13
N ALA A 273 -27.96 46.98 22.31
CA ALA A 273 -26.52 47.01 22.46
C ALA A 273 -25.96 45.59 22.55
N LEU A 274 -24.66 45.46 22.25
CA LEU A 274 -24.03 44.14 22.24
C LEU A 274 -23.96 43.53 23.64
N GLU A 275 -23.78 44.35 24.67
CA GLU A 275 -23.74 43.82 26.03
C GLU A 275 -25.09 43.22 26.43
N GLU A 276 -26.18 43.91 26.09
CA GLU A 276 -27.51 43.34 26.32
C GLU A 276 -27.71 42.06 25.51
N LEU A 277 -27.22 42.05 24.27
CA LEU A 277 -27.34 40.85 23.44
C LEU A 277 -26.62 39.66 24.07
N ARG A 278 -25.42 39.90 24.60
CA ARG A 278 -24.69 38.85 25.29
C ARG A 278 -25.42 38.38 26.54
N GLU A 279 -26.01 39.32 27.28
CA GLU A 279 -26.69 38.94 28.51
C GLU A 279 -27.99 38.19 28.26
N GLN A 280 -28.65 38.43 27.12
CA GLN A 280 -29.91 37.76 26.84
C GLN A 280 -29.73 36.48 26.04
N TYR A 281 -28.67 36.36 25.27
CA TYR A 281 -28.50 35.26 24.34
C TYR A 281 -27.22 34.49 24.66
N ASP A 282 -27.21 33.21 24.31
CA ASP A 282 -26.09 32.35 24.69
C ASP A 282 -24.85 32.64 23.84
N ALA A 283 -25.04 32.88 22.54
CA ALA A 283 -23.94 33.30 21.68
C ALA A 283 -24.47 34.26 20.64
N VAL A 284 -23.59 35.16 20.18
CA VAL A 284 -23.96 36.19 19.22
C VAL A 284 -23.03 36.09 18.02
N PHE A 285 -23.60 36.08 16.83
CA PHE A 285 -22.86 36.11 15.58
C PHE A 285 -23.02 37.49 14.95
N LEU A 286 -21.90 38.13 14.64
CA LEU A 286 -21.88 39.45 14.02
C LEU A 286 -21.61 39.27 12.53
N GLY A 287 -22.66 39.41 11.73
CA GLY A 287 -22.52 39.37 10.29
C GLY A 287 -23.09 40.63 9.68
N VAL A 288 -22.83 41.77 10.31
CA VAL A 288 -23.38 43.05 9.88
C VAL A 288 -22.92 43.45 8.49
N GLY A 289 -21.85 42.85 7.98
CA GLY A 289 -21.41 43.14 6.63
C GLY A 289 -20.71 44.47 6.53
N ALA A 290 -20.05 44.71 5.40
CA ALA A 290 -19.34 45.96 5.16
C ALA A 290 -20.27 46.89 4.39
N TRP A 291 -20.94 47.79 5.10
CA TRP A 291 -21.93 48.67 4.49
C TRP A 291 -21.47 50.12 4.40
N LYS A 292 -20.18 50.37 4.57
CA LYS A 292 -19.59 51.67 4.29
C LYS A 292 -18.71 51.55 3.05
N SER A 293 -18.66 52.62 2.28
CA SER A 293 -17.84 52.67 1.07
C SER A 293 -16.56 53.44 1.33
N ARG A 294 -15.46 52.94 0.77
CA ARG A 294 -14.17 53.58 0.98
C ARG A 294 -14.07 54.87 0.17
N LYS A 295 -13.64 55.93 0.82
CA LYS A 295 -13.32 57.17 0.15
C LYS A 295 -11.99 57.03 -0.58
N MET A 296 -11.82 57.85 -1.62
CA MET A 296 -10.58 57.84 -2.37
C MET A 296 -9.55 58.80 -1.80
N GLY A 297 -9.98 59.82 -1.08
CA GLY A 297 -9.08 60.73 -0.44
C GLY A 297 -8.56 61.87 -1.31
N ILE A 298 -8.76 61.79 -2.62
CA ILE A 298 -8.28 62.85 -3.49
C ILE A 298 -9.17 64.08 -3.35
N GLU A 299 -8.57 65.25 -3.55
CA GLU A 299 -9.28 66.50 -3.38
C GLU A 299 -10.40 66.63 -4.40
N GLY A 300 -11.46 67.34 -4.01
CA GLY A 300 -12.62 67.48 -4.84
C GLY A 300 -13.61 66.34 -4.72
N GLU A 301 -13.40 65.41 -3.79
CA GLU A 301 -14.32 64.31 -3.60
C GLU A 301 -15.67 64.77 -3.05
N ASP A 302 -15.74 65.96 -2.47
CA ASP A 302 -16.99 66.46 -1.92
C ASP A 302 -17.91 67.07 -2.96
N LEU A 303 -17.46 67.18 -4.20
CA LEU A 303 -18.26 67.83 -5.25
C LEU A 303 -19.55 67.05 -5.50
N ASP A 304 -20.60 67.78 -5.86
CA ASP A 304 -21.85 67.15 -6.23
C ASP A 304 -21.67 66.30 -7.49
N GLY A 305 -22.17 65.08 -7.45
CA GLY A 305 -21.91 64.11 -8.48
C GLY A 305 -20.94 63.02 -8.08
N VAL A 306 -20.51 62.99 -6.83
CA VAL A 306 -19.69 61.89 -6.32
C VAL A 306 -20.61 61.02 -5.49
N ILE A 307 -21.15 60.00 -6.14
CA ILE A 307 -22.00 59.01 -5.47
C ILE A 307 -21.13 57.82 -5.13
N HIS A 308 -21.53 57.09 -4.10
CA HIS A 308 -20.88 55.83 -3.78
C HIS A 308 -21.70 54.70 -4.36
N GLY A 309 -21.00 53.66 -4.82
CA GLY A 309 -21.67 52.61 -5.58
C GLY A 309 -22.72 51.87 -4.79
N THR A 310 -22.44 51.57 -3.53
CA THR A 310 -23.40 50.82 -2.72
C THR A 310 -24.65 51.64 -2.44
N GLU A 311 -24.48 52.93 -2.15
CA GLU A 311 -25.64 53.79 -1.92
C GLU A 311 -26.48 53.93 -3.19
N PHE A 312 -25.81 54.10 -4.34
CA PHE A 312 -26.52 54.20 -5.61
C PHE A 312 -27.30 52.93 -5.92
N LEU A 313 -26.66 51.77 -5.72
CA LEU A 313 -27.35 50.51 -6.03
C LEU A 313 -28.45 50.21 -5.02
N ARG A 314 -28.29 50.66 -3.77
CA ARG A 314 -29.36 50.53 -2.80
C ARG A 314 -30.55 51.40 -3.18
N LYS A 315 -30.29 52.61 -3.67
CA LYS A 315 -31.38 53.47 -4.14
C LYS A 315 -32.07 52.86 -5.36
N VAL A 316 -31.32 52.28 -6.27
CA VAL A 316 -31.93 51.69 -7.47
C VAL A 316 -32.73 50.44 -7.11
N ASN A 317 -32.20 49.61 -6.20
CA ASN A 317 -32.92 48.41 -5.78
C ASN A 317 -34.16 48.76 -4.96
N MET A 318 -34.11 49.83 -4.17
CA MET A 318 -35.26 50.24 -3.37
C MET A 318 -36.27 51.05 -4.17
N GLY A 319 -35.95 51.42 -5.41
CA GLY A 319 -36.86 52.24 -6.20
C GLY A 319 -36.79 53.71 -5.90
N GLU A 320 -35.80 54.16 -5.14
CA GLU A 320 -35.66 55.57 -4.81
C GLU A 320 -35.24 56.36 -6.04
N LYS A 321 -35.61 57.64 -6.06
CA LYS A 321 -35.30 58.51 -7.19
C LYS A 321 -33.80 58.70 -7.33
N VAL A 322 -33.26 58.30 -8.48
CA VAL A 322 -31.83 58.36 -8.75
C VAL A 322 -31.59 59.33 -9.88
N GLU A 323 -30.77 60.35 -9.63
CA GLU A 323 -30.39 61.32 -10.64
C GLU A 323 -29.04 60.91 -11.22
N LEU A 324 -29.00 60.74 -12.53
CA LEU A 324 -27.78 60.30 -13.19
C LEU A 324 -27.60 61.09 -14.48
N GLY A 325 -26.36 61.51 -14.73
CA GLY A 325 -26.05 62.25 -15.93
C GLY A 325 -25.85 61.34 -17.13
N LYS A 326 -25.50 61.96 -18.25
CA LYS A 326 -25.27 61.21 -19.48
C LYS A 326 -23.93 60.50 -19.48
N ARG A 327 -22.90 61.08 -18.87
CA ARG A 327 -21.57 60.46 -18.80
C ARG A 327 -21.25 60.14 -17.35
N VAL A 328 -20.95 58.87 -17.08
CA VAL A 328 -20.72 58.38 -15.74
C VAL A 328 -19.41 57.61 -15.72
N ILE A 329 -18.58 57.89 -14.73
CA ILE A 329 -17.32 57.17 -14.55
C ILE A 329 -17.40 56.40 -13.23
N VAL A 330 -17.11 55.12 -13.28
CA VAL A 330 -17.15 54.24 -12.12
C VAL A 330 -15.73 53.80 -11.80
N VAL A 331 -15.33 53.96 -10.55
CA VAL A 331 -13.98 53.63 -10.10
C VAL A 331 -14.06 52.36 -9.28
N GLY A 332 -13.26 51.37 -9.65
CA GLY A 332 -13.27 50.07 -9.01
C GLY A 332 -13.31 48.95 -10.04
N GLY A 333 -13.10 47.74 -9.53
CA GLY A 333 -13.07 46.58 -10.40
C GLY A 333 -13.71 45.35 -9.80
N GLY A 334 -14.46 45.53 -8.71
CA GLY A 334 -15.12 44.41 -8.07
C GLY A 334 -16.45 44.09 -8.73
N ASN A 335 -17.23 43.26 -8.03
CA ASN A 335 -18.59 43.02 -8.44
C ASN A 335 -19.46 44.26 -8.24
N THR A 336 -19.13 45.08 -7.22
CA THR A 336 -19.86 46.31 -7.00
C THR A 336 -19.75 47.25 -8.19
N ALA A 337 -18.53 47.40 -8.71
CA ALA A 337 -18.32 48.27 -9.85
C ALA A 337 -19.06 47.77 -11.08
N MET A 338 -19.06 46.45 -11.30
CA MET A 338 -19.72 45.91 -12.48
C MET A 338 -21.23 46.09 -12.40
N ASP A 339 -21.81 45.86 -11.22
CA ASP A 339 -23.24 46.05 -11.08
C ASP A 339 -23.61 47.52 -11.18
N VAL A 340 -22.77 48.41 -10.66
CA VAL A 340 -23.00 49.84 -10.85
C VAL A 340 -22.95 50.21 -12.33
N ALA A 341 -21.96 49.68 -13.06
CA ALA A 341 -21.81 50.01 -14.46
C ALA A 341 -23.01 49.54 -15.29
N ARG A 342 -23.45 48.31 -15.06
CA ARG A 342 -24.55 47.79 -15.86
C ARG A 342 -25.89 48.40 -15.45
N THR A 343 -26.08 48.70 -14.15
CA THR A 343 -27.29 49.39 -13.71
C THR A 343 -27.35 50.80 -14.28
N ALA A 344 -26.22 51.51 -14.31
CA ALA A 344 -26.17 52.84 -14.88
C ALA A 344 -26.36 52.81 -16.40
N LEU A 345 -25.88 51.76 -17.06
CA LEU A 345 -26.17 51.59 -18.48
C LEU A 345 -27.66 51.40 -18.72
N ARG A 346 -28.31 50.61 -17.86
CA ARG A 346 -29.74 50.38 -18.02
C ARG A 346 -30.58 51.59 -17.64
N LEU A 347 -30.01 52.56 -16.91
CA LEU A 347 -30.72 53.79 -16.62
C LEU A 347 -30.54 54.85 -17.70
N GLY A 348 -29.49 54.76 -18.51
CA GLY A 348 -29.38 55.64 -19.66
C GLY A 348 -28.07 56.39 -19.81
N ALA A 349 -27.02 55.96 -19.11
CA ALA A 349 -25.77 56.68 -19.07
C ALA A 349 -24.67 55.95 -19.85
N ASP A 350 -23.75 56.72 -20.40
CA ASP A 350 -22.57 56.18 -21.09
C ASP A 350 -21.50 55.93 -20.03
N VAL A 351 -21.26 54.66 -19.71
CA VAL A 351 -20.56 54.28 -18.50
C VAL A 351 -19.14 53.87 -18.84
N THR A 352 -18.19 54.40 -18.09
CA THR A 352 -16.79 54.02 -18.18
C THR A 352 -16.34 53.54 -16.80
N VAL A 353 -15.65 52.40 -16.77
CA VAL A 353 -15.14 51.83 -15.53
C VAL A 353 -13.62 51.97 -15.54
N VAL A 354 -13.08 52.53 -14.47
CA VAL A 354 -11.65 52.77 -14.32
C VAL A 354 -11.14 51.89 -13.20
N TYR A 355 -10.12 51.09 -13.49
CA TYR A 355 -9.55 50.16 -12.51
C TYR A 355 -8.05 50.39 -12.44
N ARG A 356 -7.51 50.29 -11.23
CA ARG A 356 -6.09 50.56 -11.03
C ARG A 356 -5.19 49.39 -11.40
N ARG A 357 -5.75 48.23 -11.73
CA ARG A 357 -4.98 47.06 -12.10
C ARG A 357 -5.38 46.61 -13.50
N SER A 358 -4.83 45.47 -13.93
CA SER A 358 -5.11 44.94 -15.26
C SER A 358 -6.44 44.17 -15.25
N LYS A 359 -6.84 43.69 -16.43
CA LYS A 359 -8.11 42.98 -16.54
C LYS A 359 -8.04 41.60 -15.91
N SER A 360 -6.89 40.93 -15.98
CA SER A 360 -6.78 39.58 -15.44
C SER A 360 -6.95 39.57 -13.93
N GLU A 361 -6.43 40.58 -13.24
CA GLU A 361 -6.53 40.68 -11.79
C GLU A 361 -7.82 41.35 -11.34
N MET A 362 -8.82 41.40 -12.20
CA MET A 362 -10.09 42.02 -11.83
C MET A 362 -10.84 41.07 -10.89
N PRO A 363 -11.20 41.50 -9.69
CA PRO A 363 -11.90 40.60 -8.76
C PRO A 363 -13.32 40.28 -9.19
N ALA A 364 -13.84 40.94 -10.22
CA ALA A 364 -15.23 40.77 -10.61
C ALA A 364 -15.47 39.40 -11.21
N ASN A 365 -16.73 38.98 -11.17
CA ASN A 365 -17.18 37.80 -11.89
C ASN A 365 -16.93 37.99 -13.37
N SER A 366 -16.15 37.08 -13.97
CA SER A 366 -15.68 37.28 -15.34
C SER A 366 -16.81 37.22 -16.35
N ARG A 367 -17.82 36.40 -16.08
CA ARG A 367 -18.99 36.34 -16.96
C ARG A 367 -19.71 37.68 -16.96
N GLU A 368 -19.80 38.34 -15.81
CA GLU A 368 -20.42 39.66 -15.76
C GLU A 368 -19.60 40.70 -16.52
N VAL A 369 -18.28 40.60 -16.46
CA VAL A 369 -17.42 41.53 -17.19
C VAL A 369 -17.62 41.36 -18.69
N GLU A 370 -17.66 40.12 -19.16
CA GLU A 370 -17.88 39.88 -20.60
C GLU A 370 -19.28 40.35 -21.02
N GLU A 371 -20.29 40.10 -20.18
CA GLU A 371 -21.63 40.59 -20.47
C GLU A 371 -21.66 42.11 -20.56
N ALA A 372 -20.96 42.78 -19.64
CA ALA A 372 -20.92 44.24 -19.66
C ALA A 372 -20.20 44.77 -20.90
N GLU A 373 -19.14 44.08 -21.34
CA GLU A 373 -18.46 44.49 -22.56
C GLU A 373 -19.38 44.35 -23.78
N GLU A 374 -20.23 43.31 -23.78
CA GLU A 374 -21.22 43.19 -24.85
C GLU A 374 -22.22 44.34 -24.82
N GLU A 375 -22.67 44.74 -23.63
CA GLU A 375 -23.74 45.72 -23.50
C GLU A 375 -23.29 47.14 -23.80
N GLY A 376 -22.00 47.39 -23.92
CA GLY A 376 -21.50 48.71 -24.25
C GLY A 376 -20.78 49.45 -23.14
N VAL A 377 -20.43 48.78 -22.06
CA VAL A 377 -19.64 49.39 -21.00
C VAL A 377 -18.19 49.49 -21.47
N LYS A 378 -17.61 50.67 -21.35
CA LYS A 378 -16.23 50.90 -21.77
C LYS A 378 -15.31 50.78 -20.56
N PHE A 379 -14.23 50.04 -20.72
CA PHE A 379 -13.27 49.80 -19.66
C PHE A 379 -11.95 50.49 -20.01
N MET A 380 -11.28 51.00 -18.99
CA MET A 380 -9.90 51.46 -19.12
C MET A 380 -9.16 50.98 -17.89
N PHE A 381 -8.36 49.93 -18.06
CA PHE A 381 -7.61 49.34 -16.97
C PHE A 381 -6.27 50.06 -16.80
N LEU A 382 -5.67 49.85 -15.63
CA LEU A 382 -4.41 50.50 -15.26
C LEU A 382 -4.55 52.02 -15.28
N THR A 383 -5.62 52.52 -14.68
CA THR A 383 -5.86 53.95 -14.58
C THR A 383 -6.40 54.26 -13.19
N ASN A 384 -6.10 55.47 -12.71
CA ASN A 384 -6.41 55.86 -11.35
C ASN A 384 -6.75 57.34 -11.29
N PRO A 385 -7.89 57.71 -10.70
CA PRO A 385 -8.23 59.14 -10.61
C PRO A 385 -7.41 59.87 -9.57
N VAL A 386 -7.01 61.08 -9.92
CA VAL A 386 -6.12 61.88 -9.08
C VAL A 386 -6.85 63.13 -8.60
N LYS A 387 -7.77 63.64 -9.41
CA LYS A 387 -8.44 64.89 -9.05
C LYS A 387 -9.79 64.96 -9.74
N ILE A 388 -10.73 65.61 -9.08
CA ILE A 388 -12.05 65.87 -9.62
C ILE A 388 -12.21 67.39 -9.73
N ILE A 389 -12.49 67.87 -10.93
CA ILE A 389 -12.43 69.29 -11.24
C ILE A 389 -13.84 69.81 -11.51
N GLY A 390 -14.19 70.93 -10.86
CA GLY A 390 -15.47 71.56 -11.06
C GLY A 390 -15.72 72.68 -10.08
N LYS A 391 -16.69 73.54 -10.39
CA LYS A 391 -17.02 74.63 -9.47
C LYS A 391 -17.84 74.12 -8.29
N GLU A 392 -19.03 73.59 -8.58
CA GLU A 392 -19.86 72.95 -7.57
C GLU A 392 -20.23 71.52 -7.92
N LYS A 393 -20.40 71.22 -9.20
CA LYS A 393 -20.71 69.88 -9.67
C LYS A 393 -19.52 69.34 -10.46
N VAL A 394 -19.52 68.01 -10.65
CA VAL A 394 -18.43 67.36 -11.35
C VAL A 394 -18.52 67.68 -12.83
N GLU A 395 -17.43 68.17 -13.38
CA GLU A 395 -17.34 68.40 -14.82
C GLU A 395 -16.28 67.55 -15.48
N GLU A 396 -15.15 67.32 -14.83
CA GLU A 396 -14.11 66.49 -15.40
C GLU A 396 -13.31 65.84 -14.28
N VAL A 397 -12.67 64.72 -14.62
CA VAL A 397 -11.90 63.92 -13.69
C VAL A 397 -10.51 63.73 -14.27
N GLU A 398 -9.49 63.92 -13.43
CA GLU A 398 -8.09 63.78 -13.83
C GLU A 398 -7.62 62.36 -13.53
N LEU A 399 -7.14 61.67 -14.55
CA LEU A 399 -6.74 60.27 -14.46
C LEU A 399 -5.27 60.12 -14.79
N ILE A 400 -4.60 59.20 -14.09
CA ILE A 400 -3.20 58.92 -14.32
C ILE A 400 -3.07 57.46 -14.73
N LYS A 401 -2.24 57.21 -15.74
CA LYS A 401 -1.99 55.86 -16.21
C LYS A 401 -1.00 55.17 -15.28
N MET A 402 -1.23 53.89 -15.02
CA MET A 402 -0.44 53.16 -14.05
C MET A 402 0.29 51.99 -14.71
N LYS A 403 1.39 51.58 -14.07
CA LYS A 403 2.13 50.40 -14.49
C LYS A 403 2.37 49.52 -13.27
N LEU A 404 2.56 48.23 -13.53
CA LEU A 404 2.82 47.28 -12.45
C LEU A 404 4.18 47.54 -11.83
N GLY A 405 4.24 47.48 -10.50
CA GLY A 405 5.47 47.77 -9.78
C GLY A 405 6.34 46.55 -9.59
N GLU A 406 7.21 46.62 -8.59
CA GLU A 406 8.11 45.52 -8.27
C GLU A 406 7.35 44.37 -7.63
N PRO A 407 7.81 43.13 -7.82
CA PRO A 407 7.11 41.99 -7.21
C PRO A 407 7.13 41.96 -5.70
N ASP A 408 7.98 42.80 -5.07
CA ASP A 408 8.18 42.87 -3.62
C ASP A 408 8.23 41.50 -2.97
N ALA A 409 7.56 41.33 -1.84
CA ALA A 409 7.52 40.04 -1.17
C ALA A 409 6.44 39.15 -1.76
N SER A 410 6.49 38.96 -3.09
CA SER A 410 5.51 38.15 -3.83
C SER A 410 4.08 38.63 -3.56
N GLY A 411 3.90 39.95 -3.52
CA GLY A 411 2.60 40.52 -3.25
C GLY A 411 1.83 40.85 -4.51
N ARG A 412 2.15 40.16 -5.61
CA ARG A 412 1.54 40.38 -6.91
C ARG A 412 1.71 41.82 -7.38
N ARG A 413 2.81 42.45 -6.97
CA ARG A 413 3.15 43.84 -7.29
C ARG A 413 2.11 44.82 -6.77
N ARG A 414 2.41 46.10 -6.91
CA ARG A 414 1.46 47.17 -6.64
C ARG A 414 1.50 48.15 -7.80
N PRO A 415 0.35 48.70 -8.19
CA PRO A 415 0.33 49.68 -9.28
C PRO A 415 1.06 50.96 -8.87
N MET A 416 2.03 51.36 -9.66
CA MET A 416 2.74 52.62 -9.47
C MET A 416 2.40 53.57 -10.60
N PRO A 417 2.06 54.82 -10.30
CA PRO A 417 1.64 55.75 -11.36
C PRO A 417 2.77 56.04 -12.34
N ILE A 418 2.39 56.22 -13.60
CA ILE A 418 3.31 56.67 -14.64
C ILE A 418 3.21 58.19 -14.70
N GLU A 419 4.26 58.87 -14.28
CA GLU A 419 4.24 60.33 -14.26
C GLU A 419 4.25 60.88 -15.68
N GLY A 420 3.48 61.95 -15.89
CA GLY A 420 3.39 62.58 -17.19
C GLY A 420 2.30 62.05 -18.09
N SER A 421 1.59 61.00 -17.69
CA SER A 421 0.51 60.43 -18.48
C SER A 421 -0.86 60.89 -18.02
N GLU A 422 -0.93 62.02 -17.32
CA GLU A 422 -2.20 62.53 -16.81
C GLU A 422 -3.09 62.99 -17.96
N PHE A 423 -4.35 62.58 -17.94
CA PHE A 423 -5.32 63.03 -18.92
C PHE A 423 -6.65 63.30 -18.22
N ARG A 424 -7.46 64.13 -18.87
CA ARG A 424 -8.72 64.60 -18.31
C ARG A 424 -9.87 63.99 -19.11
N VAL A 425 -10.86 63.47 -18.40
CA VAL A 425 -12.09 62.97 -19.01
C VAL A 425 -13.24 63.80 -18.48
N LYS A 426 -14.09 64.27 -19.38
CA LYS A 426 -15.25 65.06 -19.00
C LYS A 426 -16.40 64.13 -18.65
N VAL A 427 -16.82 64.16 -17.38
CA VAL A 427 -17.87 63.31 -16.86
C VAL A 427 -18.85 64.17 -16.07
N ASP A 428 -20.01 63.59 -15.80
CA ASP A 428 -21.04 64.24 -14.99
C ASP A 428 -21.19 63.65 -13.60
N ASN A 429 -21.07 62.33 -13.47
CA ASN A 429 -21.20 61.65 -12.19
C ASN A 429 -20.02 60.72 -11.98
N VAL A 430 -19.53 60.65 -10.75
CA VAL A 430 -18.46 59.75 -10.36
C VAL A 430 -18.99 58.81 -9.30
N ILE A 431 -18.91 57.51 -9.55
CA ILE A 431 -19.40 56.50 -8.63
C ILE A 431 -18.21 55.75 -8.06
N LEU A 432 -18.16 55.65 -6.73
CA LEU A 432 -17.03 55.06 -6.03
C LEU A 432 -17.37 53.64 -5.61
N ALA A 433 -16.63 52.68 -6.16
CA ALA A 433 -16.76 51.27 -5.82
C ALA A 433 -15.40 50.66 -5.58
N ILE A 434 -14.56 51.35 -4.82
CA ILE A 434 -13.18 50.89 -4.60
C ILE A 434 -13.06 49.90 -3.45
N GLY A 435 -14.12 49.67 -2.71
CA GLY A 435 -14.08 48.72 -1.62
C GLY A 435 -15.13 49.05 -0.60
N GLN A 436 -15.24 48.17 0.40
CA GLN A 436 -16.21 48.33 1.47
C GLN A 436 -15.54 48.03 2.80
N TYR A 437 -16.12 48.57 3.87
CA TYR A 437 -15.69 48.28 5.22
C TYR A 437 -16.88 48.52 6.16
N CYS A 438 -16.75 48.00 7.38
CA CYS A 438 -17.72 48.26 8.42
C CYS A 438 -17.26 49.47 9.24
N ASP A 439 -18.24 50.22 9.75
CA ASP A 439 -17.94 51.48 10.42
C ASP A 439 -17.01 51.26 11.60
N GLU A 440 -15.84 51.88 11.54
CA GLU A 440 -14.85 51.71 12.61
C GLU A 440 -15.34 52.28 13.92
N GLU A 441 -16.03 53.43 13.87
CA GLU A 441 -16.52 54.05 15.09
C GLU A 441 -17.65 53.22 15.71
N PHE A 442 -18.47 52.58 14.88
CA PHE A 442 -19.48 51.66 15.37
C PHE A 442 -18.82 50.44 16.02
N LEU A 443 -17.67 50.01 15.51
CA LEU A 443 -16.95 48.90 16.11
C LEU A 443 -16.32 49.30 17.44
N ARG A 444 -15.90 50.55 17.58
CA ARG A 444 -15.40 51.01 18.88
C ARG A 444 -16.54 51.19 19.87
N THR A 445 -17.74 51.55 19.39
CA THR A 445 -18.88 51.71 20.27
C THR A 445 -19.26 50.38 20.93
N ILE A 446 -19.20 49.29 20.19
CA ILE A 446 -19.53 47.98 20.75
C ILE A 446 -18.33 47.26 21.34
N GLY A 447 -17.11 47.61 20.94
CA GLY A 447 -15.92 47.07 21.58
C GLY A 447 -15.32 45.86 20.92
N ILE A 448 -15.42 45.73 19.61
CA ILE A 448 -14.87 44.59 18.88
C ILE A 448 -13.59 45.05 18.19
N GLU A 449 -12.54 44.26 18.33
CA GLU A 449 -11.22 44.65 17.84
C GLU A 449 -11.16 44.47 16.34
N ALA A 450 -11.00 45.57 15.61
CA ALA A 450 -10.98 45.55 14.15
C ALA A 450 -9.79 46.36 13.65
N LYS A 451 -9.31 45.99 12.46
CA LYS A 451 -8.23 46.71 11.80
C LYS A 451 -8.69 47.06 10.39
N ARG A 452 -8.58 48.34 10.03
CA ARG A 452 -9.03 48.87 8.74
C ARG A 452 -10.53 48.68 8.55
N GLY A 453 -11.28 48.60 9.65
CA GLY A 453 -12.70 48.38 9.59
C GLY A 453 -13.12 46.92 9.48
N ARG A 454 -12.18 46.02 9.30
CA ARG A 454 -12.47 44.58 9.20
C ARG A 454 -12.22 43.94 10.55
N VAL A 455 -13.18 43.16 11.02
CA VAL A 455 -13.12 42.60 12.36
C VAL A 455 -12.05 41.52 12.42
N LEU A 456 -11.18 41.59 13.42
CA LEU A 456 -10.17 40.57 13.65
C LEU A 456 -10.78 39.43 14.43
N VAL A 457 -10.80 38.24 13.84
CA VAL A 457 -11.27 37.04 14.50
C VAL A 457 -10.20 35.96 14.38
N ASP A 458 -10.23 35.01 15.32
CA ASP A 458 -9.35 33.86 15.25
C ASP A 458 -9.73 33.01 14.04
N GLU A 459 -8.74 32.66 13.23
CA GLU A 459 -9.03 32.08 11.91
C GLU A 459 -9.74 30.74 12.02
N VAL A 460 -9.48 29.98 13.09
CA VAL A 460 -10.13 28.67 13.23
C VAL A 460 -11.54 28.83 13.78
N THR A 461 -11.66 29.42 14.96
CA THR A 461 -12.93 29.49 15.68
C THR A 461 -13.81 30.66 15.24
N LEU A 462 -13.28 31.59 14.44
CA LEU A 462 -14.00 32.79 13.99
C LEU A 462 -14.51 33.63 15.16
N GLN A 463 -13.79 33.59 16.27
CA GLN A 463 -14.23 34.23 17.50
C GLN A 463 -13.51 35.57 17.67
N THR A 464 -14.26 36.58 18.12
CA THR A 464 -13.73 37.92 18.26
C THR A 464 -12.94 38.01 19.56
N ASN A 465 -12.60 39.23 19.98
CA ASN A 465 -11.94 39.42 21.26
C ASN A 465 -12.88 39.24 22.43
N LYS A 466 -14.19 39.20 22.21
CA LYS A 466 -15.16 38.94 23.26
C LYS A 466 -15.61 37.48 23.23
N GLU A 467 -15.85 36.94 24.42
CA GLU A 467 -16.31 35.56 24.53
C GLU A 467 -17.79 35.46 24.20
N GLY A 468 -18.14 34.47 23.38
CA GLY A 468 -19.50 34.30 22.93
C GLY A 468 -19.86 35.11 21.71
N VAL A 469 -18.91 35.86 21.16
CA VAL A 469 -19.14 36.67 19.97
C VAL A 469 -18.30 36.09 18.83
N PHE A 470 -18.97 35.73 17.75
CA PHE A 470 -18.34 35.22 16.55
C PHE A 470 -18.66 36.16 15.38
N ALA A 471 -17.84 36.11 14.34
CA ALA A 471 -18.01 37.02 13.23
C ALA A 471 -17.67 36.33 11.92
N GLY A 472 -18.18 36.89 10.83
CA GLY A 472 -17.96 36.32 9.52
C GLY A 472 -18.62 37.16 8.46
N GLY A 473 -18.53 36.70 7.23
CA GLY A 473 -19.10 37.44 6.11
C GLY A 473 -18.16 38.53 5.63
N ASP A 474 -18.75 39.60 5.10
CA ASP A 474 -17.96 40.75 4.66
C ASP A 474 -17.38 41.53 5.84
N LEU A 475 -17.90 41.31 7.04
CA LEU A 475 -17.33 41.93 8.23
C LEU A 475 -15.90 41.47 8.46
N VAL A 476 -15.63 40.19 8.21
CA VAL A 476 -14.30 39.62 8.39
C VAL A 476 -13.51 39.59 7.09
N LEU A 477 -14.14 39.21 5.98
CA LEU A 477 -13.44 38.99 4.73
C LEU A 477 -13.41 40.21 3.81
N GLY A 478 -14.01 41.32 4.22
CA GLY A 478 -14.09 42.48 3.38
C GLY A 478 -14.97 42.22 2.18
N PRO A 479 -14.68 42.86 1.05
CA PRO A 479 -15.40 42.53 -0.18
C PRO A 479 -15.17 41.08 -0.59
N SER A 480 -16.22 40.28 -0.55
CA SER A 480 -16.10 38.84 -0.70
C SER A 480 -17.26 38.33 -1.54
N THR A 481 -17.49 37.03 -1.46
CA THR A 481 -18.50 36.33 -2.25
C THR A 481 -19.62 35.86 -1.32
N VAL A 482 -20.78 35.57 -1.92
CA VAL A 482 -21.88 35.01 -1.15
C VAL A 482 -21.52 33.62 -0.64
N ILE A 483 -20.83 32.81 -1.45
CA ILE A 483 -20.49 31.45 -1.03
C ILE A 483 -19.45 31.48 0.09
N GLU A 484 -18.50 32.42 0.03
CA GLU A 484 -17.53 32.55 1.11
C GLU A 484 -18.20 33.01 2.40
N SER A 485 -19.20 33.89 2.30
CA SER A 485 -19.96 34.30 3.47
C SER A 485 -20.75 33.14 4.06
N ILE A 486 -21.36 32.30 3.20
CA ILE A 486 -22.08 31.13 3.69
C ILE A 486 -21.12 30.13 4.32
N ALA A 487 -19.90 30.01 3.79
CA ALA A 487 -18.90 29.14 4.40
C ALA A 487 -18.52 29.63 5.79
N THR A 488 -18.31 30.95 5.93
CA THR A 488 -18.00 31.51 7.24
C THR A 488 -19.18 31.32 8.20
N GLY A 489 -20.40 31.48 7.71
CA GLY A 489 -21.57 31.29 8.56
C GLY A 489 -21.74 29.85 9.02
N ARG A 490 -21.53 28.89 8.13
CA ARG A 490 -21.64 27.49 8.53
C ARG A 490 -20.54 27.12 9.53
N ARG A 491 -19.31 27.58 9.28
CA ARG A 491 -18.23 27.32 10.22
C ARG A 491 -18.52 27.95 11.57
N ALA A 492 -19.10 29.14 11.57
CA ALA A 492 -19.46 29.79 12.83
C ALA A 492 -20.60 29.06 13.53
N ALA A 493 -21.52 28.46 12.79
CA ALA A 493 -22.54 27.63 13.44
C ALA A 493 -21.91 26.40 14.10
N ILE A 494 -20.95 25.78 13.41
CA ILE A 494 -20.22 24.65 13.99
C ILE A 494 -19.51 25.09 15.27
N MET A 495 -18.83 26.23 15.22
CA MET A 495 -18.07 26.70 16.37
C MET A 495 -18.97 27.19 17.49
N ILE A 496 -20.15 27.73 17.18
CA ILE A 496 -21.08 28.12 18.23
C ILE A 496 -21.64 26.90 18.93
N ASP A 497 -21.97 25.85 18.16
CA ASP A 497 -22.41 24.61 18.78
C ASP A 497 -21.32 24.00 19.64
N LEU A 498 -20.06 24.12 19.23
CA LEU A 498 -18.96 23.64 20.07
C LEU A 498 -18.75 24.50 21.31
N TYR A 499 -18.98 25.82 21.19
CA TYR A 499 -18.84 26.71 22.33
C TYR A 499 -19.94 26.48 23.36
N LEU A 500 -21.13 26.10 22.92
CA LEU A 500 -22.23 25.89 23.86
C LEU A 500 -22.12 24.57 24.60
N LYS A 501 -21.17 23.71 24.24
CA LYS A 501 -20.91 22.48 24.98
C LYS A 501 -19.65 22.54 25.82
N GLY A 502 -18.85 23.59 25.69
CA GLY A 502 -17.60 23.71 26.41
C GLY A 502 -16.40 23.14 25.70
N LYS A 503 -16.55 22.69 24.46
CA LYS A 503 -15.51 21.96 23.75
C LYS A 503 -14.75 22.82 22.75
N LEU A 504 -14.92 24.14 22.79
CA LEU A 504 -14.35 24.99 21.74
C LEU A 504 -12.84 25.07 21.81
N GLU A 505 -12.27 25.23 23.02
CA GLU A 505 -10.82 25.29 23.14
C GLU A 505 -10.17 23.97 22.74
N LYS A 506 -10.76 22.87 23.18
CA LYS A 506 -10.29 21.54 22.79
C LYS A 506 -10.41 21.34 21.29
N ALA A 507 -11.52 21.81 20.70
CA ALA A 507 -11.71 21.66 19.26
C ALA A 507 -10.70 22.49 18.48
N ARG A 508 -10.37 23.68 18.97
CA ARG A 508 -9.34 24.47 18.31
C ARG A 508 -7.98 23.78 18.37
N GLU A 509 -7.65 23.20 19.53
CA GLU A 509 -6.40 22.45 19.63
C GLU A 509 -6.38 21.26 18.67
N VAL A 510 -7.51 20.55 18.58
CA VAL A 510 -7.62 19.40 17.68
C VAL A 510 -7.47 19.83 16.23
N LEU A 511 -8.10 20.93 15.85
CA LEU A 511 -8.01 21.41 14.48
C LEU A 511 -6.63 21.96 14.16
N LEU A 512 -5.87 22.42 15.15
CA LEU A 512 -4.50 22.84 14.88
C LEU A 512 -3.59 21.64 14.62
N ASP A 513 -3.67 20.61 15.47
CA ASP A 513 -2.84 19.42 15.33
C ASP A 513 -3.58 18.24 15.94
N PRO A 514 -4.24 17.41 15.13
CA PRO A 514 -5.02 16.30 15.66
C PRO A 514 -4.20 15.11 16.14
N SER A 515 -2.93 15.03 15.78
CA SER A 515 -2.11 13.88 16.17
C SER A 515 -1.71 13.89 17.64
N LYS A 516 -1.89 15.01 18.33
CA LYS A 516 -1.57 15.09 19.75
C LYS A 516 -2.78 14.87 20.64
N HIS A 517 -3.99 14.87 20.09
CA HIS A 517 -5.22 14.73 20.87
C HIS A 517 -6.10 13.62 20.31
N ILE A 518 -5.48 12.50 19.92
CA ILE A 518 -6.22 11.43 19.26
C ILE A 518 -7.19 10.77 20.21
N GLU A 519 -6.80 10.60 21.48
CA GLU A 519 -7.67 9.98 22.46
C GLU A 519 -8.94 10.79 22.67
N GLU A 520 -8.82 12.11 22.72
CA GLU A 520 -9.99 12.96 22.86
C GLU A 520 -10.83 12.98 21.57
N VAL A 521 -10.18 12.86 20.41
CA VAL A 521 -10.92 12.82 19.16
C VAL A 521 -11.80 11.58 19.09
N ILE A 522 -11.24 10.42 19.43
CA ILE A 522 -12.02 9.19 19.36
C ILE A 522 -13.01 9.09 20.51
N TYR A 523 -12.70 9.72 21.65
CA TYR A 523 -13.58 9.64 22.80
C TYR A 523 -14.81 10.53 22.64
N ASP A 524 -14.70 11.64 21.92
CA ASP A 524 -15.79 12.60 21.76
C ASP A 524 -16.36 12.49 20.36
N GLU A 525 -17.69 12.31 20.28
CA GLU A 525 -18.36 12.29 18.99
C GLU A 525 -18.26 13.63 18.29
N ASP A 526 -18.41 14.72 19.05
CA ASP A 526 -18.39 16.06 18.46
C ASP A 526 -17.03 16.39 17.87
N LEU A 527 -15.95 16.06 18.58
CA LEU A 527 -14.62 16.33 18.05
C LEU A 527 -14.35 15.51 16.79
N TYR A 528 -14.77 14.24 16.78
CA TYR A 528 -14.62 13.40 15.59
C TYR A 528 -15.38 14.00 14.41
N ARG A 529 -16.64 14.40 14.64
CA ARG A 529 -17.46 14.95 13.57
C ARG A 529 -16.87 16.24 13.04
N VAL A 530 -16.44 17.14 13.94
CA VAL A 530 -15.90 18.42 13.52
C VAL A 530 -14.58 18.24 12.78
N LEU A 531 -13.74 17.32 13.26
CA LEU A 531 -12.47 17.05 12.59
C LEU A 531 -12.69 16.50 11.19
N PHE A 532 -13.62 15.56 11.03
CA PHE A 532 -13.84 14.99 9.72
C PHE A 532 -14.64 15.90 8.81
N ASP A 533 -15.33 16.90 9.37
CA ASP A 533 -16.03 17.88 8.56
C ASP A 533 -15.09 18.97 8.07
N LEU A 534 -14.25 19.49 8.95
CA LEU A 534 -13.43 20.67 8.67
C LEU A 534 -12.02 20.35 8.23
N ARG A 535 -11.39 19.32 8.79
CA ARG A 535 -10.04 18.91 8.41
C ARG A 535 -10.02 17.43 8.05
N PRO A 536 -10.56 17.06 6.89
CA PRO A 536 -10.43 15.67 6.44
C PRO A 536 -9.20 15.52 5.56
N TYR A 537 -8.72 14.28 5.48
CA TYR A 537 -7.59 13.99 4.61
C TYR A 537 -8.11 13.72 3.22
N ASN A 538 -7.72 14.57 2.27
CA ASN A 538 -8.06 14.38 0.87
C ASN A 538 -6.77 14.10 0.10
N HIS A 539 -6.75 12.97 -0.60
CA HIS A 539 -5.60 12.54 -1.38
C HIS A 539 -5.71 13.09 -2.79
N TRP A 540 -4.58 13.53 -3.33
CA TRP A 540 -4.57 14.19 -4.62
C TRP A 540 -3.57 13.52 -5.55
N LYS A 541 -3.84 13.63 -6.85
CA LYS A 541 -2.87 13.24 -7.86
C LYS A 541 -2.58 14.42 -8.77
N LYS A 542 -1.34 14.48 -9.24
CA LYS A 542 -0.90 15.56 -10.11
C LYS A 542 -1.18 15.13 -11.54
N VAL A 543 -2.26 15.67 -12.13
CA VAL A 543 -2.72 15.26 -13.44
C VAL A 543 -2.55 16.42 -14.40
N THR A 544 -1.99 16.13 -15.56
CA THR A 544 -1.88 17.06 -16.67
C THR A 544 -2.89 16.64 -17.74
N GLU A 545 -2.82 17.29 -18.90
CA GLU A 545 -3.74 16.99 -19.98
C GLU A 545 -3.49 15.62 -20.59
N LYS A 546 -2.32 15.03 -20.38
CA LYS A 546 -2.01 13.74 -20.98
C LYS A 546 -2.77 12.60 -20.33
N ASP A 547 -3.24 12.79 -19.11
CA ASP A 547 -3.92 11.73 -18.37
C ASP A 547 -5.40 11.60 -18.71
N TYR A 548 -5.95 12.54 -19.47
CA TYR A 548 -7.36 12.50 -19.85
C TYR A 548 -7.54 12.46 -21.36
N GLU A 549 -6.55 11.96 -22.10
CA GLU A 549 -6.66 11.84 -23.55
C GLU A 549 -7.58 10.69 -23.97
N HIS A 550 -7.83 9.74 -23.08
CA HIS A 550 -8.72 8.63 -23.41
C HIS A 550 -10.19 8.99 -23.29
N VAL A 551 -10.51 10.17 -22.81
CA VAL A 551 -11.88 10.55 -22.51
C VAL A 551 -12.55 11.08 -23.76
N GLU A 552 -13.83 10.76 -23.91
CA GLU A 552 -14.62 11.24 -25.04
C GLU A 552 -14.89 12.73 -24.91
N ARG A 553 -14.64 13.48 -25.98
CA ARG A 553 -14.83 14.92 -25.98
C ARG A 553 -16.32 15.22 -26.16
N LYS A 554 -16.94 15.77 -25.13
CA LYS A 554 -18.34 16.12 -25.15
C LYS A 554 -18.51 17.62 -24.97
N PRO A 555 -19.33 18.28 -25.79
CA PRO A 555 -19.48 19.73 -25.68
C PRO A 555 -20.30 20.13 -24.46
N ARG A 556 -20.06 21.37 -24.01
CA ARG A 556 -20.76 21.97 -22.90
C ARG A 556 -22.02 22.69 -23.39
N VAL A 557 -23.06 22.67 -22.54
CA VAL A 557 -24.34 23.26 -22.92
C VAL A 557 -24.23 24.78 -22.91
N LYS A 558 -24.82 25.41 -23.94
CA LYS A 558 -24.87 26.86 -24.02
C LYS A 558 -26.29 27.32 -23.78
N VAL A 559 -26.46 28.24 -22.84
CA VAL A 559 -27.75 28.82 -22.52
C VAL A 559 -27.85 30.17 -23.21
N LYS A 560 -28.90 30.35 -24.01
CA LYS A 560 -29.05 31.52 -24.85
C LYS A 560 -29.37 32.73 -23.98
N LEU A 561 -28.42 33.64 -23.85
CA LEU A 561 -28.66 34.87 -23.10
C LEU A 561 -29.61 35.79 -23.86
N LEU A 562 -30.23 36.70 -23.12
CA LEU A 562 -31.05 37.72 -23.75
C LEU A 562 -30.21 38.59 -24.67
N ASP A 563 -30.86 39.18 -25.65
CA ASP A 563 -30.16 39.98 -26.64
C ASP A 563 -29.49 41.17 -25.97
N PRO A 564 -28.20 41.42 -26.22
CA PRO A 564 -27.54 42.56 -25.56
C PRO A 564 -28.19 43.89 -25.85
N GLU A 565 -28.63 44.12 -27.10
CA GLU A 565 -29.28 45.38 -27.44
C GLU A 565 -30.60 45.54 -26.69
N ILE A 566 -31.36 44.47 -26.55
CA ILE A 566 -32.62 44.55 -25.81
C ILE A 566 -32.36 44.64 -24.31
N ARG A 567 -31.41 43.86 -23.81
CA ARG A 567 -31.21 43.80 -22.37
C ARG A 567 -30.48 45.02 -21.82
N LYS A 568 -29.85 45.82 -22.67
CA LYS A 568 -29.25 47.07 -22.18
C LYS A 568 -30.28 48.13 -21.85
N SER A 569 -31.56 47.89 -22.14
CA SER A 569 -32.61 48.87 -21.92
C SER A 569 -33.55 48.54 -20.75
N ASN A 570 -33.53 47.31 -20.24
CA ASN A 570 -34.51 46.89 -19.25
C ASN A 570 -33.82 46.11 -18.14
N PHE A 571 -34.56 45.87 -17.06
CA PHE A 571 -34.08 45.11 -15.92
C PHE A 571 -34.65 43.70 -15.90
N LYS A 572 -34.81 43.08 -17.07
CA LYS A 572 -35.24 41.69 -17.16
C LYS A 572 -34.02 40.78 -17.10
N GLU A 573 -34.21 39.60 -16.50
CA GLU A 573 -33.11 38.70 -16.24
C GLU A 573 -32.45 38.26 -17.54
N VAL A 574 -31.12 38.36 -17.58
CA VAL A 574 -30.41 38.17 -18.84
C VAL A 574 -30.11 36.70 -19.10
N GLU A 575 -30.08 35.87 -18.07
CA GLU A 575 -29.73 34.47 -18.20
C GLU A 575 -30.90 33.61 -17.76
N PRO A 576 -31.47 32.80 -18.63
CA PRO A 576 -32.58 31.93 -18.20
C PRO A 576 -32.09 30.61 -17.64
N THR A 577 -33.01 29.76 -17.21
CA THR A 577 -32.68 28.44 -16.72
C THR A 577 -32.60 27.47 -17.90
N MET A 578 -31.77 26.44 -17.75
CA MET A 578 -31.58 25.47 -18.82
C MET A 578 -32.86 24.67 -19.04
N ASP A 579 -33.01 24.19 -20.27
CA ASP A 579 -34.12 23.30 -20.57
C ASP A 579 -33.86 21.91 -19.97
N GLU A 580 -34.94 21.19 -19.68
CA GLU A 580 -34.81 19.91 -19.00
C GLU A 580 -34.19 18.83 -19.87
N GLU A 581 -34.22 18.97 -21.20
CA GLU A 581 -33.59 17.97 -22.04
C GLU A 581 -32.07 18.07 -22.01
N THR A 582 -31.53 19.26 -21.80
CA THR A 582 -30.09 19.44 -21.72
C THR A 582 -29.51 19.13 -20.34
N VAL A 583 -30.36 19.01 -19.32
CA VAL A 583 -29.88 18.81 -17.96
C VAL A 583 -29.20 17.46 -17.81
N LEU A 584 -29.84 16.40 -18.30
CA LEU A 584 -29.26 15.06 -18.17
C LEU A 584 -28.00 14.93 -19.03
N THR A 585 -28.03 15.52 -20.22
CA THR A 585 -26.88 15.48 -21.12
C THR A 585 -25.68 16.19 -20.51
N GLU A 586 -25.91 17.32 -19.84
CA GLU A 586 -24.81 18.04 -19.21
C GLU A 586 -24.32 17.32 -17.96
N ALA A 587 -25.24 16.77 -17.16
CA ALA A 587 -24.82 16.08 -15.95
C ALA A 587 -24.08 14.78 -16.24
N GLN A 588 -24.29 14.19 -17.42
CA GLN A 588 -23.59 12.95 -17.77
C GLN A 588 -22.20 13.18 -18.31
N ARG A 589 -21.71 14.41 -18.37
CA ARG A 589 -20.33 14.65 -18.76
C ARG A 589 -19.35 14.52 -17.60
N CYS A 590 -19.85 14.30 -16.38
CA CYS A 590 -18.97 14.18 -15.22
C CYS A 590 -18.10 12.95 -15.35
N MET A 591 -16.83 13.09 -14.97
CA MET A 591 -15.90 11.98 -15.04
C MET A 591 -15.78 11.22 -13.72
N SER A 592 -16.53 11.63 -12.70
CA SER A 592 -16.59 10.97 -11.40
C SER A 592 -15.19 10.76 -10.81
N CYS A 593 -14.47 11.88 -10.68
CA CYS A 593 -13.08 11.83 -10.29
C CYS A 593 -12.87 11.34 -8.86
N GLY A 594 -13.88 11.47 -8.00
CA GLY A 594 -13.73 11.09 -6.61
C GLY A 594 -13.73 9.59 -6.40
N CYS A 595 -13.11 9.20 -5.29
CA CYS A 595 -13.04 7.79 -4.93
C CYS A 595 -14.42 7.27 -4.53
N MET A 596 -14.77 6.09 -5.03
CA MET A 596 -16.07 5.51 -4.71
C MET A 596 -16.18 5.06 -3.27
N GLU A 597 -15.05 4.93 -2.57
CA GLU A 597 -15.03 4.39 -1.21
C GLU A 597 -14.69 5.45 -0.18
N VAL A 598 -14.88 6.73 -0.52
CA VAL A 598 -14.39 7.83 0.30
C VAL A 598 -15.10 7.86 1.65
N PHE A 599 -16.35 7.43 1.71
CA PHE A 599 -17.11 7.45 2.95
C PHE A 599 -16.86 6.24 3.84
N ARG A 600 -16.08 5.27 3.38
CA ARG A 600 -15.80 4.08 4.17
C ARG A 600 -14.34 3.64 4.13
N CYS A 601 -13.47 4.38 3.45
CA CYS A 601 -12.07 3.98 3.32
C CYS A 601 -11.33 4.15 4.63
N LYS A 602 -10.64 3.10 5.07
CA LYS A 602 -9.92 3.13 6.33
C LYS A 602 -8.66 3.97 6.25
N LEU A 603 -8.01 3.99 5.08
CA LEU A 603 -6.77 4.76 4.94
C LEU A 603 -7.04 6.25 5.10
N ARG A 604 -8.11 6.76 4.48
CA ARG A 604 -8.46 8.17 4.59
C ARG A 604 -8.78 8.55 6.04
N GLU A 605 -9.52 7.68 6.74
CA GLU A 605 -9.86 7.93 8.13
C GLU A 605 -8.60 7.96 9.01
N TYR A 606 -7.70 7.00 8.82
CA TYR A 606 -6.49 6.96 9.62
C TYR A 606 -5.58 8.14 9.31
N ALA A 607 -5.54 8.56 8.05
CA ALA A 607 -4.72 9.72 7.71
C ALA A 607 -5.33 11.02 8.24
N THR A 608 -6.66 11.08 8.37
CA THR A 608 -7.28 12.22 9.03
C THR A 608 -6.93 12.24 10.51
N LEU A 609 -6.96 11.09 11.18
CA LEU A 609 -6.74 11.06 12.62
C LEU A 609 -5.29 11.33 12.99
N TYR A 610 -4.35 10.85 12.18
CA TYR A 610 -2.94 10.90 12.53
C TYR A 610 -2.19 12.02 11.84
N ASP A 611 -2.90 12.96 11.21
CA ASP A 611 -2.30 14.16 10.62
C ASP A 611 -1.27 13.80 9.56
N ALA A 612 -1.58 12.80 8.75
CA ALA A 612 -0.63 12.30 7.76
C ALA A 612 -0.58 13.22 6.55
N LYS A 613 0.63 13.52 6.10
CA LYS A 613 0.83 14.35 4.92
C LYS A 613 1.16 13.46 3.74
N GLN A 614 0.69 13.87 2.56
CA GLN A 614 0.96 13.13 1.34
C GLN A 614 2.38 13.34 0.85
N ASP A 615 2.99 14.48 1.17
CA ASP A 615 4.31 14.83 0.68
C ASP A 615 5.40 14.56 1.71
N ALA A 616 5.10 13.80 2.77
CA ALA A 616 6.12 13.48 3.77
C ALA A 616 7.21 12.61 3.16
N PHE A 617 6.84 11.62 2.36
CA PHE A 617 7.77 10.83 1.56
C PHE A 617 7.31 10.92 0.12
N VAL A 618 8.19 11.40 -0.75
CA VAL A 618 7.90 11.56 -2.17
C VAL A 618 8.94 10.79 -2.96
N GLY A 619 8.48 10.00 -3.92
CA GLY A 619 9.38 9.24 -4.76
C GLY A 619 8.65 8.70 -5.96
N GLU A 620 8.94 7.46 -6.35
CA GLU A 620 8.22 6.84 -7.44
C GLU A 620 7.13 5.94 -6.87
N GLN A 621 5.96 6.02 -7.50
CA GLN A 621 4.83 5.15 -7.20
C GLN A 621 4.73 4.08 -8.28
N ASN A 622 4.08 2.98 -7.92
CA ASN A 622 3.75 1.96 -8.89
C ASN A 622 2.56 2.41 -9.72
N LYS A 623 2.72 2.44 -11.03
CA LYS A 623 1.67 2.87 -11.94
C LYS A 623 0.96 1.65 -12.51
N PHE A 624 -0.34 1.55 -12.24
CA PHE A 624 -1.14 0.42 -12.69
C PHE A 624 -2.29 0.90 -13.57
N GLU A 625 -2.80 -0.02 -14.36
CA GLU A 625 -3.98 0.23 -15.16
C GLU A 625 -5.19 -0.41 -14.47
N ILE A 626 -6.31 0.30 -14.51
CA ILE A 626 -7.51 -0.16 -13.81
C ILE A 626 -8.12 -1.33 -14.56
N ASP A 627 -8.53 -2.35 -13.82
CA ASP A 627 -9.09 -3.57 -14.39
C ASP A 627 -10.61 -3.51 -14.23
N GLU A 628 -11.26 -2.84 -15.18
CA GLU A 628 -12.70 -2.66 -15.15
C GLU A 628 -13.41 -3.46 -16.23
N THR A 629 -12.81 -4.57 -16.66
CA THR A 629 -13.43 -5.43 -17.67
C THR A 629 -14.57 -6.26 -17.10
N HIS A 630 -14.54 -6.55 -15.81
CA HIS A 630 -15.61 -7.30 -15.20
C HIS A 630 -16.90 -6.47 -15.22
N PRO A 631 -18.06 -7.11 -15.45
CA PRO A 631 -19.31 -6.34 -15.52
C PRO A 631 -19.70 -5.66 -14.22
N ASN A 632 -19.25 -6.16 -13.07
CA ASN A 632 -19.73 -5.67 -11.79
C ASN A 632 -18.64 -5.22 -10.83
N VAL A 633 -17.38 -5.57 -11.04
CA VAL A 633 -16.32 -5.33 -10.06
C VAL A 633 -15.16 -4.63 -10.74
N VAL A 634 -14.63 -3.60 -10.07
CA VAL A 634 -13.44 -2.88 -10.52
C VAL A 634 -12.30 -3.18 -9.56
N LEU A 635 -11.11 -3.42 -10.11
CA LEU A 635 -9.90 -3.63 -9.35
C LEU A 635 -8.91 -2.53 -9.71
N ASP A 636 -8.52 -1.72 -8.73
CA ASP A 636 -7.61 -0.61 -8.95
C ASP A 636 -6.38 -0.82 -8.07
N ASN A 637 -5.29 -1.30 -8.66
CA ASN A 637 -4.09 -1.59 -7.89
C ASN A 637 -3.35 -0.32 -7.46
N ASN A 638 -3.72 0.84 -7.98
CA ASN A 638 -3.12 2.09 -7.52
C ASN A 638 -3.59 2.46 -6.11
N LYS A 639 -4.73 1.93 -5.68
CA LYS A 639 -5.26 2.17 -4.35
C LYS A 639 -5.14 0.94 -3.46
N CYS A 640 -4.16 0.08 -3.75
CA CYS A 640 -3.97 -1.16 -3.03
C CYS A 640 -2.91 -0.96 -1.95
N VAL A 641 -3.30 -1.15 -0.69
CA VAL A 641 -2.37 -1.03 0.42
C VAL A 641 -1.69 -2.36 0.74
N LEU A 642 -2.01 -3.43 0.01
CA LEU A 642 -1.39 -4.74 0.14
C LEU A 642 -1.55 -5.28 1.57
N CYS A 643 -2.80 -5.54 1.93
CA CYS A 643 -3.11 -6.15 3.21
C CYS A 643 -3.34 -7.65 3.12
N GLY A 644 -3.59 -8.18 1.92
CA GLY A 644 -3.73 -9.60 1.73
C GLY A 644 -5.08 -10.19 2.09
N GLN A 645 -6.06 -9.36 2.44
CA GLN A 645 -7.35 -9.88 2.88
C GLN A 645 -8.12 -10.51 1.73
N CYS A 646 -8.05 -9.91 0.54
CA CYS A 646 -8.70 -10.50 -0.63
C CYS A 646 -8.08 -11.84 -1.00
N VAL A 647 -6.75 -11.91 -0.96
CA VAL A 647 -6.05 -13.17 -1.26
C VAL A 647 -6.40 -14.22 -0.23
N ASN A 648 -6.39 -13.84 1.06
CA ASN A 648 -6.74 -14.79 2.12
C ASN A 648 -8.16 -15.29 1.97
N PHE A 649 -9.11 -14.41 1.67
CA PHE A 649 -10.48 -14.87 1.44
C PHE A 649 -10.56 -15.81 0.25
N THR A 650 -10.14 -15.33 -0.92
CA THR A 650 -10.34 -16.08 -2.16
C THR A 650 -9.55 -17.38 -2.20
N HIS A 651 -8.52 -17.55 -1.36
CA HIS A 651 -7.79 -18.81 -1.37
C HIS A 651 -8.10 -19.71 -0.17
N GLU A 652 -8.47 -19.15 0.99
CA GLU A 652 -8.63 -19.95 2.19
C GLU A 652 -10.08 -20.13 2.62
N ILE A 653 -11.02 -19.36 2.08
CA ILE A 653 -12.41 -19.45 2.48
C ILE A 653 -13.32 -19.78 1.31
N ALA A 654 -13.12 -19.12 0.17
CA ALA A 654 -13.90 -19.39 -1.03
C ALA A 654 -13.30 -20.48 -1.89
N ARG A 655 -12.00 -20.72 -1.79
CA ARG A 655 -11.26 -21.73 -2.55
C ARG A 655 -11.28 -21.46 -4.05
N GLU A 656 -11.62 -20.24 -4.46
CA GLU A 656 -11.72 -19.93 -5.89
C GLU A 656 -10.40 -19.47 -6.50
N GLY A 657 -9.57 -18.76 -5.74
CA GLY A 657 -8.30 -18.28 -6.24
C GLY A 657 -8.42 -17.26 -7.35
N ILE A 658 -9.29 -16.27 -7.17
CA ILE A 658 -9.47 -15.24 -8.20
C ILE A 658 -8.20 -14.42 -8.37
N VAL A 659 -7.61 -14.00 -7.25
CA VAL A 659 -6.43 -13.14 -7.27
C VAL A 659 -5.37 -13.76 -6.36
N ASP A 660 -4.13 -13.31 -6.56
CA ASP A 660 -3.04 -13.72 -5.69
C ASP A 660 -1.95 -12.66 -5.77
N TYR A 661 -1.04 -12.71 -4.79
CA TYR A 661 0.15 -11.89 -4.81
C TYR A 661 0.98 -12.19 -6.06
N LEU A 662 1.43 -11.13 -6.72
CA LEU A 662 2.30 -11.28 -7.87
C LEU A 662 3.57 -10.47 -7.64
N PHE A 663 4.70 -11.05 -8.05
CA PHE A 663 6.03 -10.45 -7.98
C PHE A 663 6.44 -10.12 -6.55
N ARG A 664 7.57 -9.46 -6.37
CA ARG A 664 8.21 -9.35 -5.06
C ARG A 664 8.62 -7.91 -4.77
N GLY A 665 8.59 -7.57 -3.49
CA GLY A 665 9.19 -6.33 -3.04
C GLY A 665 8.30 -5.13 -3.30
N PHE A 666 8.88 -4.10 -3.92
CA PHE A 666 8.12 -2.90 -4.24
C PHE A 666 7.17 -3.14 -5.40
N LYS A 667 7.45 -4.12 -6.24
CA LYS A 667 6.66 -4.40 -7.43
C LYS A 667 5.47 -5.30 -7.16
N THR A 668 5.23 -5.66 -5.90
CA THR A 668 4.16 -6.57 -5.56
C THR A 668 2.80 -5.95 -5.85
N TYR A 669 1.90 -6.74 -6.43
CA TYR A 669 0.53 -6.30 -6.62
C TYR A 669 -0.39 -7.52 -6.59
N ILE A 670 -1.68 -7.26 -6.67
CA ILE A 670 -2.72 -8.27 -6.60
C ILE A 670 -3.37 -8.39 -7.98
N GLY A 671 -3.56 -9.62 -8.43
CA GLY A 671 -4.20 -9.82 -9.70
C GLY A 671 -4.37 -11.28 -10.05
N PRO A 672 -5.13 -11.54 -11.11
CA PRO A 672 -5.26 -12.92 -11.60
C PRO A 672 -3.98 -13.43 -12.20
N GLN A 673 -4.00 -14.63 -12.78
CA GLN A 673 -2.82 -15.13 -13.46
C GLN A 673 -2.43 -14.18 -14.59
N LEU A 674 -1.13 -14.08 -14.85
CA LEU A 674 -0.63 -13.14 -15.83
C LEU A 674 -1.21 -13.44 -17.21
N GLY A 675 -1.73 -12.41 -17.85
CA GLY A 675 -2.39 -12.55 -19.13
C GLY A 675 -3.90 -12.65 -19.08
N GLU A 676 -4.49 -12.54 -17.90
CA GLU A 676 -5.94 -12.56 -17.75
C GLU A 676 -6.38 -11.42 -16.84
N ARG A 677 -7.57 -10.91 -17.10
CA ARG A 677 -8.18 -9.88 -16.28
C ARG A 677 -9.27 -10.51 -15.41
N LEU A 678 -10.02 -9.67 -14.71
CA LEU A 678 -11.08 -10.17 -13.83
C LEU A 678 -12.27 -10.74 -14.60
N GLU A 679 -12.40 -10.43 -15.89
CA GLU A 679 -13.53 -10.92 -16.66
C GLU A 679 -13.45 -12.42 -16.92
N ASP A 680 -12.23 -12.95 -17.02
CA ASP A 680 -12.03 -14.36 -17.33
C ASP A 680 -12.08 -15.26 -16.10
N GLN A 681 -12.28 -14.69 -14.92
CA GLN A 681 -12.17 -15.43 -13.68
C GLN A 681 -13.53 -15.95 -13.24
N LYS A 682 -13.61 -17.25 -12.99
CA LYS A 682 -14.85 -17.91 -12.62
C LYS A 682 -14.93 -18.01 -11.11
N GLY A 683 -16.02 -17.50 -10.54
CA GLY A 683 -16.23 -17.52 -9.12
C GLY A 683 -17.51 -16.82 -8.73
N VAL A 684 -18.26 -17.41 -7.80
CA VAL A 684 -19.53 -16.86 -7.37
C VAL A 684 -19.34 -16.01 -6.12
N PHE A 685 -18.09 -15.79 -5.73
CA PHE A 685 -17.75 -14.93 -4.60
C PHE A 685 -16.71 -13.90 -5.01
N ILE A 686 -16.84 -13.37 -6.23
CA ILE A 686 -15.99 -12.27 -6.67
C ILE A 686 -16.41 -10.96 -6.01
N GLY A 687 -17.71 -10.77 -5.79
CA GLY A 687 -18.21 -9.54 -5.20
C GLY A 687 -17.99 -9.40 -3.71
N GLU A 688 -17.61 -10.47 -3.03
CA GLU A 688 -17.28 -10.36 -1.62
C GLU A 688 -15.99 -9.58 -1.42
N LEU A 689 -15.11 -9.58 -2.42
CA LEU A 689 -13.86 -8.84 -2.34
C LEU A 689 -14.08 -7.33 -2.22
N THR A 690 -15.23 -6.82 -2.70
CA THR A 690 -15.53 -5.40 -2.54
C THR A 690 -15.76 -5.04 -1.09
N ASP A 691 -16.42 -5.92 -0.33
CA ASP A 691 -16.59 -5.70 1.09
C ASP A 691 -15.36 -6.07 1.90
N ILE A 692 -14.52 -6.97 1.37
CA ILE A 692 -13.31 -7.36 2.08
C ILE A 692 -12.30 -6.22 2.07
N CYS A 693 -12.17 -5.53 0.94
CA CYS A 693 -11.13 -4.53 0.79
C CYS A 693 -11.34 -3.37 1.76
N PRO A 694 -10.28 -2.90 2.43
CA PRO A 694 -10.43 -1.84 3.42
C PRO A 694 -10.30 -0.42 2.90
N VAL A 695 -9.79 -0.22 1.69
CA VAL A 695 -9.45 1.13 1.26
C VAL A 695 -10.21 1.53 -0.01
N GLY A 696 -10.50 0.57 -0.87
CA GLY A 696 -11.14 0.92 -2.12
C GLY A 696 -10.37 0.57 -3.37
N ALA A 697 -9.47 -0.42 -3.26
CA ALA A 697 -8.85 -0.97 -4.45
C ALA A 697 -9.82 -1.85 -5.23
N ILE A 698 -10.71 -2.54 -4.52
CA ILE A 698 -11.76 -3.35 -5.13
C ILE A 698 -13.09 -2.66 -4.88
N THR A 699 -13.78 -2.30 -5.95
CA THR A 699 -15.02 -1.55 -5.88
C THR A 699 -16.05 -2.20 -6.80
N GLU A 700 -17.32 -1.85 -6.58
CA GLU A 700 -18.44 -2.42 -7.30
C GLU A 700 -19.02 -1.41 -8.26
N LYS A 701 -19.25 -1.83 -9.51
CA LYS A 701 -19.94 -0.98 -10.47
C LYS A 701 -21.42 -0.93 -10.12
N LEU A 702 -21.96 0.25 -10.07
CA LEU A 702 -23.33 0.37 -9.66
C LEU A 702 -24.25 0.55 -10.87
N PRO A 703 -25.51 0.11 -10.76
CA PRO A 703 -26.40 0.12 -11.93
C PRO A 703 -27.05 1.46 -12.22
N PHE A 704 -26.50 2.54 -11.69
CA PHE A 704 -27.02 3.88 -11.92
C PHE A 704 -26.25 4.57 -13.02
N VAL A 705 -26.84 5.65 -13.54
CA VAL A 705 -26.24 6.39 -14.64
C VAL A 705 -24.87 6.93 -14.23
N LYS A 706 -24.86 7.82 -13.25
CA LYS A 706 -23.65 8.25 -12.58
C LYS A 706 -23.61 7.63 -11.20
N PRO A 707 -22.52 6.97 -10.84
CA PRO A 707 -22.48 6.22 -9.58
C PRO A 707 -22.13 7.03 -8.35
N GLY A 708 -22.03 8.36 -8.49
CA GLY A 708 -21.39 9.24 -7.54
C GLY A 708 -21.57 8.88 -6.10
N PRO A 709 -20.48 8.83 -5.34
CA PRO A 709 -20.54 8.32 -3.97
C PRO A 709 -21.50 9.12 -3.10
N TRP A 710 -22.43 8.41 -2.49
CA TRP A 710 -23.41 8.99 -1.60
C TRP A 710 -23.24 8.39 -0.21
N LYS A 711 -23.62 9.14 0.81
CA LYS A 711 -23.57 8.67 2.19
C LYS A 711 -24.75 7.72 2.40
N THR A 712 -24.54 6.46 2.06
CA THR A 712 -25.60 5.47 2.20
C THR A 712 -25.65 4.95 3.62
N GLN A 713 -26.86 4.56 4.04
CA GLN A 713 -27.10 3.97 5.34
C GLN A 713 -27.42 2.49 5.18
N PRO A 714 -26.70 1.60 5.84
CA PRO A 714 -27.04 0.17 5.78
C PRO A 714 -28.37 -0.13 6.44
N VAL A 715 -29.08 -1.09 5.86
CA VAL A 715 -30.34 -1.61 6.41
C VAL A 715 -30.20 -3.13 6.50
N LYS A 716 -30.53 -3.68 7.66
CA LYS A 716 -30.30 -5.10 7.95
C LYS A 716 -31.51 -5.92 7.51
N THR A 717 -31.31 -6.79 6.52
CA THR A 717 -32.36 -7.64 6.00
C THR A 717 -31.73 -8.96 5.53
N VAL A 718 -32.50 -9.74 4.77
CA VAL A 718 -32.04 -11.03 4.29
C VAL A 718 -32.16 -11.07 2.77
N CYS A 719 -31.52 -12.07 2.18
CA CYS A 719 -31.59 -12.30 0.73
C CYS A 719 -32.67 -13.32 0.41
N ASN A 720 -33.27 -13.15 -0.78
CA ASN A 720 -34.34 -14.03 -1.23
C ASN A 720 -33.93 -14.87 -2.43
N GLY A 721 -32.63 -15.11 -2.61
CA GLY A 721 -32.19 -15.90 -3.74
C GLY A 721 -32.46 -17.38 -3.59
N CYS A 722 -32.42 -17.90 -2.37
CA CYS A 722 -32.62 -19.32 -2.12
C CYS A 722 -33.03 -19.52 -0.67
N SER A 723 -33.16 -20.78 -0.28
CA SER A 723 -33.65 -21.12 1.06
C SER A 723 -32.66 -20.77 2.16
N PHE A 724 -31.42 -20.43 1.80
CA PHE A 724 -30.43 -20.06 2.81
C PHE A 724 -30.82 -18.76 3.52
N ALA A 725 -31.37 -17.80 2.79
CA ALA A 725 -31.79 -16.51 3.32
C ALA A 725 -30.64 -15.81 4.07
N CYS A 726 -29.57 -15.55 3.33
CA CYS A 726 -28.37 -14.98 3.91
C CYS A 726 -28.60 -13.55 4.36
N GLU A 727 -28.07 -13.21 5.53
CA GLU A 727 -28.22 -11.87 6.07
C GLU A 727 -27.30 -10.90 5.34
N MET A 728 -27.83 -9.71 5.07
CA MET A 728 -27.10 -8.73 4.29
C MET A 728 -27.53 -7.33 4.70
N ASN A 729 -26.73 -6.35 4.29
CA ASN A 729 -27.08 -4.94 4.39
C ASN A 729 -27.45 -4.43 3.02
N ILE A 730 -28.59 -3.74 2.93
CA ILE A 730 -28.94 -2.98 1.73
C ILE A 730 -28.56 -1.53 1.99
N GLU A 731 -27.72 -0.98 1.10
CA GLU A 731 -27.23 0.39 1.23
C GLU A 731 -28.22 1.32 0.54
N VAL A 732 -28.89 2.16 1.32
CA VAL A 732 -29.96 3.00 0.82
C VAL A 732 -29.56 4.46 0.96
N TYR A 733 -29.88 5.25 -0.06
CA TYR A 733 -29.67 6.70 -0.03
C TYR A 733 -30.90 7.36 -0.64
N ASN A 734 -31.88 7.67 0.21
CA ASN A 734 -33.09 8.39 -0.17
C ASN A 734 -33.86 7.64 -1.27
N ASP A 735 -34.39 6.48 -0.89
CA ASP A 735 -35.20 5.61 -1.74
C ASP A 735 -34.43 5.01 -2.90
N ILE A 736 -33.10 5.11 -2.91
CA ILE A 736 -32.27 4.53 -3.95
C ILE A 736 -31.59 3.30 -3.35
N LEU A 737 -31.86 2.14 -3.95
CA LEU A 737 -31.29 0.87 -3.50
C LEU A 737 -29.92 0.74 -4.17
N VAL A 738 -28.89 1.20 -3.47
CA VAL A 738 -27.58 1.35 -4.09
C VAL A 738 -26.91 -0.01 -4.29
N ARG A 739 -26.72 -0.75 -3.22
CA ARG A 739 -26.03 -2.02 -3.31
C ARG A 739 -26.39 -2.87 -2.10
N ALA A 740 -26.06 -4.16 -2.20
CA ALA A 740 -26.11 -5.08 -1.07
C ALA A 740 -24.70 -5.37 -0.61
N SER A 741 -24.48 -5.29 0.70
CA SER A 741 -23.19 -5.58 1.28
C SER A 741 -23.33 -6.69 2.32
N SER A 742 -22.21 -7.09 2.89
CA SER A 742 -22.16 -8.20 3.83
C SER A 742 -22.03 -7.67 5.25
N ARG A 743 -22.85 -8.22 6.15
CA ARG A 743 -22.74 -7.90 7.56
C ARG A 743 -21.64 -8.73 8.20
N LYS A 744 -21.00 -8.14 9.21
CA LYS A 744 -20.05 -8.91 10.00
C LYS A 744 -20.77 -9.83 10.97
N ASP A 745 -21.88 -9.37 11.54
CA ASP A 745 -22.62 -10.11 12.56
C ASP A 745 -23.60 -11.11 11.98
N SER A 746 -23.41 -11.53 10.74
CA SER A 746 -24.32 -12.47 10.10
C SER A 746 -23.87 -13.90 10.34
N TRP A 747 -24.83 -14.83 10.31
CA TRP A 747 -24.51 -16.23 10.45
C TRP A 747 -23.72 -16.78 9.27
N ASN A 748 -23.80 -16.13 8.11
CA ASN A 748 -23.06 -16.55 6.92
C ASN A 748 -21.81 -15.72 6.68
N GLY A 749 -21.85 -14.43 6.98
CA GLY A 749 -20.69 -13.57 6.83
C GLY A 749 -20.48 -13.05 5.42
N TYR A 750 -20.79 -13.87 4.41
CA TYR A 750 -20.53 -13.56 3.03
C TYR A 750 -21.77 -13.81 2.18
N ILE A 751 -21.93 -13.02 1.13
CA ILE A 751 -23.02 -13.18 0.18
C ILE A 751 -22.44 -13.34 -1.21
N CYS A 752 -23.20 -14.00 -2.08
CA CYS A 752 -22.69 -14.44 -3.36
C CYS A 752 -22.94 -13.39 -4.45
N ASP A 753 -22.44 -13.67 -5.64
CA ASP A 753 -22.59 -12.75 -6.76
C ASP A 753 -24.00 -12.74 -7.34
N TYR A 754 -24.81 -13.77 -7.04
CA TYR A 754 -26.20 -13.72 -7.46
C TYR A 754 -26.96 -12.64 -6.69
N CYS A 755 -26.81 -12.61 -5.37
CA CYS A 755 -27.48 -11.59 -4.56
C CYS A 755 -26.97 -10.19 -4.92
N ARG A 756 -25.65 -10.04 -5.05
CA ARG A 756 -25.09 -8.71 -5.29
C ARG A 756 -25.41 -8.22 -6.70
N PHE A 757 -25.25 -9.07 -7.71
CA PHE A 757 -25.21 -8.61 -9.09
C PHE A 757 -26.48 -8.91 -9.86
N GLU A 758 -27.23 -9.95 -9.49
CA GLU A 758 -28.54 -10.18 -10.07
C GLU A 758 -29.64 -9.45 -9.31
N ARG A 759 -29.40 -9.15 -8.03
CA ARG A 759 -30.31 -8.38 -7.19
C ARG A 759 -31.74 -8.95 -7.17
N PRO A 760 -31.93 -10.17 -6.65
CA PRO A 760 -33.30 -10.70 -6.55
C PRO A 760 -34.16 -9.95 -5.56
N TRP A 761 -33.57 -9.16 -4.67
CA TRP A 761 -34.32 -8.40 -3.69
C TRP A 761 -34.91 -7.10 -4.27
N ALA A 762 -34.42 -6.66 -5.43
CA ALA A 762 -34.93 -5.47 -6.09
C ALA A 762 -35.87 -5.81 -7.24
N GLN A 763 -36.24 -7.07 -7.39
CA GLN A 763 -37.02 -7.53 -8.53
C GLN A 763 -38.47 -7.72 -8.13
N ASP A 764 -39.37 -7.23 -8.98
CA ASP A 764 -40.80 -7.42 -8.77
C ASP A 764 -41.52 -7.22 -10.09
N ILE A 765 -42.50 -8.08 -10.35
CA ILE A 765 -43.40 -7.89 -11.48
C ILE A 765 -44.43 -6.84 -11.10
N ALA A 766 -44.65 -5.88 -12.01
CA ALA A 766 -45.44 -4.71 -11.65
C ALA A 766 -46.92 -5.04 -11.50
N GLN A 767 -47.48 -5.78 -12.45
CA GLN A 767 -48.91 -5.99 -12.56
C GLN A 767 -49.23 -7.47 -12.62
N PRO A 768 -50.45 -7.87 -12.26
CA PRO A 768 -50.83 -9.27 -12.35
C PRO A 768 -50.83 -9.77 -13.79
N ILE A 769 -50.47 -11.04 -13.96
CA ILE A 769 -50.39 -11.68 -15.27
C ILE A 769 -51.49 -12.73 -15.36
N LEU A 770 -52.30 -12.62 -16.41
CA LEU A 770 -53.40 -13.56 -16.66
C LEU A 770 -53.18 -14.17 -18.03
N LYS A 771 -52.87 -15.47 -18.06
CA LYS A 771 -52.65 -16.21 -19.30
C LYS A 771 -51.54 -15.58 -20.14
N GLY A 772 -50.44 -15.22 -19.48
CA GLY A 772 -49.25 -14.76 -20.17
C GLY A 772 -49.26 -13.32 -20.60
N ASN A 773 -50.32 -12.57 -20.31
CA ASN A 773 -50.40 -11.17 -20.68
C ASN A 773 -50.69 -10.33 -19.45
N ALA A 774 -50.01 -9.19 -19.35
CA ALA A 774 -50.22 -8.30 -18.22
C ALA A 774 -51.59 -7.67 -18.30
N VAL A 775 -52.27 -7.61 -17.16
CA VAL A 775 -53.61 -7.04 -17.06
C VAL A 775 -53.60 -5.98 -15.98
N SER A 776 -54.60 -5.10 -16.04
CA SER A 776 -54.79 -4.13 -14.98
C SER A 776 -55.41 -4.79 -13.76
N TRP A 777 -55.45 -4.05 -12.65
CA TRP A 777 -56.01 -4.60 -11.43
C TRP A 777 -57.52 -4.77 -11.52
N GLU A 778 -58.19 -4.07 -12.43
CA GLU A 778 -59.62 -4.28 -12.62
C GLU A 778 -59.89 -5.68 -13.13
N ASP A 779 -59.11 -6.14 -14.11
CA ASP A 779 -59.26 -7.50 -14.61
C ASP A 779 -58.93 -8.52 -13.52
N ALA A 780 -57.94 -8.22 -12.67
CA ALA A 780 -57.61 -9.12 -11.58
C ALA A 780 -58.75 -9.23 -10.58
N GLU A 781 -59.38 -8.10 -10.24
CA GLU A 781 -60.52 -8.14 -9.34
C GLU A 781 -61.69 -8.89 -9.95
N LYS A 782 -61.91 -8.71 -11.26
CA LYS A 782 -62.98 -9.44 -11.92
C LYS A 782 -62.71 -10.95 -11.92
N PHE A 783 -61.47 -11.35 -12.21
CA PHE A 783 -61.11 -12.77 -12.18
C PHE A 783 -61.27 -13.34 -10.77
N LEU A 784 -60.87 -12.57 -9.76
CA LEU A 784 -61.01 -13.04 -8.38
C LEU A 784 -62.48 -13.19 -8.00
N GLU A 785 -63.34 -12.28 -8.47
CA GLU A 785 -64.75 -12.36 -8.13
C GLU A 785 -65.45 -13.47 -8.90
N GLU A 786 -65.03 -13.76 -10.13
CA GLU A 786 -65.75 -14.71 -10.96
C GLU A 786 -65.38 -16.15 -10.61
N LYS A 787 -64.12 -16.52 -10.78
CA LYS A 787 -63.70 -17.91 -10.64
C LYS A 787 -63.58 -18.29 -9.16
N GLU A 788 -63.36 -19.58 -8.92
CA GLU A 788 -63.14 -20.08 -7.57
C GLU A 788 -61.83 -19.57 -7.00
N CYS A 789 -60.77 -19.57 -7.81
CA CYS A 789 -59.48 -18.94 -7.49
C CYS A 789 -58.86 -19.56 -6.23
N ALA A 790 -58.46 -20.82 -6.38
CA ALA A 790 -57.69 -21.48 -5.32
C ALA A 790 -56.40 -20.72 -5.05
N LEU A 791 -56.05 -20.60 -3.78
CA LEU A 791 -54.93 -19.77 -3.35
C LEU A 791 -53.66 -20.62 -3.32
N ILE A 792 -52.69 -20.27 -4.16
CA ILE A 792 -51.41 -20.96 -4.20
C ILE A 792 -50.35 -19.97 -3.72
N LEU A 793 -49.63 -20.35 -2.68
CA LEU A 793 -48.63 -19.48 -2.09
C LEU A 793 -47.26 -19.84 -2.63
N THR A 794 -46.47 -18.83 -2.93
CA THR A 794 -45.09 -19.01 -3.33
C THR A 794 -44.16 -18.74 -2.15
N PRO A 795 -42.95 -19.32 -2.17
CA PRO A 795 -42.05 -19.17 -1.03
C PRO A 795 -41.36 -17.81 -0.93
N SER A 796 -41.85 -16.80 -1.64
CA SER A 796 -41.32 -15.45 -1.55
C SER A 796 -42.12 -14.56 -0.61
N LEU A 797 -42.80 -15.13 0.37
CA LEU A 797 -43.62 -14.38 1.31
C LEU A 797 -43.05 -14.54 2.72
N THR A 798 -43.13 -13.47 3.51
CA THR A 798 -42.66 -13.55 4.88
C THR A 798 -43.65 -14.36 5.73
N ASN A 799 -43.20 -14.71 6.94
CA ASN A 799 -44.01 -15.57 7.81
C ASN A 799 -45.33 -14.91 8.18
N GLU A 800 -45.30 -13.61 8.48
CA GLU A 800 -46.53 -12.90 8.86
C GLU A 800 -47.52 -12.86 7.71
N GLU A 801 -47.02 -12.68 6.49
CA GLU A 801 -47.90 -12.72 5.32
C GLU A 801 -48.50 -14.10 5.13
N ILE A 802 -47.71 -15.15 5.37
CA ILE A 802 -48.23 -16.50 5.25
C ILE A 802 -49.34 -16.73 6.27
N MET A 803 -49.14 -16.25 7.50
CA MET A 803 -50.18 -16.36 8.52
C MET A 803 -51.44 -15.61 8.11
N PHE A 804 -51.29 -14.41 7.56
CA PHE A 804 -52.43 -13.61 7.14
C PHE A 804 -53.20 -14.30 6.01
N LEU A 805 -52.48 -14.80 5.01
CA LEU A 805 -53.13 -15.48 3.88
C LEU A 805 -53.79 -16.78 4.32
N LYS A 806 -53.15 -17.52 5.23
CA LYS A 806 -53.74 -18.74 5.73
C LYS A 806 -55.00 -18.47 6.52
N GLU A 807 -54.99 -17.44 7.37
CA GLU A 807 -56.19 -17.09 8.13
C GLU A 807 -57.30 -16.58 7.22
N LEU A 808 -56.95 -15.84 6.17
CA LEU A 808 -57.96 -15.40 5.21
C LEU A 808 -58.58 -16.60 4.49
N ALA A 809 -57.76 -17.58 4.11
CA ALA A 809 -58.29 -18.78 3.46
C ALA A 809 -59.17 -19.58 4.41
N GLU A 810 -58.77 -19.69 5.66
CA GLU A 810 -59.58 -20.41 6.65
C GLU A 810 -60.90 -19.69 6.90
N ARG A 811 -60.87 -18.36 6.99
CA ARG A 811 -62.08 -17.59 7.23
C ARG A 811 -63.04 -17.67 6.05
N LYS A 812 -62.51 -17.59 4.83
CA LYS A 812 -63.35 -17.60 3.65
C LYS A 812 -63.58 -18.99 3.08
N GLY A 813 -62.78 -19.98 3.48
CA GLY A 813 -62.94 -21.32 2.96
C GLY A 813 -62.27 -21.59 1.62
N ILE A 814 -61.55 -20.63 1.07
CA ILE A 814 -60.86 -20.83 -0.21
C ILE A 814 -59.75 -21.87 -0.03
N PRO A 815 -59.62 -22.84 -0.93
CA PRO A 815 -58.55 -23.83 -0.78
C PRO A 815 -57.17 -23.19 -0.92
N ILE A 816 -56.26 -23.57 -0.03
CA ILE A 816 -54.96 -22.94 0.10
C ILE A 816 -53.86 -23.99 -0.06
N GLY A 817 -52.83 -23.65 -0.80
CA GLY A 817 -51.70 -24.54 -0.97
C GLY A 817 -50.47 -23.74 -1.35
N SER A 818 -49.36 -24.46 -1.49
CA SER A 818 -48.10 -23.86 -1.88
C SER A 818 -47.45 -24.73 -2.95
N THR A 819 -46.63 -24.08 -3.79
CA THR A 819 -45.92 -24.83 -4.81
C THR A 819 -44.90 -25.81 -4.24
N ILE A 820 -44.51 -25.63 -2.99
CA ILE A 820 -43.43 -26.41 -2.40
C ILE A 820 -44.03 -27.57 -1.60
N ASP A 821 -43.38 -28.74 -1.72
CA ASP A 821 -43.86 -29.94 -1.07
C ASP A 821 -42.67 -30.67 -0.46
N GLY A 822 -42.95 -31.45 0.60
CA GLY A 822 -41.94 -32.24 1.26
C GLY A 822 -41.93 -31.96 2.75
N GLU A 823 -40.73 -32.08 3.34
CA GLU A 823 -40.52 -31.80 4.75
C GLU A 823 -39.29 -30.92 4.89
N GLY A 824 -39.26 -30.13 5.96
CA GLY A 824 -38.17 -29.22 6.18
C GLY A 824 -36.90 -29.91 6.62
N SER A 825 -35.82 -29.14 6.60
CA SER A 825 -34.51 -29.66 7.00
C SER A 825 -34.49 -29.98 8.49
N THR A 826 -33.62 -30.93 8.86
CA THR A 826 -33.43 -31.29 10.25
C THR A 826 -32.06 -30.87 10.78
N ALA A 827 -31.15 -30.46 9.93
CA ALA A 827 -29.82 -30.09 10.35
C ALA A 827 -29.75 -28.64 10.79
N THR A 828 -28.85 -28.35 11.72
CA THR A 828 -28.51 -27.00 12.12
C THR A 828 -27.15 -26.63 11.54
N LEU A 829 -26.80 -25.36 11.66
CA LEU A 829 -25.48 -24.92 11.19
C LEU A 829 -24.37 -25.55 12.00
N GLU A 830 -24.62 -25.87 13.27
CA GLU A 830 -23.64 -26.59 14.08
C GLU A 830 -23.35 -27.96 13.51
N ASP A 831 -24.38 -28.68 13.06
CA ASP A 831 -24.18 -30.01 12.52
C ASP A 831 -23.32 -29.99 11.27
N ILE A 832 -23.59 -29.06 10.36
CA ILE A 832 -22.77 -28.94 9.16
C ILE A 832 -21.37 -28.49 9.53
N ARG A 833 -21.23 -27.66 10.55
CA ARG A 833 -19.93 -27.17 10.97
C ARG A 833 -19.07 -28.26 11.60
N ASN A 834 -19.69 -29.19 12.32
CA ASN A 834 -18.94 -30.22 13.04
C ASN A 834 -18.70 -31.48 12.21
N ALA A 835 -19.64 -31.86 11.35
CA ALA A 835 -19.52 -33.09 10.59
C ALA A 835 -18.38 -32.99 9.58
N LYS A 836 -17.81 -34.14 9.24
CA LYS A 836 -16.69 -34.19 8.30
C LYS A 836 -16.96 -35.01 7.05
N ARG A 837 -17.89 -35.96 7.07
CA ARG A 837 -18.31 -36.68 5.87
C ARG A 837 -19.75 -36.30 5.55
N VAL A 838 -19.98 -35.80 4.35
CA VAL A 838 -21.27 -35.25 3.96
C VAL A 838 -21.76 -35.93 2.69
N LEU A 839 -23.07 -36.07 2.58
CA LEU A 839 -23.71 -36.58 1.37
C LEU A 839 -24.27 -35.40 0.58
N LEU A 840 -23.76 -35.20 -0.62
CA LEU A 840 -24.12 -34.06 -1.45
C LEU A 840 -24.93 -34.58 -2.64
N LYS A 841 -26.25 -34.44 -2.56
CA LYS A 841 -27.13 -34.78 -3.67
C LYS A 841 -27.74 -33.53 -4.30
N VAL A 842 -27.01 -32.41 -4.24
CA VAL A 842 -27.41 -31.17 -4.87
C VAL A 842 -26.30 -30.71 -5.80
N ASN A 843 -26.61 -29.71 -6.61
CA ASN A 843 -25.59 -29.04 -7.40
C ASN A 843 -24.97 -27.94 -6.54
N ILE A 844 -23.64 -27.95 -6.44
CA ILE A 844 -22.95 -27.00 -5.58
C ILE A 844 -23.09 -25.58 -6.12
N GLU A 845 -23.22 -25.42 -7.43
CA GLU A 845 -23.24 -24.10 -8.03
C GLU A 845 -24.58 -23.39 -7.85
N LYS A 846 -25.66 -24.14 -7.69
CA LYS A 846 -26.98 -23.52 -7.55
C LYS A 846 -27.25 -23.01 -6.14
N TYR A 847 -26.46 -23.44 -5.16
CA TYR A 847 -26.55 -22.92 -3.79
C TYR A 847 -25.13 -22.52 -3.38
N PRO A 848 -24.73 -21.28 -3.68
CA PRO A 848 -23.30 -20.92 -3.59
C PRO A 848 -22.73 -20.91 -2.18
N LEU A 849 -23.54 -20.75 -1.14
CA LEU A 849 -23.00 -20.74 0.22
C LEU A 849 -22.51 -22.12 0.64
N LEU A 850 -22.97 -23.19 -0.01
CA LEU A 850 -22.45 -24.52 0.30
C LEU A 850 -20.97 -24.63 -0.03
N LYS A 851 -20.49 -23.84 -0.98
CA LYS A 851 -19.07 -23.80 -1.26
C LYS A 851 -18.27 -23.35 -0.04
N LEU A 852 -18.78 -22.33 0.67
CA LEU A 852 -18.11 -21.85 1.86
C LEU A 852 -18.33 -22.77 3.06
N LEU A 853 -19.54 -23.32 3.20
CA LEU A 853 -19.86 -24.09 4.39
C LEU A 853 -19.19 -25.45 4.40
N LEU A 854 -18.89 -26.01 3.23
CA LEU A 854 -18.39 -27.37 3.10
C LEU A 854 -16.89 -27.43 2.80
N LYS A 855 -16.13 -26.44 3.24
CA LYS A 855 -14.72 -26.39 2.88
C LYS A 855 -13.95 -27.45 3.65
N GLY A 856 -13.29 -28.35 2.92
CA GLY A 856 -12.50 -29.40 3.53
C GLY A 856 -13.27 -30.59 4.02
N LYS A 857 -14.59 -30.60 3.87
CA LYS A 857 -15.37 -31.77 4.25
C LYS A 857 -15.18 -32.87 3.22
N GLU A 858 -15.59 -34.08 3.59
CA GLU A 858 -15.48 -35.24 2.71
C GLU A 858 -16.82 -35.48 2.04
N ILE A 859 -16.84 -35.41 0.71
CA ILE A 859 -18.05 -35.69 -0.06
C ILE A 859 -18.04 -37.19 -0.38
N VAL A 860 -18.92 -37.94 0.27
CA VAL A 860 -18.92 -39.38 0.19
C VAL A 860 -20.27 -39.86 -0.31
N GLU A 861 -20.33 -41.14 -0.65
CA GLU A 861 -21.58 -41.82 -0.96
C GLU A 861 -21.92 -42.89 0.06
N GLU A 862 -21.02 -43.20 0.98
CA GLU A 862 -21.27 -44.18 2.02
C GLU A 862 -20.71 -43.69 3.34
N GLY A 863 -21.32 -44.13 4.44
CA GLY A 863 -20.83 -43.79 5.77
C GLY A 863 -20.87 -42.31 6.08
N TYR A 864 -21.91 -41.61 5.64
CA TYR A 864 -21.99 -40.17 5.80
C TYR A 864 -22.45 -39.79 7.20
N GLU A 865 -22.30 -38.50 7.52
CA GLU A 865 -22.73 -37.96 8.80
C GLU A 865 -23.88 -36.98 8.68
N VAL A 866 -23.89 -36.14 7.64
CA VAL A 866 -25.04 -35.30 7.31
C VAL A 866 -25.29 -35.37 5.81
N ALA A 867 -26.53 -35.10 5.42
CA ALA A 867 -26.97 -35.26 4.05
C ALA A 867 -27.50 -33.93 3.51
N ILE A 868 -27.12 -33.60 2.28
CA ILE A 868 -27.54 -32.38 1.62
C ILE A 868 -28.31 -32.78 0.37
N ILE A 869 -29.63 -32.59 0.40
CA ILE A 869 -30.50 -33.00 -0.69
C ILE A 869 -31.35 -31.81 -1.12
N GLU A 870 -31.77 -31.85 -2.38
CA GLU A 870 -32.57 -30.77 -2.95
C GLU A 870 -34.04 -31.16 -2.94
N GLY A 871 -34.89 -30.24 -2.48
CA GLY A 871 -36.30 -30.49 -2.39
C GLY A 871 -36.96 -30.61 -3.75
N PRO A 872 -38.12 -31.27 -3.81
CA PRO A 872 -38.88 -31.90 -2.72
C PRO A 872 -38.25 -33.19 -2.25
N ALA A 873 -38.21 -33.44 -0.95
CA ALA A 873 -37.53 -34.61 -0.42
C ALA A 873 -37.99 -34.87 1.01
N GLU A 874 -37.66 -36.05 1.49
CA GLU A 874 -37.94 -36.50 2.83
C GLU A 874 -36.66 -36.51 3.65
N PRO A 875 -36.72 -36.18 4.94
CA PRO A 875 -35.50 -36.26 5.76
C PRO A 875 -34.96 -37.68 5.83
N MET A 876 -33.64 -37.78 5.76
CA MET A 876 -32.95 -39.06 5.81
C MET A 876 -32.64 -39.42 7.26
N ASP A 877 -31.95 -40.54 7.45
CA ASP A 877 -31.62 -40.98 8.81
C ASP A 877 -30.67 -39.99 9.48
N VAL A 878 -29.59 -39.63 8.80
CA VAL A 878 -28.63 -38.65 9.31
C VAL A 878 -29.28 -37.27 9.23
N PRO A 879 -28.80 -36.28 9.98
CA PRO A 879 -29.37 -34.94 9.88
C PRO A 879 -29.25 -34.39 8.46
N THR A 880 -30.39 -34.02 7.89
CA THR A 880 -30.49 -33.70 6.48
C THR A 880 -30.62 -32.19 6.27
N LEU A 881 -30.10 -31.73 5.15
CA LEU A 881 -30.19 -30.34 4.74
C LEU A 881 -30.99 -30.31 3.44
N ILE A 882 -32.27 -29.99 3.56
CA ILE A 882 -33.17 -29.96 2.41
C ILE A 882 -33.22 -28.52 1.92
N LEU A 883 -32.78 -28.31 0.68
CA LEU A 883 -32.63 -26.99 0.11
C LEU A 883 -33.66 -26.77 -0.97
N HIS A 884 -34.47 -25.73 -0.83
CA HIS A 884 -35.41 -25.30 -1.84
C HIS A 884 -34.90 -24.02 -2.49
N ASP A 885 -35.60 -23.57 -3.52
CA ASP A 885 -35.21 -22.36 -4.23
C ASP A 885 -35.92 -21.12 -3.71
N GLY A 886 -36.82 -21.27 -2.76
CA GLY A 886 -37.54 -20.14 -2.19
C GLY A 886 -37.07 -19.86 -0.77
N VAL A 887 -37.00 -18.58 -0.43
CA VAL A 887 -36.44 -18.17 0.85
C VAL A 887 -37.29 -18.70 2.01
N ASN A 888 -38.61 -18.52 1.92
CA ASN A 888 -39.49 -18.96 3.00
C ASN A 888 -40.21 -20.25 2.64
N ALA A 889 -39.51 -21.15 1.94
CA ALA A 889 -40.04 -22.48 1.72
C ALA A 889 -40.19 -23.24 3.04
N THR A 890 -39.19 -23.10 3.92
CA THR A 890 -39.29 -23.75 5.22
C THR A 890 -40.42 -23.18 6.07
N GLY A 891 -40.67 -21.87 5.94
CA GLY A 891 -41.81 -21.28 6.62
C GLY A 891 -43.13 -21.79 6.09
N LEU A 892 -43.21 -22.06 4.79
CA LEU A 892 -44.40 -22.68 4.22
C LEU A 892 -44.57 -24.11 4.72
N ILE A 893 -43.47 -24.85 4.82
CA ILE A 893 -43.54 -26.24 5.28
C ILE A 893 -43.94 -26.28 6.75
N LYS A 894 -43.44 -25.33 7.55
CA LYS A 894 -43.75 -25.31 8.97
C LYS A 894 -45.23 -25.00 9.22
N ALA A 895 -45.78 -24.02 8.52
CA ALA A 895 -47.18 -23.64 8.70
C ALA A 895 -48.14 -24.66 8.12
N GLY A 896 -47.65 -25.61 7.33
CA GLY A 896 -48.49 -26.67 6.81
C GLY A 896 -49.42 -26.22 5.70
N VAL A 897 -48.85 -25.72 4.61
CA VAL A 897 -49.65 -25.30 3.47
C VAL A 897 -49.14 -25.99 2.21
N THR A 898 -48.60 -27.20 2.37
CA THR A 898 -47.97 -27.88 1.26
C THR A 898 -49.01 -28.39 0.26
N GLY A 899 -48.53 -28.72 -0.93
CA GLY A 899 -49.35 -29.34 -1.95
C GLY A 899 -50.12 -28.34 -2.78
N ILE A 900 -50.55 -28.80 -3.95
CA ILE A 900 -51.40 -28.01 -4.85
C ILE A 900 -52.81 -28.57 -4.75
N PRO A 901 -53.75 -27.88 -4.12
CA PRO A 901 -55.12 -28.39 -4.05
C PRO A 901 -55.80 -28.35 -5.40
N GLU A 902 -56.92 -29.06 -5.50
CA GLU A 902 -57.63 -29.21 -6.76
C GLU A 902 -58.73 -28.17 -6.86
N ALA A 903 -58.76 -27.45 -7.99
CA ALA A 903 -59.78 -26.45 -8.26
C ALA A 903 -59.78 -26.14 -9.75
N LYS A 904 -60.62 -25.18 -10.14
CA LYS A 904 -60.74 -24.82 -11.55
C LYS A 904 -59.64 -23.85 -11.99
N ALA A 905 -59.62 -22.67 -11.39
CA ALA A 905 -58.64 -21.65 -11.71
C ALA A 905 -57.84 -21.30 -10.46
N TYR A 906 -56.59 -20.88 -10.66
CA TYR A 906 -55.65 -20.71 -9.57
C TYR A 906 -55.13 -19.29 -9.52
N VAL A 907 -55.19 -18.68 -8.34
CA VAL A 907 -54.53 -17.41 -8.07
C VAL A 907 -53.27 -17.69 -7.27
N VAL A 908 -52.13 -17.36 -7.85
CA VAL A 908 -50.82 -17.65 -7.27
C VAL A 908 -50.20 -16.33 -6.83
N ILE A 909 -49.75 -16.27 -5.59
CA ILE A 909 -49.16 -15.06 -5.02
C ILE A 909 -47.66 -15.16 -5.21
N GLY A 910 -47.16 -14.60 -6.31
CA GLY A 910 -45.74 -14.62 -6.58
C GLY A 910 -45.41 -15.30 -7.88
N ASN A 911 -44.53 -14.72 -8.68
CA ASN A 911 -44.19 -15.26 -10.00
C ASN A 911 -43.09 -16.30 -9.84
N SER A 912 -43.47 -17.43 -9.32
CA SER A 912 -42.44 -18.44 -9.15
C SER A 912 -42.40 -19.39 -10.34
N PRO A 913 -41.25 -19.96 -10.65
CA PRO A 913 -41.18 -20.99 -11.68
C PRO A 913 -41.90 -22.26 -11.24
N ALA A 914 -41.96 -23.22 -12.15
CA ALA A 914 -42.67 -24.49 -12.00
C ALA A 914 -44.18 -24.29 -11.81
N ILE A 915 -44.68 -23.08 -12.02
CA ILE A 915 -46.13 -22.88 -12.05
C ILE A 915 -46.70 -23.26 -13.40
N SER A 916 -45.86 -23.42 -14.42
CA SER A 916 -46.33 -23.90 -15.71
C SER A 916 -46.77 -25.35 -15.65
N LYS A 917 -46.27 -26.11 -14.67
CA LYS A 917 -46.72 -27.48 -14.49
C LYS A 917 -48.18 -27.53 -14.07
N LEU A 918 -48.66 -26.47 -13.43
CA LEU A 918 -50.03 -26.45 -12.90
C LEU A 918 -51.05 -26.53 -14.03
N LYS A 919 -52.17 -27.18 -13.74
CA LYS A 919 -53.24 -27.35 -14.70
C LYS A 919 -54.29 -26.26 -14.57
N GLY A 920 -54.70 -25.69 -15.70
CA GLY A 920 -55.76 -24.70 -15.73
C GLY A 920 -55.31 -23.34 -16.24
N GLU A 921 -55.94 -22.29 -15.72
CA GLU A 921 -55.58 -20.92 -16.03
C GLU A 921 -55.04 -20.24 -14.79
N TYR A 922 -54.03 -19.39 -14.96
CA TYR A 922 -53.28 -18.81 -13.86
C TYR A 922 -53.57 -17.32 -13.73
N LEU A 923 -53.68 -16.85 -12.49
CA LEU A 923 -53.62 -15.44 -12.17
C LEU A 923 -52.42 -15.24 -11.25
N ILE A 924 -51.33 -14.71 -11.79
CA ILE A 924 -50.11 -14.50 -11.02
C ILE A 924 -50.20 -13.14 -10.35
N LEU A 925 -50.46 -13.14 -9.05
CA LEU A 925 -50.41 -11.86 -8.36
C LEU A 925 -48.98 -11.57 -7.92
N PRO A 926 -48.51 -10.34 -8.13
CA PRO A 926 -47.17 -9.98 -7.64
C PRO A 926 -47.11 -10.03 -6.12
N SER A 927 -45.97 -10.46 -5.60
CA SER A 927 -45.76 -10.49 -4.16
C SER A 927 -45.17 -9.19 -3.63
N GLY A 928 -44.50 -8.43 -4.45
CA GLY A 928 -43.92 -7.17 -4.06
C GLY A 928 -42.40 -7.21 -4.04
N LEU A 929 -41.82 -6.06 -3.80
CA LEU A 929 -40.37 -5.96 -3.67
C LEU A 929 -39.93 -6.56 -2.35
N TRP A 930 -38.88 -7.38 -2.40
CA TRP A 930 -38.36 -7.98 -1.18
C TRP A 930 -37.77 -6.92 -0.27
N ALA A 931 -37.09 -5.94 -0.84
CA ALA A 931 -36.45 -4.89 -0.05
C ALA A 931 -37.46 -3.99 0.66
N GLU A 932 -38.71 -3.98 0.21
CA GLU A 932 -39.75 -3.15 0.82
C GLU A 932 -40.60 -3.92 1.81
N LYS A 933 -40.12 -5.07 2.27
CA LYS A 933 -40.90 -5.97 3.09
C LYS A 933 -40.33 -6.04 4.50
N GLU A 934 -41.21 -6.26 5.46
CA GLU A 934 -40.82 -6.39 6.86
C GLU A 934 -41.47 -7.63 7.45
N GLY A 935 -40.77 -8.26 8.37
CA GLY A 935 -41.24 -9.44 9.05
C GLY A 935 -40.10 -10.39 9.31
N THR A 936 -40.43 -11.66 9.52
CA THR A 936 -39.43 -12.70 9.70
C THR A 936 -39.60 -13.77 8.63
N VAL A 937 -38.51 -14.50 8.37
CA VAL A 937 -38.54 -15.67 7.52
C VAL A 937 -37.87 -16.82 8.27
N THR A 938 -38.14 -18.03 7.82
CA THR A 938 -37.49 -19.23 8.32
C THR A 938 -36.62 -19.79 7.21
N ASN A 939 -35.31 -19.87 7.45
CA ASN A 939 -34.42 -20.37 6.43
C ASN A 939 -34.17 -21.86 6.66
N ALA A 940 -33.26 -22.42 5.86
CA ALA A 940 -33.10 -23.87 5.80
C ALA A 940 -32.71 -24.45 7.15
N PHE A 941 -31.85 -23.77 7.89
CA PHE A 941 -31.37 -24.28 9.15
C PHE A 941 -32.33 -24.04 10.31
N GLY A 942 -33.53 -23.52 10.04
CA GLY A 942 -34.51 -23.30 11.07
C GLY A 942 -34.40 -21.98 11.79
N MET A 943 -33.48 -21.10 11.39
CA MET A 943 -33.36 -19.79 12.03
C MET A 943 -34.54 -18.90 11.62
N ASP A 944 -34.99 -18.08 12.56
CA ASP A 944 -36.01 -17.07 12.28
C ASP A 944 -35.29 -15.74 12.10
N LEU A 945 -35.15 -15.32 10.84
CA LEU A 945 -34.36 -14.16 10.47
C LEU A 945 -35.26 -13.00 10.08
N LYS A 946 -34.88 -11.80 10.51
CA LYS A 946 -35.74 -10.63 10.35
C LYS A 946 -35.47 -9.90 9.03
N VAL A 947 -36.56 -9.46 8.41
CA VAL A 947 -36.53 -8.68 7.18
C VAL A 947 -36.97 -7.27 7.53
N LYS A 948 -36.25 -6.28 7.03
CA LYS A 948 -36.58 -4.89 7.29
C LYS A 948 -36.77 -4.14 5.98
N LYS A 949 -37.45 -3.00 6.08
CA LYS A 949 -37.84 -2.21 4.91
C LYS A 949 -36.72 -1.26 4.53
N ALA A 950 -36.28 -1.32 3.28
CA ALA A 950 -35.34 -0.34 2.77
C ALA A 950 -36.03 0.98 2.45
N ARG A 951 -37.28 0.92 1.99
CA ARG A 951 -38.06 2.12 1.69
C ARG A 951 -39.53 1.78 1.88
N LYS A 952 -40.39 2.80 1.74
CA LYS A 952 -41.81 2.61 1.99
C LYS A 952 -42.44 1.79 0.88
N ALA A 953 -43.39 0.94 1.25
CA ALA A 953 -43.98 -0.03 0.34
C ALA A 953 -45.17 0.60 -0.37
N HIS A 954 -45.12 0.59 -1.70
CA HIS A 954 -46.24 1.05 -2.51
C HIS A 954 -47.24 -0.06 -2.82
N TYR A 955 -46.93 -1.30 -2.45
CA TYR A 955 -47.82 -2.43 -2.69
C TYR A 955 -47.75 -3.38 -1.50
N ASP A 956 -48.91 -3.92 -1.12
CA ASP A 956 -48.99 -4.89 -0.05
C ASP A 956 -50.02 -5.94 -0.43
N VAL A 957 -49.67 -7.21 -0.22
CA VAL A 957 -50.59 -8.29 -0.56
C VAL A 957 -51.76 -8.36 0.39
N LYS A 958 -51.63 -7.76 1.57
CA LYS A 958 -52.71 -7.82 2.55
C LYS A 958 -53.92 -7.01 2.10
N SER A 959 -53.69 -5.77 1.68
CA SER A 959 -54.82 -4.93 1.28
C SER A 959 -55.39 -5.33 -0.08
N LEU A 960 -54.61 -6.03 -0.91
CA LEU A 960 -55.10 -6.43 -2.22
C LEU A 960 -56.25 -7.42 -2.10
N PHE A 961 -56.14 -8.39 -1.19
CA PHE A 961 -57.19 -9.37 -0.99
C PHE A 961 -58.33 -8.88 -0.12
N ASN A 962 -58.16 -7.73 0.54
CA ASN A 962 -59.18 -7.15 1.42
C ASN A 962 -59.59 -8.12 2.51
N GLU B 3 57.63 -42.50 -0.23
CA GLU B 3 56.93 -42.67 -1.50
C GLU B 3 55.66 -41.83 -1.53
N ILE B 4 55.42 -41.16 -2.64
CA ILE B 4 54.26 -40.28 -2.77
C ILE B 4 53.01 -41.15 -2.88
N LYS B 5 52.18 -41.13 -1.85
CA LYS B 5 50.97 -41.93 -1.83
C LYS B 5 49.89 -41.36 -2.73
N ALA B 6 49.70 -40.04 -2.72
CA ALA B 6 48.58 -39.44 -3.42
C ALA B 6 48.92 -38.04 -3.87
N ILE B 7 48.20 -37.58 -4.88
CA ILE B 7 48.23 -36.21 -5.34
C ILE B 7 46.80 -35.69 -5.33
N ALA B 8 46.57 -34.61 -4.60
CA ALA B 8 45.23 -34.07 -4.41
C ALA B 8 45.14 -32.67 -5.01
N VAL B 9 43.99 -32.39 -5.64
CA VAL B 9 43.72 -31.09 -6.24
C VAL B 9 42.42 -30.55 -5.65
N GLY B 10 42.44 -29.30 -5.20
CA GLY B 10 41.28 -28.71 -4.57
C GLY B 10 40.19 -28.43 -5.58
N MET B 11 39.01 -29.03 -5.38
CA MET B 11 37.93 -29.01 -6.37
C MET B 11 36.64 -28.50 -5.75
N ASN B 12 36.71 -27.39 -5.05
CA ASN B 12 35.52 -26.67 -4.62
C ASN B 12 35.12 -25.67 -5.70
N SER B 13 34.04 -24.92 -5.45
CA SER B 13 33.61 -23.91 -6.41
C SER B 13 34.67 -22.83 -6.58
N CYS B 14 35.31 -22.43 -5.49
CA CYS B 14 36.41 -21.46 -5.56
C CYS B 14 37.58 -22.02 -6.37
N GLY B 15 37.91 -23.29 -6.16
CA GLY B 15 38.97 -23.90 -6.94
C GLY B 15 38.59 -24.06 -8.40
N ILE B 16 37.35 -24.48 -8.67
CA ILE B 16 36.88 -24.68 -10.03
C ILE B 16 36.93 -23.37 -10.81
N ALA B 17 36.55 -22.27 -10.16
CA ALA B 17 36.58 -20.97 -10.83
C ALA B 17 38.00 -20.52 -11.16
N ALA B 18 38.98 -20.94 -10.37
CA ALA B 18 40.36 -20.51 -10.59
C ALA B 18 41.07 -21.30 -11.69
N GLY B 19 40.55 -22.48 -12.05
CA GLY B 19 41.23 -23.28 -13.03
C GLY B 19 41.71 -24.61 -12.48
N ALA B 20 40.96 -25.17 -11.52
CA ALA B 20 41.34 -26.44 -10.94
C ALA B 20 41.03 -27.62 -11.85
N ARG B 21 40.00 -27.52 -12.70
CA ARG B 21 39.72 -28.59 -13.65
C ARG B 21 40.87 -28.75 -14.64
N GLU B 22 41.39 -27.63 -15.15
CA GLU B 22 42.52 -27.69 -16.08
C GLU B 22 43.75 -28.27 -15.40
N THR B 23 44.01 -27.87 -14.16
CA THR B 23 45.15 -28.41 -13.42
C THR B 23 44.98 -29.90 -13.15
N TYR B 24 43.77 -30.33 -12.77
CA TYR B 24 43.51 -31.73 -12.49
C TYR B 24 43.70 -32.58 -13.75
N GLU B 25 43.20 -32.11 -14.89
CA GLU B 25 43.39 -32.83 -16.13
C GLU B 25 44.86 -32.84 -16.55
N ALA B 26 45.57 -31.74 -16.32
CA ALA B 26 47.00 -31.72 -16.64
C ALA B 26 47.77 -32.70 -15.78
N VAL B 27 47.41 -32.81 -14.50
CA VAL B 27 48.03 -33.79 -13.61
C VAL B 27 47.74 -35.20 -14.09
N LYS B 28 46.49 -35.47 -14.48
CA LYS B 28 46.15 -36.80 -15.00
C LYS B 28 46.94 -37.12 -16.26
N GLU B 29 47.06 -36.14 -17.17
CA GLU B 29 47.84 -36.35 -18.38
C GLU B 29 49.31 -36.60 -18.06
N GLU B 30 49.86 -35.87 -17.10
CA GLU B 30 51.28 -36.03 -16.78
C GLU B 30 51.55 -37.35 -16.08
N LEU B 31 50.63 -37.80 -15.24
CA LEU B 31 50.77 -39.12 -14.62
C LEU B 31 50.65 -40.23 -15.65
N GLU B 32 49.73 -40.07 -16.60
CA GLU B 32 49.58 -41.07 -17.66
C GLU B 32 50.80 -41.11 -18.58
N LYS B 33 51.37 -39.93 -18.86
CA LYS B 33 52.50 -39.86 -19.77
C LYS B 33 53.76 -40.46 -19.15
N ARG B 34 53.98 -40.22 -17.87
CA ARG B 34 55.17 -40.70 -17.17
C ARG B 34 55.03 -42.13 -16.68
N ASN B 35 53.89 -42.77 -16.92
CA ASN B 35 53.61 -44.14 -16.47
C ASN B 35 53.74 -44.27 -14.95
N LEU B 36 53.21 -43.27 -14.24
CA LEU B 36 53.20 -43.29 -12.78
C LEU B 36 51.87 -43.86 -12.27
N ASP B 37 51.91 -44.36 -11.05
CA ASP B 37 50.77 -45.07 -10.46
C ASP B 37 50.41 -44.45 -9.11
N ILE B 38 50.26 -43.13 -9.09
CA ILE B 38 49.86 -42.41 -7.90
C ILE B 38 48.36 -42.17 -7.95
N LYS B 39 47.73 -42.16 -6.77
CA LYS B 39 46.29 -41.94 -6.69
C LYS B 39 45.99 -40.47 -6.85
N LEU B 40 45.16 -40.14 -7.85
CA LEU B 40 44.75 -38.77 -8.10
C LEU B 40 43.36 -38.57 -7.49
N LYS B 41 43.29 -37.74 -6.46
CA LYS B 41 42.05 -37.50 -5.73
C LYS B 41 41.74 -36.00 -5.73
N ILE B 42 40.48 -35.69 -5.51
CA ILE B 42 40.06 -34.30 -5.35
C ILE B 42 39.83 -34.05 -3.88
N VAL B 43 40.08 -32.80 -3.46
CA VAL B 43 39.85 -32.38 -2.09
C VAL B 43 39.05 -31.08 -2.13
N GLY B 44 38.52 -30.70 -0.98
CA GLY B 44 37.77 -29.47 -0.87
C GLY B 44 38.66 -28.24 -0.82
N CYS B 45 38.31 -27.29 0.03
CA CYS B 45 39.07 -26.07 0.20
C CYS B 45 39.63 -26.03 1.62
N VAL B 46 40.95 -25.91 1.74
CA VAL B 46 41.54 -25.74 3.06
C VAL B 46 41.20 -24.36 3.62
N GLY B 47 41.22 -23.34 2.77
CA GLY B 47 40.90 -22.00 3.21
C GLY B 47 41.72 -20.94 2.51
N MET B 48 42.85 -21.32 1.91
CA MET B 48 43.71 -20.38 1.20
C MET B 48 43.16 -20.17 -0.21
N CYS B 49 42.02 -19.48 -0.27
CA CYS B 49 41.39 -19.18 -1.55
C CYS B 49 42.21 -18.19 -2.38
N TYR B 50 43.10 -17.43 -1.75
CA TYR B 50 43.95 -16.51 -2.49
C TYR B 50 45.13 -17.19 -3.17
N ARG B 51 45.47 -18.40 -2.75
CA ARG B 51 46.61 -19.13 -3.27
C ARG B 51 46.23 -20.23 -4.25
N GLU B 52 44.97 -20.26 -4.69
CA GLU B 52 44.46 -21.33 -5.54
C GLU B 52 44.89 -21.14 -6.99
N PRO B 53 44.95 -22.23 -7.79
CA PRO B 53 44.63 -23.64 -7.48
C PRO B 53 45.68 -24.31 -6.61
N LEU B 54 45.24 -25.16 -5.68
CA LEU B 54 46.14 -25.79 -4.72
C LEU B 54 46.32 -27.26 -5.08
N LEU B 55 47.56 -27.70 -5.15
CA LEU B 55 47.90 -29.09 -5.42
C LEU B 55 48.63 -29.64 -4.21
N ASP B 56 48.12 -30.74 -3.66
CA ASP B 56 48.68 -31.37 -2.48
C ASP B 56 49.34 -32.67 -2.88
N ILE B 57 50.60 -32.85 -2.46
CA ILE B 57 51.31 -34.10 -2.64
C ILE B 57 51.38 -34.76 -1.26
N ILE B 58 50.69 -35.88 -1.12
CA ILE B 58 50.46 -36.50 0.17
C ILE B 58 51.42 -37.67 0.32
N THR B 59 52.43 -37.51 1.17
CA THR B 59 53.21 -38.63 1.64
C THR B 59 52.52 -39.23 2.86
N ASP B 60 53.00 -40.38 3.30
CA ASP B 60 52.39 -41.04 4.45
C ASP B 60 52.53 -40.21 5.72
N ASN B 61 53.55 -39.36 5.79
CA ASN B 61 53.82 -38.57 6.99
C ASN B 61 53.75 -37.07 6.79
N GLU B 62 53.81 -36.56 5.57
CA GLU B 62 53.77 -35.13 5.35
C GLU B 62 52.96 -34.80 4.11
N ILE B 63 52.40 -33.59 4.10
CA ILE B 63 51.66 -33.08 2.96
C ILE B 63 52.32 -31.78 2.52
N ILE B 64 52.63 -31.67 1.24
CA ILE B 64 53.25 -30.49 0.66
C ILE B 64 52.25 -29.90 -0.32
N THR B 65 51.76 -28.70 -0.03
CA THR B 65 50.71 -28.05 -0.80
C THR B 65 51.31 -26.91 -1.61
N TYR B 66 51.19 -26.99 -2.93
CA TYR B 66 51.70 -25.97 -3.83
C TYR B 66 50.59 -25.02 -4.24
N GLY B 67 50.91 -23.73 -4.30
CA GLY B 67 49.93 -22.73 -4.66
C GLY B 67 50.11 -22.17 -6.06
N HIS B 68 49.02 -21.66 -6.64
CA HIS B 68 49.01 -21.14 -8.01
C HIS B 68 49.48 -22.19 -9.01
N VAL B 69 48.97 -23.40 -8.86
CA VAL B 69 49.36 -24.50 -9.74
C VAL B 69 48.56 -24.42 -11.03
N THR B 70 49.11 -23.74 -12.03
CA THR B 70 48.53 -23.69 -13.36
C THR B 70 48.85 -24.98 -14.10
N PRO B 71 48.17 -25.26 -15.22
CA PRO B 71 48.51 -26.46 -16.00
C PRO B 71 49.96 -26.51 -16.45
N ASP B 72 50.56 -25.38 -16.81
CA ASP B 72 51.93 -25.41 -17.31
C ASP B 72 52.96 -25.59 -16.20
N ARG B 73 52.62 -25.27 -14.95
CA ARG B 73 53.53 -25.58 -13.85
C ARG B 73 53.54 -27.05 -13.50
N VAL B 74 52.52 -27.80 -13.94
CA VAL B 74 52.38 -29.20 -13.50
C VAL B 74 53.54 -30.10 -13.95
N PRO B 75 54.04 -30.04 -15.19
CA PRO B 75 55.18 -30.91 -15.53
C PRO B 75 56.39 -30.70 -14.65
N ARG B 76 56.68 -29.44 -14.31
CA ARG B 76 57.81 -29.16 -13.43
C ARG B 76 57.62 -29.77 -12.06
N ILE B 77 56.44 -29.58 -11.47
CA ILE B 77 56.17 -30.13 -10.14
C ILE B 77 56.26 -31.64 -10.16
N ILE B 78 55.65 -32.27 -11.16
CA ILE B 78 55.64 -33.73 -11.23
C ILE B 78 57.06 -34.25 -11.34
N GLU B 79 57.83 -33.72 -12.29
CA GLU B 79 59.18 -34.20 -12.51
C GLU B 79 60.06 -34.00 -11.29
N GLU B 80 59.99 -32.82 -10.66
CA GLU B 80 60.93 -32.52 -9.59
C GLU B 80 60.53 -33.13 -8.25
N HIS B 81 59.23 -33.32 -8.01
CA HIS B 81 58.80 -33.81 -6.71
C HIS B 81 58.43 -35.29 -6.71
N VAL B 82 57.56 -35.74 -7.62
CA VAL B 82 57.07 -37.10 -7.46
C VAL B 82 58.06 -38.12 -8.01
N ILE B 83 59.02 -37.72 -8.82
CA ILE B 83 59.98 -38.64 -9.42
C ILE B 83 61.38 -38.44 -8.84
N ASN B 84 61.88 -37.21 -8.88
CA ASN B 84 63.21 -36.94 -8.31
C ASN B 84 63.17 -36.88 -6.79
N GLY B 85 62.11 -36.31 -6.22
CA GLY B 85 61.97 -36.24 -4.78
C GLY B 85 62.39 -34.94 -4.14
N LYS B 86 62.66 -33.89 -4.92
CA LYS B 86 63.07 -32.61 -4.38
C LYS B 86 61.90 -31.63 -4.39
N PRO B 87 61.42 -31.17 -3.24
CA PRO B 87 60.39 -30.13 -3.24
C PRO B 87 60.92 -28.82 -3.79
N ILE B 88 60.03 -28.09 -4.46
CA ILE B 88 60.33 -26.78 -5.02
C ILE B 88 59.87 -25.75 -4.01
N GLU B 89 60.80 -25.26 -3.18
CA GLU B 89 60.42 -24.50 -2.00
C GLU B 89 59.82 -23.14 -2.35
N ASP B 90 60.02 -22.65 -3.57
CA ASP B 90 59.44 -21.38 -3.96
C ASP B 90 57.91 -21.46 -4.04
N TRP B 91 57.36 -22.59 -4.47
CA TRP B 91 55.93 -22.75 -4.67
C TRP B 91 55.22 -23.39 -3.49
N VAL B 92 55.93 -23.84 -2.47
CA VAL B 92 55.33 -24.56 -1.35
C VAL B 92 54.70 -23.54 -0.42
N VAL B 93 53.37 -23.57 -0.32
CA VAL B 93 52.66 -22.59 0.51
C VAL B 93 52.14 -23.19 1.80
N LYS B 94 52.21 -24.50 1.98
CA LYS B 94 51.61 -25.12 3.14
C LYS B 94 52.23 -26.50 3.36
N LYS B 95 52.52 -26.80 4.61
CA LYS B 95 53.05 -28.10 5.01
C LYS B 95 52.22 -28.64 6.16
N ASP B 96 51.94 -29.94 6.13
CA ASP B 96 51.19 -30.61 7.18
C ASP B 96 51.94 -31.85 7.60
N TRP B 97 52.10 -32.04 8.90
CA TRP B 97 52.76 -33.22 9.45
C TRP B 97 52.02 -33.66 10.70
N TRP B 98 52.15 -34.94 11.02
CA TRP B 98 51.44 -35.53 12.15
C TRP B 98 52.40 -35.78 13.29
N GLU B 99 52.08 -35.24 14.46
CA GLU B 99 52.78 -35.57 15.69
C GLU B 99 51.75 -35.93 16.75
N ASN B 100 51.82 -37.17 17.24
CA ASN B 100 50.92 -37.69 18.28
C ASN B 100 49.46 -37.60 17.84
N GLY B 101 49.20 -37.85 16.56
CA GLY B 101 47.83 -37.93 16.09
C GLY B 101 47.13 -36.59 15.93
N GLN B 102 47.84 -35.48 16.07
CA GLN B 102 47.30 -34.16 15.81
C GLN B 102 48.06 -33.56 14.64
N ARG B 103 47.33 -33.07 13.65
CA ARG B 103 47.92 -32.52 12.45
C ARG B 103 48.40 -31.09 12.70
N LYS B 104 49.66 -30.83 12.39
CA LYS B 104 50.26 -29.52 12.55
C LYS B 104 50.48 -28.89 11.18
N THR B 105 50.27 -27.59 11.10
CA THR B 105 50.26 -26.87 9.84
C THR B 105 51.32 -25.76 9.85
N TRP B 106 52.05 -25.64 8.76
CA TRP B 106 52.92 -24.50 8.49
C TRP B 106 52.51 -23.88 7.17
N ASP B 107 52.50 -22.55 7.12
CA ASP B 107 52.17 -21.87 5.88
C ASP B 107 53.08 -20.66 5.70
N PHE B 108 53.17 -20.22 4.44
CA PHE B 108 54.02 -19.10 4.08
C PHE B 108 53.58 -17.82 4.78
N ASP B 109 52.27 -17.59 4.86
CA ASP B 109 51.71 -16.29 5.21
C ASP B 109 51.27 -16.17 6.66
N GLY B 110 51.40 -17.21 7.46
CA GLY B 110 50.84 -17.15 8.80
C GLY B 110 49.34 -17.13 8.84
N TYR B 111 48.69 -17.65 7.79
CA TYR B 111 47.23 -17.65 7.71
C TYR B 111 46.61 -18.51 8.80
N PHE B 112 47.20 -19.67 9.07
CA PHE B 112 46.58 -20.67 9.93
C PHE B 112 46.96 -20.55 11.39
N VAL B 113 47.80 -19.57 11.77
CA VAL B 113 48.35 -19.55 13.13
C VAL B 113 47.25 -19.30 14.15
N LYS B 114 46.39 -18.34 13.90
CA LYS B 114 45.32 -17.97 14.83
C LYS B 114 44.03 -18.73 14.57
N GLN B 115 44.07 -19.82 13.82
CA GLN B 115 42.87 -20.51 13.37
C GLN B 115 42.72 -21.84 14.10
N LYS B 116 41.53 -22.09 14.61
CA LYS B 116 41.16 -23.35 15.26
C LYS B 116 40.00 -23.96 14.46
N LYS B 117 40.29 -25.04 13.75
CA LYS B 117 39.34 -25.60 12.78
C LYS B 117 38.51 -26.69 13.45
N ILE B 118 37.26 -26.37 13.75
CA ILE B 118 36.31 -27.34 14.29
C ILE B 118 35.34 -27.83 13.21
N VAL B 119 34.86 -26.92 12.37
CA VAL B 119 33.98 -27.29 11.27
C VAL B 119 34.78 -27.68 10.04
N LEU B 120 35.87 -26.98 9.76
CA LEU B 120 36.69 -27.20 8.57
C LEU B 120 37.93 -28.03 8.86
N GLU B 121 37.85 -28.98 9.81
CA GLU B 121 39.03 -29.74 10.18
C GLU B 121 39.40 -30.77 9.13
N ASN B 122 38.44 -31.23 8.33
CA ASN B 122 38.68 -32.25 7.32
C ASN B 122 38.74 -31.70 5.90
N SER B 123 38.30 -30.47 5.70
CA SER B 123 38.23 -29.92 4.35
C SER B 123 39.62 -29.72 3.76
N GLY B 124 39.77 -30.09 2.49
CA GLY B 124 41.05 -29.99 1.83
C GLY B 124 41.99 -31.13 2.09
N TYR B 125 41.57 -32.14 2.83
CA TYR B 125 42.40 -33.31 3.08
C TYR B 125 41.74 -34.61 2.68
N ILE B 126 40.42 -34.70 2.78
CA ILE B 126 39.69 -35.92 2.43
C ILE B 126 39.02 -35.72 1.08
N ASP B 127 38.75 -36.83 0.41
CA ASP B 127 37.98 -36.80 -0.83
C ASP B 127 36.51 -36.65 -0.48
N PRO B 128 35.85 -35.55 -0.88
CA PRO B 128 34.46 -35.35 -0.44
C PRO B 128 33.47 -36.33 -1.04
N GLU B 129 33.82 -37.00 -2.13
CA GLU B 129 32.93 -37.93 -2.79
C GLU B 129 33.19 -39.38 -2.40
N ASN B 130 34.11 -39.63 -1.48
CA ASN B 130 34.46 -40.99 -1.05
C ASN B 130 34.20 -41.08 0.44
N ILE B 131 33.22 -41.90 0.83
CA ILE B 131 32.90 -42.04 2.24
C ILE B 131 33.97 -42.83 2.96
N GLU B 132 34.75 -43.66 2.25
CA GLU B 132 35.80 -44.43 2.90
C GLU B 132 36.88 -43.52 3.45
N GLU B 133 37.22 -42.47 2.72
CA GLU B 133 38.20 -41.50 3.20
C GLU B 133 37.69 -40.76 4.44
N TYR B 134 36.41 -40.39 4.46
CA TYR B 134 35.84 -39.72 5.62
C TYR B 134 35.76 -40.66 6.82
N ILE B 135 35.52 -41.95 6.59
CA ILE B 135 35.56 -42.94 7.67
C ILE B 135 36.98 -43.05 8.21
N ALA B 136 37.98 -43.10 7.32
CA ALA B 136 39.36 -43.23 7.73
C ALA B 136 39.86 -42.01 8.48
N ALA B 137 39.19 -40.87 8.35
CA ALA B 137 39.55 -39.65 9.06
C ALA B 137 38.78 -39.50 10.38
N GLY B 138 38.31 -40.59 10.96
CA GLY B 138 37.61 -40.56 12.22
C GLY B 138 36.14 -40.21 12.12
N GLY B 139 35.60 -40.07 10.91
CA GLY B 139 34.21 -39.72 10.76
C GLY B 139 33.27 -40.87 11.07
N TYR B 140 32.04 -40.50 11.41
CA TYR B 140 30.94 -41.40 11.74
C TYR B 140 31.21 -42.25 12.97
N GLU B 141 32.33 -42.01 13.66
CA GLU B 141 32.51 -42.57 14.99
C GLU B 141 31.63 -41.87 16.01
N ALA B 142 31.41 -40.57 15.83
CA ALA B 142 30.49 -39.85 16.70
C ALA B 142 29.06 -40.33 16.53
N LEU B 143 28.71 -40.82 15.34
CA LEU B 143 27.37 -41.35 15.13
C LEU B 143 27.15 -42.63 15.94
N LYS B 144 28.13 -43.53 15.93
CA LYS B 144 28.04 -44.72 16.76
C LYS B 144 28.02 -44.36 18.25
N LYS B 145 28.86 -43.41 18.64
CA LYS B 145 28.87 -42.98 20.04
C LYS B 145 27.54 -42.38 20.47
N ALA B 146 26.92 -41.58 19.59
CA ALA B 146 25.63 -40.98 19.91
C ALA B 146 24.52 -42.02 19.91
N PHE B 147 24.65 -43.07 19.10
CA PHE B 147 23.71 -44.17 19.18
C PHE B 147 23.87 -44.96 20.47
N LYS B 148 25.06 -44.95 21.08
CA LYS B 148 25.20 -45.61 22.38
C LYS B 148 24.40 -44.89 23.47
N MET B 149 24.36 -43.57 23.44
CA MET B 149 23.74 -42.81 24.52
C MET B 149 22.28 -42.48 24.21
N LYS B 150 21.57 -42.05 25.24
CA LYS B 150 20.16 -41.71 25.13
C LYS B 150 19.98 -40.35 24.44
N PRO B 151 18.86 -40.16 23.72
CA PRO B 151 18.67 -38.89 23.01
C PRO B 151 18.63 -37.65 23.91
N GLU B 152 17.99 -37.75 25.07
CA GLU B 152 17.97 -36.62 25.99
C GLU B 152 19.36 -36.32 26.53
N GLU B 153 20.19 -37.35 26.68
CA GLU B 153 21.59 -37.13 27.02
C GLU B 153 22.32 -36.39 25.91
N ILE B 154 21.96 -36.64 24.65
CA ILE B 154 22.53 -35.88 23.55
C ILE B 154 22.12 -34.42 23.65
N ILE B 155 20.86 -34.16 23.98
CA ILE B 155 20.40 -32.77 24.12
C ILE B 155 21.13 -32.08 25.25
N ASP B 156 21.36 -32.78 26.36
CA ASP B 156 22.11 -32.20 27.46
C ASP B 156 23.57 -31.93 27.06
N PHE B 157 24.17 -32.84 26.30
CA PHE B 157 25.52 -32.60 25.78
C PHE B 157 25.57 -31.34 24.93
N ILE B 158 24.59 -31.16 24.06
CA ILE B 158 24.60 -30.02 23.15
C ILE B 158 24.34 -28.72 23.90
N THR B 159 23.42 -28.73 24.87
CA THR B 159 23.11 -27.52 25.62
C THR B 159 24.16 -27.18 26.67
N LYS B 160 25.00 -28.13 27.05
CA LYS B 160 26.07 -27.82 27.99
C LYS B 160 27.36 -27.40 27.30
N SER B 161 27.44 -27.50 25.98
CA SER B 161 28.63 -27.05 25.27
C SER B 161 28.60 -25.56 24.96
N GLY B 162 27.45 -24.91 25.13
CA GLY B 162 27.35 -23.51 24.76
C GLY B 162 27.22 -23.28 23.27
N LEU B 163 26.85 -24.30 22.51
CA LEU B 163 26.69 -24.14 21.08
C LEU B 163 25.50 -23.25 20.80
N ARG B 164 25.73 -22.20 20.02
CA ARG B 164 24.69 -21.27 19.62
C ARG B 164 24.56 -21.30 18.11
N GLY B 165 23.40 -20.87 17.63
CA GLY B 165 23.12 -20.90 16.20
C GLY B 165 24.08 -20.06 15.39
N ARG B 166 24.66 -20.67 14.36
CA ARG B 166 25.64 -20.01 13.53
C ARG B 166 25.05 -19.35 12.29
N GLY B 167 23.75 -19.43 12.10
CA GLY B 167 23.10 -18.83 10.95
C GLY B 167 22.40 -17.53 11.21
N GLY B 168 22.39 -17.06 12.45
CA GLY B 168 21.59 -15.90 12.78
C GLY B 168 21.87 -15.35 14.16
N ALA B 169 20.80 -15.05 14.90
CA ALA B 169 20.90 -14.35 16.18
C ALA B 169 21.62 -15.15 17.25
N GLY B 170 21.84 -16.44 17.04
CA GLY B 170 22.60 -17.22 18.00
C GLY B 170 21.77 -17.81 19.13
N PHE B 171 20.58 -18.30 18.80
CA PHE B 171 19.76 -18.98 19.79
C PHE B 171 20.44 -20.27 20.23
N PRO B 172 20.43 -20.61 21.51
CA PRO B 172 21.09 -21.84 21.97
C PRO B 172 20.49 -23.08 21.35
N THR B 173 21.35 -23.92 20.77
CA THR B 173 20.90 -25.03 19.95
C THR B 173 20.22 -26.11 20.78
N GLY B 174 20.73 -26.38 21.98
CA GLY B 174 20.10 -27.37 22.84
C GLY B 174 18.68 -27.01 23.23
N LEU B 175 18.44 -25.71 23.48
CA LEU B 175 17.08 -25.24 23.76
C LEU B 175 16.17 -25.46 22.56
N LYS B 176 16.68 -25.21 21.34
CA LYS B 176 15.90 -25.42 20.14
C LYS B 176 15.54 -26.89 19.95
N TRP B 177 16.53 -27.77 20.15
CA TRP B 177 16.27 -29.20 20.05
C TRP B 177 15.28 -29.66 21.11
N LYS B 178 15.39 -29.12 22.32
CA LYS B 178 14.48 -29.50 23.40
C LYS B 178 13.06 -29.05 23.09
N PHE B 179 12.91 -27.85 22.53
CA PHE B 179 11.58 -27.36 22.15
C PHE B 179 10.98 -28.22 21.05
N THR B 180 11.80 -28.70 20.13
CA THR B 180 11.27 -29.62 19.12
C THR B 180 10.94 -30.98 19.70
N ARG B 181 11.73 -31.46 20.67
CA ARG B 181 11.45 -32.77 21.26
C ARG B 181 10.30 -32.71 22.25
N ASP B 182 10.14 -31.62 22.98
CA ASP B 182 9.06 -31.50 23.95
C ASP B 182 7.73 -31.18 23.29
N ALA B 183 7.70 -30.87 22.00
CA ALA B 183 6.45 -30.54 21.34
C ALA B 183 5.59 -31.80 21.19
N PRO B 184 4.27 -31.68 21.37
CA PRO B 184 3.40 -32.86 21.23
C PRO B 184 3.25 -33.24 19.75
N GLY B 185 3.46 -34.52 19.47
CA GLY B 185 3.38 -35.00 18.11
C GLY B 185 4.15 -36.28 17.89
N ASP B 186 3.73 -37.07 16.92
CA ASP B 186 4.42 -38.32 16.59
C ASP B 186 5.31 -38.21 15.37
N GLU B 187 5.11 -37.21 14.52
CA GLU B 187 5.92 -37.01 13.34
C GLU B 187 6.61 -35.65 13.45
N LYS B 188 7.92 -35.64 13.30
CA LYS B 188 8.71 -34.42 13.40
C LYS B 188 9.73 -34.40 12.28
N TYR B 189 10.14 -33.20 11.89
CA TYR B 189 11.11 -33.02 10.83
C TYR B 189 12.27 -32.16 11.34
N ILE B 190 13.41 -32.32 10.69
CA ILE B 190 14.54 -31.40 10.87
C ILE B 190 14.90 -30.85 9.51
N VAL B 191 15.37 -29.61 9.50
CA VAL B 191 15.79 -28.94 8.27
C VAL B 191 17.20 -28.42 8.47
N CYS B 192 18.05 -28.64 7.47
CA CYS B 192 19.36 -28.03 7.41
C CYS B 192 19.27 -26.82 6.48
N ASN B 193 19.52 -25.64 7.02
CA ASN B 193 19.36 -24.40 6.27
C ASN B 193 20.65 -24.13 5.51
N ALA B 194 20.64 -24.38 4.21
CA ALA B 194 21.75 -24.08 3.32
C ALA B 194 21.38 -23.02 2.30
N ASP B 195 20.45 -22.15 2.66
CA ASP B 195 19.98 -21.08 1.77
C ASP B 195 20.73 -19.77 2.07
N GLU B 196 22.05 -19.81 1.98
CA GLU B 196 22.84 -18.63 2.31
C GLU B 196 22.59 -17.56 1.26
N GLY B 197 21.69 -16.63 1.57
CA GLY B 197 21.37 -15.55 0.67
C GLY B 197 22.28 -14.36 0.76
N ASP B 198 23.22 -14.36 1.69
CA ASP B 198 24.16 -13.27 1.83
C ASP B 198 25.02 -13.18 0.56
N PRO B 199 25.06 -12.02 -0.10
CA PRO B 199 25.86 -11.91 -1.34
C PRO B 199 27.34 -12.15 -1.14
N GLY B 200 27.88 -11.93 0.06
CA GLY B 200 29.28 -12.12 0.30
C GLY B 200 29.65 -13.36 1.09
N ALA B 201 28.73 -14.30 1.29
CA ALA B 201 28.96 -15.47 2.11
C ALA B 201 29.13 -16.70 1.23
N PHE B 202 30.16 -17.48 1.52
CA PHE B 202 30.40 -18.72 0.80
C PHE B 202 30.79 -19.85 1.73
N MET B 203 30.63 -19.69 3.04
CA MET B 203 31.09 -20.68 4.00
C MET B 203 30.19 -21.91 4.03
N ASP B 204 28.88 -21.72 3.86
CA ASP B 204 27.95 -22.85 3.94
C ASP B 204 28.13 -23.79 2.75
N ARG B 205 28.25 -23.23 1.55
CA ARG B 205 28.55 -24.08 0.40
C ARG B 205 29.95 -24.67 0.50
N ASN B 206 30.86 -23.97 1.19
CA ASN B 206 32.19 -24.53 1.42
C ASN B 206 32.11 -25.80 2.26
N VAL B 207 31.28 -25.80 3.30
CA VAL B 207 31.10 -27.00 4.10
C VAL B 207 30.36 -28.08 3.31
N LEU B 208 29.33 -27.69 2.55
CA LEU B 208 28.55 -28.68 1.82
C LEU B 208 29.30 -29.29 0.64
N GLU B 209 30.35 -28.63 0.16
CA GLU B 209 31.14 -29.18 -0.93
C GLU B 209 32.39 -29.89 -0.46
N GLY B 210 33.11 -29.31 0.51
CA GLY B 210 34.35 -29.90 0.97
C GLY B 210 34.17 -31.03 1.97
N ASP B 211 33.05 -31.08 2.67
CA ASP B 211 32.80 -32.13 3.66
C ASP B 211 31.31 -32.27 3.93
N PRO B 212 30.54 -32.87 3.02
CA PRO B 212 29.09 -33.00 3.25
C PRO B 212 28.73 -34.05 4.28
N HIS B 213 29.59 -35.03 4.51
CA HIS B 213 29.28 -36.07 5.48
C HIS B 213 29.24 -35.53 6.89
N ARG B 214 29.97 -34.45 7.18
CA ARG B 214 29.88 -33.81 8.49
C ARG B 214 28.46 -33.30 8.74
N VAL B 215 27.89 -32.64 7.74
CA VAL B 215 26.52 -32.14 7.87
C VAL B 215 25.54 -33.30 7.95
N ILE B 216 25.75 -34.35 7.16
CA ILE B 216 24.85 -35.50 7.20
C ILE B 216 24.88 -36.16 8.57
N GLU B 217 26.07 -36.36 9.13
CA GLU B 217 26.22 -36.99 10.44
C GLU B 217 25.62 -36.13 11.54
N GLY B 218 25.83 -34.81 11.47
CA GLY B 218 25.21 -33.94 12.45
C GLY B 218 23.69 -33.97 12.38
N MET B 219 23.15 -34.02 11.17
CA MET B 219 21.70 -34.12 11.01
C MET B 219 21.17 -35.43 11.58
N ILE B 220 21.89 -36.53 11.38
CA ILE B 220 21.43 -37.81 11.91
C ILE B 220 21.47 -37.81 13.44
N ILE B 221 22.53 -37.24 14.03
CA ILE B 221 22.62 -37.14 15.49
C ILE B 221 21.47 -36.30 16.03
N GLY B 222 21.20 -35.16 15.40
CA GLY B 222 20.12 -34.30 15.85
C GLY B 222 18.76 -34.95 15.69
N ALA B 223 18.57 -35.72 14.62
CA ALA B 223 17.30 -36.40 14.40
C ALA B 223 17.08 -37.50 15.43
N TYR B 224 18.15 -38.23 15.79
CA TYR B 224 18.06 -39.21 16.85
C TYR B 224 17.71 -38.54 18.18
N ALA B 225 18.31 -37.37 18.44
CA ALA B 225 18.03 -36.68 19.70
C ALA B 225 16.61 -36.14 19.75
N ILE B 226 16.09 -35.64 18.63
CA ILE B 226 14.78 -35.00 18.64
C ILE B 226 13.66 -36.01 18.43
N GLY B 227 13.86 -37.02 17.60
CA GLY B 227 12.82 -37.94 17.23
C GLY B 227 12.27 -37.70 15.85
N ALA B 228 13.06 -37.16 14.94
CA ALA B 228 12.59 -36.83 13.61
C ALA B 228 12.69 -38.05 12.70
N THR B 229 11.72 -38.18 11.82
CA THR B 229 11.71 -39.24 10.82
C THR B 229 12.32 -38.81 9.50
N LYS B 230 12.04 -37.58 9.08
CA LYS B 230 12.50 -37.06 7.79
C LYS B 230 13.36 -35.84 8.03
N GLY B 231 14.44 -35.74 7.27
CA GLY B 231 15.30 -34.58 7.31
C GLY B 231 15.35 -33.92 5.94
N PHE B 232 15.36 -32.60 5.92
CA PHE B 232 15.40 -31.83 4.70
C PHE B 232 16.67 -31.00 4.67
N ILE B 233 17.42 -31.10 3.57
CA ILE B 233 18.55 -30.22 3.32
C ILE B 233 18.07 -29.18 2.33
N TYR B 234 17.92 -27.94 2.79
CA TYR B 234 17.37 -26.87 1.97
C TYR B 234 18.54 -26.09 1.37
N VAL B 235 18.97 -26.52 0.20
CA VAL B 235 20.07 -25.89 -0.52
C VAL B 235 19.51 -25.29 -1.80
N ARG B 236 20.16 -24.23 -2.28
CA ARG B 236 19.70 -23.57 -3.49
C ARG B 236 20.09 -24.37 -4.73
N ALA B 237 19.27 -24.23 -5.77
CA ALA B 237 19.59 -24.82 -7.06
C ALA B 237 20.71 -24.07 -7.78
N GLU B 238 21.08 -22.89 -7.30
CA GLU B 238 22.22 -22.15 -7.82
C GLU B 238 23.55 -22.72 -7.36
N TYR B 239 23.54 -23.70 -6.46
CA TYR B 239 24.75 -24.39 -6.03
C TYR B 239 24.70 -25.82 -6.56
N PRO B 240 25.08 -26.05 -7.83
CA PRO B 240 24.94 -27.41 -8.38
C PRO B 240 25.99 -28.38 -7.88
N LEU B 241 27.21 -27.88 -7.60
CA LEU B 241 28.26 -28.75 -7.09
C LEU B 241 27.93 -29.25 -5.69
N ALA B 242 27.37 -28.38 -4.85
CA ALA B 242 26.95 -28.78 -3.52
C ALA B 242 25.83 -29.82 -3.59
N ILE B 243 24.88 -29.64 -4.50
CA ILE B 243 23.79 -30.59 -4.65
C ILE B 243 24.31 -31.93 -5.14
N LYS B 244 25.24 -31.92 -6.11
CA LYS B 244 25.80 -33.16 -6.61
C LYS B 244 26.55 -33.93 -5.52
N ARG B 245 27.40 -33.23 -4.77
CA ARG B 245 28.15 -33.91 -3.73
C ARG B 245 27.27 -34.36 -2.59
N LEU B 246 26.21 -33.61 -2.28
CA LEU B 246 25.24 -34.06 -1.28
C LEU B 246 24.52 -35.32 -1.74
N ARG B 247 24.15 -35.40 -3.02
CA ARG B 247 23.47 -36.60 -3.50
C ARG B 247 24.40 -37.81 -3.47
N ILE B 248 25.66 -37.63 -3.87
CA ILE B 248 26.64 -38.70 -3.81
C ILE B 248 26.83 -39.17 -2.37
N ALA B 249 26.98 -38.22 -1.45
CA ALA B 249 27.18 -38.55 -0.04
C ALA B 249 25.96 -39.25 0.55
N LEU B 250 24.76 -38.82 0.18
CA LEU B 250 23.54 -39.46 0.67
C LEU B 250 23.44 -40.90 0.16
N LYS B 251 23.79 -41.13 -1.11
CA LYS B 251 23.80 -42.49 -1.64
C LYS B 251 24.79 -43.37 -0.87
N GLN B 252 25.99 -42.85 -0.62
CA GLN B 252 27.01 -43.64 0.06
C GLN B 252 26.66 -43.89 1.51
N ALA B 253 26.02 -42.92 2.18
CA ALA B 253 25.61 -43.12 3.56
C ALA B 253 24.42 -44.05 3.67
N ARG B 254 23.55 -44.06 2.66
CA ARG B 254 22.42 -44.96 2.67
C ARG B 254 22.86 -46.40 2.45
N GLU B 255 23.78 -46.61 1.50
CA GLU B 255 24.19 -47.99 1.21
C GLU B 255 25.05 -48.60 2.32
N LYS B 256 25.58 -47.79 3.22
CA LYS B 256 26.39 -48.30 4.33
C LYS B 256 25.62 -48.37 5.64
N GLY B 257 24.31 -48.14 5.61
CA GLY B 257 23.48 -48.35 6.78
C GLY B 257 23.38 -47.19 7.74
N PHE B 258 24.01 -46.05 7.44
CA PHE B 258 23.86 -44.88 8.29
C PHE B 258 22.56 -44.13 8.03
N LEU B 259 21.90 -44.41 6.91
CA LEU B 259 20.67 -43.74 6.54
C LEU B 259 19.68 -44.80 6.05
N GLY B 260 18.46 -44.74 6.54
CA GLY B 260 17.47 -45.72 6.14
C GLY B 260 16.67 -46.27 7.31
N GLU B 261 16.32 -47.54 7.25
CA GLU B 261 15.56 -48.19 8.31
C GLU B 261 16.49 -49.03 9.18
N ASN B 262 16.30 -48.96 10.48
CA ASN B 262 17.11 -49.67 11.47
C ASN B 262 18.59 -49.30 11.31
N ILE B 263 18.88 -48.04 11.59
CA ILE B 263 20.21 -47.48 11.41
C ILE B 263 21.12 -48.00 12.51
N LEU B 264 22.05 -48.89 12.15
CA LEU B 264 23.06 -49.41 13.07
C LEU B 264 22.43 -50.07 14.29
N GLY B 265 21.33 -50.77 14.09
CA GLY B 265 20.70 -51.53 15.14
C GLY B 265 20.09 -50.70 16.26
N SER B 266 19.77 -49.44 15.99
CA SER B 266 19.10 -48.61 16.97
C SER B 266 17.59 -48.62 16.83
N GLY B 267 17.05 -49.33 15.83
CA GLY B 267 15.64 -49.28 15.56
C GLY B 267 15.15 -47.95 15.07
N PHE B 268 16.06 -47.07 14.65
CA PHE B 268 15.74 -45.69 14.31
C PHE B 268 15.76 -45.54 12.79
N SER B 269 14.64 -45.08 12.25
CA SER B 269 14.49 -44.89 10.82
C SER B 269 14.58 -43.41 10.49
N PHE B 270 15.55 -43.04 9.67
CA PHE B 270 15.74 -41.64 9.29
C PHE B 270 16.11 -41.55 7.83
N GLU B 271 15.47 -40.63 7.11
CA GLU B 271 15.75 -40.36 5.71
C GLU B 271 16.01 -38.88 5.52
N ILE B 272 16.97 -38.57 4.66
CA ILE B 272 17.31 -37.20 4.31
C ILE B 272 16.94 -36.99 2.85
N VAL B 273 16.23 -35.90 2.57
CA VAL B 273 15.82 -35.55 1.21
C VAL B 273 16.27 -34.12 0.94
N ILE B 274 16.88 -33.90 -0.21
CA ILE B 274 17.39 -32.60 -0.60
C ILE B 274 16.24 -31.81 -1.21
N LYS B 275 15.84 -30.74 -0.55
CA LYS B 275 14.92 -29.77 -1.13
C LYS B 275 15.74 -28.67 -1.79
N GLU B 276 15.54 -28.48 -3.08
CA GLU B 276 16.26 -27.45 -3.84
C GLU B 276 15.47 -26.15 -3.77
N GLY B 277 16.06 -25.14 -3.14
CA GLY B 277 15.42 -23.84 -3.10
C GLY B 277 15.55 -23.11 -4.42
N ALA B 278 14.52 -22.34 -4.75
CA ALA B 278 14.50 -21.64 -6.03
C ALA B 278 15.34 -20.37 -6.02
N GLY B 279 15.60 -19.79 -4.85
CA GLY B 279 16.53 -18.67 -4.77
C GLY B 279 15.89 -17.37 -4.35
N ALA B 280 15.97 -17.06 -3.07
CA ALA B 280 15.47 -15.82 -2.52
C ALA B 280 16.12 -15.61 -1.16
N PHE B 281 16.58 -14.39 -0.91
CA PHE B 281 17.23 -14.08 0.37
C PHE B 281 16.26 -14.18 1.54
N VAL B 282 14.96 -13.97 1.28
CA VAL B 282 13.97 -14.05 2.35
C VAL B 282 13.64 -15.50 2.70
N CYS B 283 13.89 -16.44 1.79
CA CYS B 283 13.58 -17.83 2.07
C CYS B 283 14.53 -18.47 3.06
N GLY B 284 15.62 -17.79 3.41
CA GLY B 284 16.45 -18.25 4.52
C GLY B 284 15.83 -18.04 5.88
N GLU B 285 14.83 -17.18 5.96
CA GLU B 285 14.04 -17.02 7.18
C GLU B 285 13.29 -18.32 7.48
N GLU B 286 13.12 -18.62 8.78
CA GLU B 286 12.53 -19.89 9.19
C GLU B 286 11.13 -20.07 8.60
N THR B 287 10.25 -19.10 8.82
CA THR B 287 8.87 -19.25 8.38
C THR B 287 8.75 -19.19 6.86
N ALA B 288 9.57 -18.37 6.21
CA ALA B 288 9.58 -18.35 4.75
C ALA B 288 10.16 -19.64 4.18
N LEU B 289 11.15 -20.23 4.86
CA LEU B 289 11.67 -21.53 4.43
C LEU B 289 10.60 -22.61 4.54
N ILE B 290 9.82 -22.57 5.62
CA ILE B 290 8.72 -23.52 5.78
C ILE B 290 7.69 -23.34 4.68
N ALA B 291 7.33 -22.09 4.37
CA ALA B 291 6.38 -21.84 3.29
C ALA B 291 6.94 -22.26 1.93
N SER B 292 8.26 -22.14 1.74
CA SER B 292 8.87 -22.51 0.47
C SER B 292 8.90 -24.03 0.29
N ILE B 293 9.18 -24.76 1.36
CA ILE B 293 9.16 -26.23 1.26
C ILE B 293 7.74 -26.72 1.00
N GLU B 294 6.74 -26.04 1.56
CA GLU B 294 5.34 -26.41 1.41
C GLU B 294 4.73 -25.96 0.08
N GLY B 295 5.49 -25.27 -0.77
CA GLY B 295 5.01 -24.90 -2.09
C GLY B 295 4.34 -23.56 -2.20
N LYS B 296 4.52 -22.67 -1.23
CA LYS B 296 3.92 -21.35 -1.25
C LYS B 296 4.99 -20.31 -1.55
N ARG B 297 4.58 -19.04 -1.50
CA ARG B 297 5.54 -17.94 -1.59
C ARG B 297 6.33 -17.83 -0.28
N GLY B 298 7.58 -17.43 -0.40
CA GLY B 298 8.41 -17.28 0.78
C GLY B 298 8.09 -16.02 1.56
N MET B 299 6.90 -15.96 2.14
CA MET B 299 6.49 -14.79 2.92
C MET B 299 6.47 -15.14 4.39
N PRO B 300 7.26 -14.47 5.22
CA PRO B 300 7.31 -14.79 6.65
C PRO B 300 6.00 -14.48 7.36
N ARG B 301 5.82 -15.13 8.49
CA ARG B 301 4.64 -14.97 9.33
C ARG B 301 5.07 -14.64 10.74
N PRO B 302 4.18 -14.07 11.56
CA PRO B 302 4.52 -13.73 12.94
C PRO B 302 4.96 -14.94 13.76
N ARG B 303 5.89 -14.68 14.66
CA ARG B 303 6.66 -15.64 15.46
C ARG B 303 5.96 -16.38 16.62
N PRO B 304 4.94 -15.84 17.28
CA PRO B 304 4.38 -16.56 18.46
C PRO B 304 3.95 -17.98 18.15
N PRO B 305 3.52 -18.32 16.92
CA PRO B 305 3.62 -19.71 16.48
C PRO B 305 5.03 -20.00 15.97
N TYR B 306 5.78 -20.76 16.73
CA TYR B 306 7.17 -20.94 16.35
C TYR B 306 7.36 -22.18 15.50
N PRO B 307 8.38 -22.19 14.64
CA PRO B 307 8.63 -23.38 13.81
C PRO B 307 8.88 -24.65 14.60
N ALA B 308 9.45 -24.54 15.80
CA ALA B 308 9.74 -25.71 16.62
C ALA B 308 8.48 -26.33 17.21
N GLN B 309 7.34 -25.68 17.11
CA GLN B 309 6.08 -26.26 17.57
C GLN B 309 5.05 -26.44 16.48
N LYS B 310 5.05 -25.61 15.44
CA LYS B 310 4.16 -25.81 14.31
C LYS B 310 4.85 -25.32 13.05
N GLY B 311 5.54 -26.22 12.37
CA GLY B 311 6.36 -25.88 11.22
C GLY B 311 5.91 -26.48 9.90
N LEU B 312 6.59 -27.55 9.47
CA LEU B 312 6.37 -28.13 8.15
C LEU B 312 5.08 -28.94 8.15
N TRP B 313 4.09 -28.46 7.41
CA TRP B 313 2.76 -29.08 7.32
C TRP B 313 2.11 -29.22 8.69
N GLY B 314 2.42 -28.29 9.59
CA GLY B 314 1.90 -28.29 10.93
C GLY B 314 2.74 -29.04 11.94
N ARG B 315 3.59 -29.95 11.50
CA ARG B 315 4.37 -30.75 12.42
C ARG B 315 5.61 -30.01 12.89
N PRO B 316 6.09 -30.32 14.09
CA PRO B 316 7.26 -29.60 14.63
C PRO B 316 8.50 -29.80 13.77
N THR B 317 9.29 -28.73 13.66
CA THR B 317 10.45 -28.68 12.80
C THR B 317 11.60 -28.04 13.55
N ASN B 318 12.81 -28.57 13.38
CA ASN B 318 14.02 -27.95 13.89
C ASN B 318 14.85 -27.50 12.70
N ILE B 319 14.99 -26.19 12.56
CA ILE B 319 15.75 -25.59 11.46
C ILE B 319 17.05 -25.07 12.04
N ASN B 320 18.16 -25.66 11.61
CA ASN B 320 19.49 -25.25 12.03
C ASN B 320 20.35 -25.01 10.81
N ASN B 321 21.41 -24.23 11.01
CA ASN B 321 22.35 -23.87 9.96
C ASN B 321 23.30 -25.03 9.66
N VAL B 322 23.95 -24.95 8.49
CA VAL B 322 24.93 -25.96 8.11
C VAL B 322 26.08 -26.00 9.09
N GLU B 323 26.48 -24.84 9.61
CA GLU B 323 27.62 -24.77 10.51
C GLU B 323 27.30 -25.37 11.88
N THR B 324 26.06 -25.19 12.36
CA THR B 324 25.66 -25.80 13.62
C THR B 324 25.62 -27.32 13.52
N TRP B 325 25.03 -27.83 12.43
CA TRP B 325 25.01 -29.26 12.20
C TRP B 325 26.42 -29.82 12.05
N ALA B 326 27.33 -29.04 11.47
CA ALA B 326 28.73 -29.47 11.36
C ALA B 326 29.48 -29.39 12.68
N ASN B 327 29.04 -28.54 13.59
CA ASN B 327 29.64 -28.50 14.93
C ASN B 327 29.20 -29.68 15.78
N VAL B 328 27.98 -30.20 15.55
CA VAL B 328 27.46 -31.28 16.40
C VAL B 328 28.36 -32.51 16.48
N PRO B 329 28.87 -33.07 15.37
CA PRO B 329 29.75 -34.25 15.49
C PRO B 329 31.01 -34.00 16.29
N TRP B 330 31.59 -32.80 16.18
CA TRP B 330 32.78 -32.49 16.95
C TRP B 330 32.48 -32.45 18.45
N ILE B 331 31.31 -31.96 18.83
CA ILE B 331 30.92 -31.93 20.23
C ILE B 331 30.70 -33.35 20.74
N ILE B 332 30.08 -34.20 19.93
CA ILE B 332 29.83 -35.57 20.38
C ILE B 332 31.14 -36.34 20.51
N LYS B 333 32.07 -36.12 19.57
CA LYS B 333 33.32 -36.87 19.58
C LYS B 333 34.28 -36.37 20.66
N HIS B 334 34.39 -35.06 20.85
CA HIS B 334 35.40 -34.50 21.73
C HIS B 334 34.85 -34.04 23.09
N GLY B 335 33.55 -34.02 23.28
CA GLY B 335 32.98 -33.66 24.55
C GLY B 335 32.55 -32.20 24.60
N TRP B 336 31.58 -31.92 25.47
CA TRP B 336 31.06 -30.57 25.61
C TRP B 336 32.02 -29.65 26.36
N GLU B 337 32.83 -30.21 27.26
CA GLU B 337 33.81 -29.39 27.96
C GLU B 337 34.92 -28.91 27.04
N ALA B 338 35.29 -29.72 26.04
CA ALA B 338 36.28 -29.27 25.07
C ALA B 338 35.75 -28.12 24.24
N TYR B 339 34.47 -28.16 23.88
CA TYR B 339 33.88 -27.04 23.15
C TYR B 339 33.76 -25.81 24.04
N ALA B 340 33.45 -25.99 25.31
CA ALA B 340 33.34 -24.85 26.22
C ALA B 340 34.70 -24.27 26.61
N ALA B 341 35.80 -24.95 26.29
CA ALA B 341 37.13 -24.42 26.55
C ALA B 341 37.61 -23.47 25.44
N LEU B 342 36.74 -23.13 24.51
CA LEU B 342 37.03 -22.15 23.46
C LEU B 342 36.00 -21.04 23.52
N GLY B 343 36.47 -19.81 23.35
CA GLY B 343 35.56 -18.69 23.20
C GLY B 343 35.28 -17.94 24.49
N THR B 344 34.44 -16.92 24.35
CA THR B 344 34.08 -16.05 25.45
C THR B 344 33.12 -16.76 26.40
N GLU B 345 32.72 -16.04 27.45
CA GLU B 345 31.81 -16.61 28.44
C GLU B 345 30.46 -16.93 27.83
N LYS B 346 29.91 -16.01 27.04
CA LYS B 346 28.58 -16.20 26.49
C LYS B 346 28.59 -16.89 25.14
N SER B 347 29.56 -16.59 24.29
CA SER B 347 29.70 -17.20 22.96
C SER B 347 30.85 -18.19 22.99
N LYS B 348 30.54 -19.47 22.87
CA LYS B 348 31.53 -20.52 22.92
C LYS B 348 31.85 -21.04 21.52
N GLY B 349 33.00 -21.70 21.42
CA GLY B 349 33.36 -22.40 20.21
C GLY B 349 34.15 -21.60 19.20
N THR B 350 33.92 -21.89 17.92
CA THR B 350 34.60 -21.20 16.84
C THR B 350 33.57 -20.68 15.86
N LYS B 351 33.96 -19.64 15.13
CA LYS B 351 33.13 -19.03 14.12
C LYS B 351 33.86 -19.11 12.78
N VAL B 352 33.11 -19.38 11.72
CA VAL B 352 33.67 -19.42 10.37
C VAL B 352 33.33 -18.09 9.71
N PHE B 353 34.36 -17.35 9.32
CA PHE B 353 34.21 -16.09 8.65
C PHE B 353 34.69 -16.18 7.20
N ALA B 354 34.18 -15.28 6.38
CA ALA B 354 34.53 -15.20 4.97
C ALA B 354 35.22 -13.86 4.75
N LEU B 355 36.55 -13.86 4.74
CA LEU B 355 37.31 -12.65 4.47
C LEU B 355 37.24 -12.34 2.98
N SER B 356 36.62 -11.21 2.64
CA SER B 356 36.46 -10.81 1.26
C SER B 356 36.68 -9.31 1.15
N GLY B 357 36.57 -8.81 -0.07
CA GLY B 357 36.65 -7.37 -0.29
C GLY B 357 38.06 -6.93 -0.57
N LYS B 358 38.52 -5.94 0.17
CA LYS B 358 39.84 -5.34 -0.03
C LYS B 358 40.87 -5.90 0.94
N ILE B 359 40.77 -7.18 1.28
CA ILE B 359 41.72 -7.84 2.16
C ILE B 359 42.66 -8.69 1.31
N LYS B 360 43.89 -8.84 1.78
CA LYS B 360 44.91 -9.51 0.98
C LYS B 360 44.79 -11.03 1.06
N HIS B 361 44.67 -11.57 2.27
CA HIS B 361 44.53 -13.01 2.45
C HIS B 361 43.06 -13.39 2.66
N GLY B 362 42.31 -13.27 1.56
CA GLY B 362 40.90 -13.59 1.62
C GLY B 362 40.64 -15.09 1.46
N GLY B 363 39.61 -15.55 2.17
CA GLY B 363 39.27 -16.96 2.14
C GLY B 363 38.35 -17.29 3.31
N ASN B 364 38.38 -18.56 3.70
CA ASN B 364 37.57 -19.06 4.80
C ASN B 364 38.46 -19.24 6.03
N VAL B 365 38.11 -18.55 7.11
CA VAL B 365 38.89 -18.59 8.34
C VAL B 365 38.03 -19.20 9.44
N GLU B 366 38.66 -20.00 10.29
CA GLU B 366 38.03 -20.60 11.47
C GLU B 366 38.68 -19.97 12.69
N VAL B 367 38.00 -19.02 13.31
CA VAL B 367 38.60 -18.32 14.44
C VAL B 367 37.79 -18.60 15.70
N PRO B 368 38.43 -18.73 16.85
CA PRO B 368 37.68 -18.87 18.10
C PRO B 368 36.96 -17.57 18.45
N MET B 369 35.88 -17.72 19.19
CA MET B 369 35.18 -16.55 19.71
C MET B 369 36.09 -15.78 20.66
N GLY B 370 35.98 -14.46 20.62
CA GLY B 370 36.77 -13.63 21.50
C GLY B 370 38.08 -13.14 20.91
N ILE B 371 38.49 -13.63 19.75
CA ILE B 371 39.64 -13.06 19.08
C ILE B 371 39.27 -11.65 18.63
N THR B 372 40.24 -10.74 18.69
CA THR B 372 39.93 -9.37 18.35
C THR B 372 39.86 -9.20 16.84
N LEU B 373 39.05 -8.23 16.41
CA LEU B 373 38.84 -8.01 14.97
C LEU B 373 40.14 -7.62 14.29
N ARG B 374 40.98 -6.86 14.98
CA ARG B 374 42.25 -6.43 14.41
C ARG B 374 43.15 -7.61 14.06
N GLU B 375 43.15 -8.65 14.90
CA GLU B 375 43.91 -9.84 14.59
C GLU B 375 43.43 -10.50 13.30
N ILE B 376 42.12 -10.63 13.13
CA ILE B 376 41.59 -11.23 11.92
C ILE B 376 41.95 -10.39 10.70
N LEU B 377 41.82 -9.07 10.81
CA LEU B 377 42.04 -8.22 9.66
C LEU B 377 43.51 -8.06 9.28
N TYR B 378 44.43 -8.17 10.24
CA TYR B 378 45.83 -7.87 9.96
C TYR B 378 46.76 -9.08 10.03
N GLU B 379 46.57 -10.01 10.95
CA GLU B 379 47.46 -11.16 11.01
C GLU B 379 46.99 -12.28 10.09
N ILE B 380 45.69 -12.53 10.05
CA ILE B 380 45.14 -13.57 9.19
C ILE B 380 44.86 -13.04 7.79
N GLY B 381 44.28 -11.84 7.69
CA GLY B 381 44.02 -11.26 6.39
C GLY B 381 45.20 -10.54 5.77
N GLY B 382 46.16 -10.13 6.58
CA GLY B 382 47.32 -9.42 6.06
C GLY B 382 47.08 -7.98 5.71
N GLY B 383 45.92 -7.43 6.06
CA GLY B 383 45.63 -6.05 5.72
C GLY B 383 45.14 -5.91 4.28
N THR B 384 45.22 -4.68 3.78
CA THR B 384 44.74 -4.40 2.45
C THR B 384 45.71 -4.95 1.40
N LYS B 385 45.22 -5.06 0.17
CA LYS B 385 46.00 -5.66 -0.90
C LYS B 385 47.10 -4.74 -1.41
N THR B 386 47.04 -3.44 -1.10
CA THR B 386 48.02 -2.49 -1.57
C THR B 386 48.70 -1.74 -0.44
N GLY B 387 48.57 -2.23 0.79
CA GLY B 387 49.20 -1.61 1.93
C GLY B 387 48.46 -0.42 2.49
N LYS B 388 47.30 -0.07 1.92
CA LYS B 388 46.54 1.05 2.44
C LYS B 388 45.90 0.70 3.78
N LYS B 389 45.46 1.73 4.48
CA LYS B 389 44.78 1.53 5.75
C LYS B 389 43.38 0.96 5.53
N ILE B 390 42.88 0.26 6.54
CA ILE B 390 41.52 -0.28 6.51
C ILE B 390 40.59 0.73 7.16
N LYS B 391 39.58 1.17 6.42
CA LYS B 391 38.63 2.14 6.94
C LYS B 391 37.59 1.47 7.84
N ALA B 392 36.94 0.43 7.33
CA ALA B 392 35.90 -0.26 8.09
C ALA B 392 35.83 -1.71 7.64
N VAL B 393 34.97 -2.47 8.30
CA VAL B 393 34.60 -3.81 7.86
C VAL B 393 33.09 -3.92 7.94
N GLN B 394 32.51 -4.65 6.99
CA GLN B 394 31.08 -4.94 7.00
C GLN B 394 30.92 -6.37 7.51
N LEU B 395 30.37 -6.49 8.71
CA LEU B 395 30.20 -7.78 9.38
C LEU B 395 28.72 -8.12 9.41
N GLY B 396 28.37 -9.28 8.87
CA GLY B 396 26.99 -9.74 8.84
C GLY B 396 26.29 -9.55 7.52
N GLY B 397 26.98 -9.10 6.47
CA GLY B 397 26.37 -8.90 5.18
C GLY B 397 25.45 -7.71 5.17
N PRO B 398 24.39 -7.77 4.34
CA PRO B 398 23.41 -6.68 4.34
C PRO B 398 22.69 -6.51 5.65
N SER B 399 22.61 -7.55 6.46
CA SER B 399 21.92 -7.47 7.75
C SER B 399 22.76 -6.76 8.80
N GLY B 400 24.08 -6.83 8.69
CA GLY B 400 24.97 -6.22 9.66
C GLY B 400 25.35 -4.80 9.28
N GLY B 401 26.33 -4.28 10.02
CA GLY B 401 26.74 -2.90 9.84
C GLY B 401 28.24 -2.76 9.79
N CYS B 402 28.67 -1.54 9.49
CA CYS B 402 30.09 -1.22 9.32
C CYS B 402 30.73 -0.91 10.67
N ILE B 403 31.82 -1.61 10.98
CA ILE B 403 32.60 -1.35 12.18
C ILE B 403 33.88 -0.63 11.77
N PRO B 404 34.16 0.55 12.31
CA PRO B 404 35.31 1.33 11.86
C PRO B 404 36.60 0.91 12.54
N ASP B 405 37.71 1.48 12.07
CA ASP B 405 39.02 1.00 12.46
C ASP B 405 39.39 1.36 13.89
N TYR B 406 38.76 2.35 14.50
CA TYR B 406 39.05 2.61 15.90
C TYR B 406 38.30 1.67 16.84
N LEU B 407 37.34 0.91 16.33
CA LEU B 407 36.65 -0.12 17.09
C LEU B 407 37.11 -1.53 16.72
N PHE B 408 38.29 -1.66 16.12
CA PHE B 408 38.80 -2.97 15.73
C PHE B 408 39.26 -3.82 16.91
N ASN B 409 39.27 -3.26 18.12
CA ASN B 409 39.63 -4.01 19.31
C ASN B 409 38.45 -4.83 19.84
N THR B 410 37.30 -4.76 19.20
CA THR B 410 36.14 -5.51 19.65
C THR B 410 36.35 -7.00 19.41
N PRO B 411 36.15 -7.84 20.42
CA PRO B 411 36.20 -9.28 20.19
C PRO B 411 35.01 -9.72 19.36
N VAL B 412 35.21 -10.75 18.54
CA VAL B 412 34.12 -11.27 17.71
C VAL B 412 33.44 -12.36 18.54
N ASP B 413 32.57 -11.92 19.43
CA ASP B 413 31.55 -12.73 20.03
C ASP B 413 30.21 -12.08 19.71
N TYR B 414 29.12 -12.74 20.09
CA TYR B 414 27.80 -12.29 19.66
C TYR B 414 27.46 -10.92 20.25
N GLU B 415 27.65 -10.76 21.56
CA GLU B 415 27.21 -9.55 22.23
C GLU B 415 28.12 -8.36 21.94
N SER B 416 29.43 -8.60 21.85
CA SER B 416 30.37 -7.53 21.57
C SER B 416 30.15 -6.94 20.18
N VAL B 417 29.70 -7.75 19.24
CA VAL B 417 29.38 -7.25 17.90
C VAL B 417 27.98 -6.65 17.87
N THR B 418 27.05 -7.22 18.64
CA THR B 418 25.69 -6.66 18.72
C THR B 418 25.71 -5.26 19.30
N ALA B 419 26.62 -4.98 20.23
CA ALA B 419 26.66 -3.67 20.88
C ALA B 419 26.99 -2.56 19.89
N THR B 420 27.91 -2.82 18.96
CA THR B 420 28.37 -1.78 18.05
C THR B 420 27.36 -1.42 16.96
N GLY B 421 26.28 -2.18 16.81
CA GLY B 421 25.33 -1.94 15.75
C GLY B 421 25.45 -2.88 14.57
N ALA B 422 26.37 -3.83 14.62
CA ALA B 422 26.46 -4.89 13.63
C ALA B 422 25.91 -6.17 14.23
N ILE B 423 25.91 -7.23 13.42
CA ILE B 423 25.63 -8.58 13.90
C ILE B 423 26.65 -9.51 13.28
N MET B 424 26.82 -10.68 13.92
CA MET B 424 27.68 -11.69 13.34
C MET B 424 27.12 -12.15 11.99
N GLY B 425 25.80 -12.28 11.90
CA GLY B 425 25.14 -12.51 10.64
C GLY B 425 25.51 -13.85 10.05
N SER B 426 25.58 -13.90 8.72
CA SER B 426 25.97 -15.12 8.05
C SER B 426 27.39 -15.53 8.42
N GLY B 427 28.29 -14.56 8.55
CA GLY B 427 29.69 -14.85 8.73
C GLY B 427 30.49 -14.18 7.65
N GLY B 428 29.92 -13.13 7.06
CA GLY B 428 30.59 -12.40 6.00
C GLY B 428 31.36 -11.21 6.55
N MET B 429 32.62 -11.12 6.18
CA MET B 429 33.49 -10.04 6.60
C MET B 429 34.08 -9.39 5.36
N VAL B 430 33.57 -8.22 5.01
CA VAL B 430 34.01 -7.49 3.82
C VAL B 430 34.80 -6.28 4.29
N VAL B 431 36.03 -6.16 3.78
CA VAL B 431 36.96 -5.14 4.23
C VAL B 431 36.91 -3.96 3.26
N MET B 432 36.70 -2.77 3.81
CA MET B 432 36.64 -1.53 3.05
C MET B 432 37.88 -0.70 3.35
N ASP B 433 38.41 -0.04 2.33
CA ASP B 433 39.63 0.76 2.45
C ASP B 433 39.32 2.22 2.10
N GLU B 434 40.39 3.02 1.97
CA GLU B 434 40.27 4.45 1.72
C GLU B 434 39.63 4.78 0.39
N ASP B 435 39.62 3.83 -0.55
CA ASP B 435 38.99 4.04 -1.85
C ASP B 435 37.52 3.67 -1.87
N THR B 436 36.92 3.44 -0.71
CA THR B 436 35.53 3.01 -0.63
C THR B 436 34.68 4.12 -0.04
N CYS B 437 33.60 4.47 -0.74
CA CYS B 437 32.64 5.45 -0.26
C CYS B 437 31.62 4.72 0.61
N MET B 438 31.47 5.18 1.86
CA MET B 438 30.55 4.51 2.77
C MET B 438 29.10 4.74 2.39
N VAL B 439 28.81 5.89 1.78
CA VAL B 439 27.47 6.14 1.27
C VAL B 439 27.14 5.16 0.15
N ASP B 440 28.12 4.88 -0.71
CA ASP B 440 27.93 3.92 -1.79
C ASP B 440 27.69 2.52 -1.24
N VAL B 441 28.40 2.15 -0.16
CA VAL B 441 28.20 0.84 0.46
C VAL B 441 26.81 0.74 1.07
N ALA B 442 26.37 1.78 1.77
CA ALA B 442 25.02 1.77 2.33
C ALA B 442 23.97 1.68 1.23
N LYS B 443 24.19 2.42 0.14
CA LYS B 443 23.27 2.38 -0.99
C LYS B 443 23.22 0.99 -1.62
N PHE B 444 24.36 0.33 -1.75
CA PHE B 444 24.40 -1.03 -2.30
C PHE B 444 23.62 -2.00 -1.42
N PHE B 445 23.82 -1.91 -0.10
CA PHE B 445 23.10 -2.82 0.79
C PHE B 445 21.61 -2.55 0.81
N LEU B 446 21.20 -1.28 0.76
CA LEU B 446 19.78 -0.97 0.69
C LEU B 446 19.17 -1.35 -0.65
N ASP B 447 19.96 -1.28 -1.73
CA ASP B 447 19.50 -1.74 -3.03
C ASP B 447 19.23 -3.24 -3.00
N PHE B 448 20.15 -4.00 -2.41
CA PHE B 448 19.94 -5.44 -2.27
C PHE B 448 18.72 -5.73 -1.41
N THR B 449 18.54 -4.99 -0.31
CA THR B 449 17.38 -5.19 0.54
C THR B 449 16.08 -4.87 -0.19
N VAL B 450 16.07 -3.81 -0.99
CA VAL B 450 14.89 -3.46 -1.78
C VAL B 450 14.55 -4.56 -2.76
N LYS B 451 15.57 -5.12 -3.43
CA LYS B 451 15.33 -6.22 -4.36
C LYS B 451 14.78 -7.46 -3.66
N GLU B 452 15.34 -7.80 -2.50
CA GLU B 452 15.09 -9.09 -1.87
C GLU B 452 13.90 -9.11 -0.91
N SER B 453 13.30 -7.95 -0.65
CA SER B 453 12.13 -7.91 0.22
C SER B 453 10.97 -8.67 -0.40
N CYS B 454 10.19 -9.36 0.43
CA CYS B 454 9.05 -10.09 -0.08
C CYS B 454 7.84 -9.20 -0.33
N GLY B 455 7.88 -7.95 0.11
CA GLY B 455 6.76 -7.04 -0.10
C GLY B 455 5.49 -7.41 0.62
N LYS B 456 5.59 -7.86 1.87
CA LYS B 456 4.42 -8.18 2.68
C LYS B 456 4.07 -7.08 3.66
N CYS B 457 5.00 -6.66 4.51
CA CYS B 457 4.71 -5.64 5.48
C CYS B 457 5.02 -4.26 4.91
N THR B 458 4.24 -3.26 5.34
CA THR B 458 4.35 -1.92 4.77
C THR B 458 5.71 -1.30 5.07
N PHE B 459 6.23 -1.53 6.28
CA PHE B 459 7.46 -0.88 6.70
C PHE B 459 8.65 -1.31 5.84
N CYS B 460 8.89 -2.61 5.70
CA CYS B 460 10.03 -3.05 4.88
C CYS B 460 9.83 -2.63 3.44
N ARG B 461 8.68 -2.99 2.86
CA ARG B 461 8.43 -2.79 1.43
C ARG B 461 8.55 -1.32 1.04
N LEU B 462 8.00 -0.42 1.86
CA LEU B 462 7.98 1.00 1.49
C LEU B 462 9.17 1.76 2.05
N GLY B 463 9.51 1.55 3.33
CA GLY B 463 10.61 2.27 3.94
C GLY B 463 11.97 1.93 3.35
N THR B 464 12.19 0.69 2.92
CA THR B 464 13.47 0.38 2.30
C THR B 464 13.60 1.09 0.96
N LYS B 465 12.52 1.18 0.20
CA LYS B 465 12.55 1.94 -1.05
C LYS B 465 12.77 3.43 -0.79
N ARG B 466 12.12 3.97 0.24
CA ARG B 466 12.30 5.39 0.55
C ARG B 466 13.71 5.68 1.04
N MET B 467 14.28 4.80 1.86
CA MET B 467 15.66 4.96 2.30
C MET B 467 16.64 4.85 1.14
N TRP B 468 16.41 3.90 0.23
CA TRP B 468 17.29 3.78 -0.92
C TRP B 468 17.18 5.00 -1.84
N GLU B 469 15.97 5.55 -2.00
CA GLU B 469 15.81 6.75 -2.79
C GLU B 469 16.53 7.94 -2.15
N LEU B 470 16.48 8.05 -0.82
CA LEU B 470 17.22 9.10 -0.15
C LEU B 470 18.72 8.93 -0.33
N LEU B 471 19.21 7.69 -0.26
CA LEU B 471 20.63 7.44 -0.47
C LEU B 471 21.05 7.76 -1.90
N ASP B 472 20.22 7.40 -2.89
CA ASP B 472 20.52 7.74 -4.27
C ASP B 472 20.50 9.25 -4.48
N LYS B 473 19.59 9.95 -3.80
CA LYS B 473 19.55 11.41 -3.86
C LYS B 473 20.82 12.03 -3.30
N ILE B 474 21.31 11.50 -2.17
CA ILE B 474 22.53 12.01 -1.56
C ILE B 474 23.73 11.71 -2.45
N THR B 475 23.76 10.51 -3.05
CA THR B 475 24.89 10.11 -3.88
C THR B 475 25.00 10.94 -5.14
N LYS B 476 23.87 11.31 -5.74
CA LYS B 476 23.88 12.11 -6.96
C LYS B 476 24.23 13.58 -6.70
N GLY B 477 24.34 13.99 -5.44
CA GLY B 477 24.65 15.35 -5.09
C GLY B 477 23.45 16.26 -4.94
N GLU B 478 22.26 15.77 -5.25
CA GLU B 478 21.04 16.56 -5.17
C GLU B 478 20.42 16.52 -3.79
N GLY B 479 21.20 16.18 -2.76
CA GLY B 479 20.68 16.07 -1.42
C GLY B 479 20.85 17.35 -0.61
N ALA B 480 20.39 17.26 0.63
CA ALA B 480 20.51 18.35 1.59
C ALA B 480 20.54 17.75 2.98
N LEU B 481 20.57 18.62 3.99
CA LEU B 481 20.54 18.13 5.37
C LEU B 481 19.20 17.51 5.71
N GLU B 482 18.13 17.95 5.06
CA GLU B 482 16.82 17.37 5.33
C GLU B 482 16.76 15.90 4.89
N ASP B 483 17.51 15.53 3.85
CA ASP B 483 17.58 14.13 3.46
C ASP B 483 18.26 13.28 4.53
N ILE B 484 19.34 13.79 5.11
CA ILE B 484 20.03 13.06 6.17
C ILE B 484 19.12 12.92 7.39
N GLU B 485 18.38 13.99 7.71
CA GLU B 485 17.47 13.92 8.85
C GLU B 485 16.31 12.97 8.58
N LYS B 486 15.83 12.92 7.34
CA LYS B 486 14.82 11.93 6.96
C LYS B 486 15.35 10.51 7.11
N LEU B 487 16.60 10.28 6.71
CA LEU B 487 17.20 8.97 6.89
C LEU B 487 17.29 8.61 8.37
N GLU B 488 17.75 9.55 9.19
CA GLU B 488 17.93 9.31 10.61
C GLU B 488 16.61 9.08 11.32
N LYS B 489 15.52 9.64 10.80
CA LYS B 489 14.22 9.39 11.39
C LYS B 489 13.62 8.09 10.89
N LEU B 490 13.77 7.80 9.60
CA LEU B 490 13.10 6.66 8.97
C LEU B 490 13.76 5.32 9.34
N ALA B 491 15.09 5.29 9.42
CA ALA B 491 15.78 4.01 9.64
C ALA B 491 15.43 3.33 10.97
N PRO B 492 15.41 4.01 12.11
CA PRO B 492 14.96 3.34 13.34
C PRO B 492 13.54 2.82 13.27
N LEU B 493 12.66 3.53 12.54
CA LEU B 493 11.28 3.08 12.43
C LEU B 493 11.16 1.86 11.53
N VAL B 494 11.95 1.79 10.46
CA VAL B 494 11.97 0.60 9.63
C VAL B 494 12.51 -0.60 10.42
N LYS B 495 13.48 -0.34 11.30
CA LYS B 495 13.99 -1.43 12.15
C LYS B 495 12.94 -1.87 13.17
N THR B 496 12.24 -0.93 13.79
CA THR B 496 11.31 -1.27 14.86
C THR B 496 10.02 -1.87 14.34
N GLY B 497 9.56 -1.45 13.16
CA GLY B 497 8.25 -1.82 12.69
C GLY B 497 8.15 -3.04 11.80
N SER B 498 9.24 -3.45 11.18
CA SER B 498 9.20 -4.54 10.22
C SER B 498 8.85 -5.86 10.90
N LEU B 499 8.29 -6.78 10.11
CA LEU B 499 7.79 -8.05 10.62
C LEU B 499 8.87 -9.11 10.73
N CYS B 500 9.71 -9.25 9.71
CA CYS B 500 10.74 -10.28 9.70
C CYS B 500 12.11 -9.65 9.84
N GLY B 501 13.12 -10.52 9.95
CA GLY B 501 14.48 -10.06 10.23
C GLY B 501 15.13 -9.33 9.07
N LEU B 502 14.67 -9.56 7.84
CA LEU B 502 15.25 -8.83 6.70
C LEU B 502 15.01 -7.34 6.83
N GLY B 503 13.80 -6.93 7.19
CA GLY B 503 13.53 -5.52 7.38
C GLY B 503 14.01 -4.98 8.70
N GLN B 504 14.08 -5.83 9.73
CA GLN B 504 14.58 -5.40 11.02
C GLN B 504 16.09 -5.23 11.05
N THR B 505 16.81 -5.89 10.13
CA THR B 505 18.23 -5.67 9.95
C THR B 505 18.52 -4.85 8.69
N ALA B 506 17.51 -4.51 7.91
CA ALA B 506 17.70 -3.66 6.74
C ALA B 506 18.29 -2.29 7.04
N PRO B 507 17.84 -1.53 8.06
CA PRO B 507 18.43 -0.21 8.29
C PRO B 507 19.80 -0.24 8.94
N ASN B 508 20.31 -1.43 9.30
CA ASN B 508 21.58 -1.51 10.01
C ASN B 508 22.75 -0.88 9.25
N PRO B 509 22.95 -1.12 7.94
CA PRO B 509 24.06 -0.44 7.26
C PRO B 509 23.94 1.08 7.26
N VAL B 510 22.74 1.61 7.01
CA VAL B 510 22.54 3.05 7.01
C VAL B 510 22.80 3.61 8.41
N LEU B 511 22.27 2.94 9.42
CA LEU B 511 22.44 3.40 10.80
C LEU B 511 23.91 3.43 11.19
N THR B 512 24.65 2.36 10.86
CA THR B 512 26.06 2.31 11.24
C THR B 512 26.90 3.32 10.46
N THR B 513 26.61 3.50 9.17
CA THR B 513 27.37 4.46 8.38
C THR B 513 27.09 5.89 8.84
N LEU B 514 25.87 6.18 9.26
CA LEU B 514 25.58 7.48 9.85
C LEU B 514 26.26 7.65 11.19
N LYS B 515 26.32 6.57 11.99
CA LYS B 515 26.92 6.65 13.31
C LYS B 515 28.41 6.93 13.24
N TYR B 516 29.12 6.21 12.37
CA TYR B 516 30.58 6.29 12.38
C TYR B 516 31.14 7.18 11.29
N PHE B 517 30.44 7.35 10.17
CA PHE B 517 30.97 8.04 9.00
C PHE B 517 30.03 9.14 8.54
N LYS B 518 29.58 9.97 9.48
CA LYS B 518 28.67 11.05 9.10
C LYS B 518 29.39 12.16 8.34
N ASP B 519 30.71 12.26 8.49
CA ASP B 519 31.47 13.26 7.74
C ASP B 519 31.43 13.00 6.25
N GLU B 520 31.43 11.73 5.84
CA GLU B 520 31.27 11.42 4.41
C GLU B 520 29.90 11.85 3.91
N TYR B 521 28.85 11.62 4.71
CA TYR B 521 27.52 12.08 4.34
C TYR B 521 27.48 13.59 4.16
N LEU B 522 28.05 14.32 5.12
CA LEU B 522 28.04 15.78 5.05
C LEU B 522 28.90 16.30 3.92
N ALA B 523 29.94 15.54 3.53
CA ALA B 523 30.71 15.91 2.35
C ALA B 523 29.94 15.65 1.07
N HIS B 524 29.07 14.63 1.06
CA HIS B 524 28.23 14.39 -0.10
C HIS B 524 27.12 15.43 -0.22
N ILE B 525 26.71 16.03 0.90
CA ILE B 525 25.76 17.13 0.83
C ILE B 525 26.37 18.32 0.10
N GLU B 526 27.68 18.55 0.26
CA GLU B 526 28.37 19.65 -0.40
C GLU B 526 28.79 19.33 -1.82
N GLY B 527 28.54 18.13 -2.32
CA GLY B 527 28.83 17.80 -3.70
C GLY B 527 30.18 17.19 -3.95
N ARG B 528 30.73 16.48 -2.97
CA ARG B 528 32.08 15.93 -3.09
C ARG B 528 32.10 14.53 -2.49
N CYS B 529 32.80 13.62 -3.16
CA CYS B 529 32.99 12.27 -2.66
C CYS B 529 34.41 12.12 -2.14
N PRO B 530 34.61 11.97 -0.83
CA PRO B 530 35.97 11.86 -0.30
C PRO B 530 36.72 10.62 -0.77
N ALA B 531 36.03 9.60 -1.28
CA ALA B 531 36.70 8.43 -1.83
C ALA B 531 36.72 8.42 -3.35
N LYS B 532 36.10 9.40 -4.00
CA LYS B 532 36.05 9.50 -5.46
C LYS B 532 35.42 8.25 -6.08
N VAL B 533 34.24 7.89 -5.60
CA VAL B 533 33.52 6.72 -6.08
C VAL B 533 32.27 7.12 -6.86
N CYS B 534 31.50 8.07 -6.34
CA CYS B 534 30.23 8.44 -6.96
C CYS B 534 30.46 9.06 -8.33
N LYS B 535 29.73 8.57 -9.33
CA LYS B 535 29.94 9.05 -10.70
C LYS B 535 29.64 10.53 -10.90
N PRO B 536 28.48 11.07 -10.48
CA PRO B 536 28.23 12.50 -10.75
C PRO B 536 29.08 13.44 -9.92
N LEU B 537 29.65 12.98 -8.81
CA LEU B 537 30.42 13.85 -7.93
C LEU B 537 31.92 13.83 -8.25
N ILE B 538 32.36 13.05 -9.24
CA ILE B 538 33.76 13.02 -9.64
C ILE B 538 33.87 13.53 -11.07
N LYS B 539 34.97 14.22 -11.35
CA LYS B 539 35.30 14.71 -12.67
C LYS B 539 36.68 14.19 -13.04
N TYR B 540 36.77 13.47 -14.15
CA TYR B 540 38.05 12.95 -14.62
C TYR B 540 38.80 14.07 -15.35
N VAL B 541 39.85 14.58 -14.72
CA VAL B 541 40.62 15.70 -15.26
C VAL B 541 41.96 15.18 -15.75
N ILE B 542 42.44 15.76 -16.85
CA ILE B 542 43.72 15.39 -17.46
C ILE B 542 44.76 16.43 -17.05
N ILE B 543 45.91 15.96 -16.58
CA ILE B 543 47.01 16.84 -16.19
C ILE B 543 47.90 17.03 -17.41
N THR B 544 47.88 18.24 -17.98
CA THR B 544 48.63 18.50 -19.20
C THR B 544 50.13 18.52 -18.95
N GLU B 545 50.57 19.11 -17.83
CA GLU B 545 51.99 19.20 -17.55
C GLU B 545 52.62 17.85 -17.27
N LYS B 546 51.84 16.85 -16.87
CA LYS B 546 52.33 15.50 -16.60
C LYS B 546 51.85 14.50 -17.65
N CYS B 547 51.41 14.98 -18.81
CA CYS B 547 50.91 14.09 -19.85
C CYS B 547 52.07 13.64 -20.74
N THR B 548 51.80 12.69 -21.62
CA THR B 548 52.79 12.20 -22.56
C THR B 548 52.13 11.97 -23.92
N GLY B 549 52.94 12.07 -24.98
CA GLY B 549 52.45 11.88 -26.33
C GLY B 549 52.21 10.44 -26.73
N CYS B 550 52.59 9.49 -25.87
CA CYS B 550 52.34 8.08 -26.18
C CYS B 550 50.84 7.78 -26.24
N THR B 551 50.06 8.44 -25.37
CA THR B 551 48.60 8.32 -25.32
C THR B 551 48.17 6.86 -25.12
N ALA B 552 48.62 6.29 -24.00
CA ALA B 552 48.21 4.93 -23.65
C ALA B 552 46.72 4.88 -23.36
N CYS B 553 46.19 5.88 -22.68
CA CYS B 553 44.76 5.94 -22.38
C CYS B 553 43.98 6.69 -23.46
N ALA B 554 44.21 6.31 -24.72
CA ALA B 554 43.49 6.91 -25.83
C ALA B 554 42.88 5.89 -26.77
N ILE B 555 43.44 4.68 -26.87
CA ILE B 555 42.83 3.63 -27.69
C ILE B 555 41.91 2.74 -26.88
N MET B 556 42.06 2.72 -25.56
CA MET B 556 41.23 1.88 -24.70
C MET B 556 39.89 2.50 -24.36
N CYS B 557 39.79 3.83 -24.42
CA CYS B 557 38.51 4.47 -24.12
C CYS B 557 37.50 4.16 -25.24
N PRO B 558 36.34 3.61 -24.90
CA PRO B 558 35.35 3.27 -25.94
C PRO B 558 34.37 4.39 -26.27
N VAL B 559 34.30 5.44 -25.46
CA VAL B 559 33.34 6.52 -25.69
C VAL B 559 33.94 7.67 -26.48
N LYS B 560 35.25 7.65 -26.73
CA LYS B 560 35.95 8.71 -27.48
C LYS B 560 35.77 10.07 -26.81
N ALA B 561 36.30 10.18 -25.60
CA ALA B 561 36.30 11.43 -24.85
C ALA B 561 37.73 11.88 -24.53
N ILE B 562 38.71 11.32 -25.24
CA ILE B 562 40.10 11.64 -25.00
C ILE B 562 40.66 12.46 -26.15
N HIS B 570 45.09 13.73 -24.31
CA HIS B 570 45.69 14.94 -23.75
C HIS B 570 44.61 15.91 -23.29
N LEU B 571 43.41 15.75 -23.85
CA LEU B 571 42.25 16.56 -23.47
C LEU B 571 41.07 15.63 -23.23
N ILE B 572 40.32 15.91 -22.18
CA ILE B 572 39.18 15.08 -21.78
C ILE B 572 37.89 15.80 -22.16
N ASN B 573 37.03 15.11 -22.89
CA ASN B 573 35.71 15.64 -23.25
C ASN B 573 34.75 15.33 -22.10
N GLN B 574 34.62 16.31 -21.19
CA GLN B 574 33.79 16.10 -20.02
C GLN B 574 32.32 15.92 -20.37
N GLU B 575 31.87 16.51 -21.48
CA GLU B 575 30.49 16.36 -21.91
C GLU B 575 30.20 15.00 -22.53
N ALA B 576 31.24 14.19 -22.80
CA ALA B 576 31.05 12.89 -23.43
C ALA B 576 31.71 11.76 -22.66
N CYS B 577 32.24 12.01 -21.46
CA CYS B 577 32.90 10.98 -20.69
C CYS B 577 31.88 10.04 -20.07
N ILE B 578 32.03 8.74 -20.35
CA ILE B 578 31.14 7.74 -19.79
C ILE B 578 31.46 7.51 -18.31
N LYS B 579 32.64 7.95 -17.86
CA LYS B 579 33.11 7.83 -16.47
C LYS B 579 33.33 6.38 -16.07
N CYS B 580 33.75 5.54 -17.01
CA CYS B 580 34.08 4.16 -16.67
C CYS B 580 35.29 4.07 -15.75
N GLY B 581 36.32 4.85 -16.04
CA GLY B 581 37.53 4.84 -15.25
C GLY B 581 38.67 4.02 -15.81
N THR B 582 38.55 3.53 -17.04
CA THR B 582 39.62 2.74 -17.63
C THR B 582 40.87 3.56 -17.92
N CYS B 583 40.75 4.89 -17.95
CA CYS B 583 41.92 5.74 -18.17
C CYS B 583 42.92 5.60 -17.02
N TYR B 584 42.42 5.57 -15.78
CA TYR B 584 43.29 5.60 -14.62
C TYR B 584 44.14 4.36 -14.49
N GLU B 585 43.76 3.25 -15.11
CA GLU B 585 44.49 2.00 -15.00
C GLU B 585 45.41 1.73 -16.18
N VAL B 586 44.94 1.95 -17.42
CA VAL B 586 45.74 1.66 -18.60
C VAL B 586 46.72 2.76 -18.93
N CYS B 587 46.71 3.87 -18.20
CA CYS B 587 47.65 4.95 -18.46
C CYS B 587 49.10 4.56 -18.18
N ARG B 588 49.31 3.60 -17.27
CA ARG B 588 50.61 3.15 -16.77
C ARG B 588 51.56 4.33 -16.54
N PHE B 589 51.02 5.43 -16.02
CA PHE B 589 51.74 6.66 -15.75
C PHE B 589 50.84 7.55 -14.91
N ASN B 590 51.46 8.48 -14.18
CA ASN B 590 50.73 9.35 -13.26
C ASN B 590 50.32 10.62 -13.99
N ALA B 591 49.26 10.53 -14.77
CA ALA B 591 48.73 11.70 -15.48
C ALA B 591 47.25 11.91 -15.26
N ILE B 592 46.46 10.83 -15.17
CA ILE B 592 45.02 10.94 -14.95
C ILE B 592 44.77 11.12 -13.46
N GLU B 593 43.96 12.11 -13.10
CA GLU B 593 43.65 12.39 -11.69
C GLU B 593 42.13 12.58 -11.56
N ILE B 594 41.50 11.73 -10.75
CA ILE B 594 40.08 11.88 -10.46
C ILE B 594 39.93 13.04 -9.48
N THR B 595 39.13 14.03 -9.87
CA THR B 595 39.01 15.26 -9.10
C THR B 595 37.55 15.65 -8.96
N ASP B 596 37.26 16.41 -7.91
CA ASP B 596 35.91 16.86 -7.64
C ASP B 596 35.39 17.73 -8.78
N ALA B 597 34.14 17.49 -9.19
CA ALA B 597 33.50 18.35 -10.16
C ALA B 597 33.03 19.66 -9.56
N LYS B 598 32.96 19.74 -8.24
CA LYS B 598 32.57 20.96 -7.52
C LYS B 598 31.22 21.49 -7.96
N ILE C 3 4.21 -37.14 -24.63
CA ILE C 3 4.40 -35.79 -25.14
C ILE C 3 5.44 -35.05 -24.31
N GLN C 4 5.38 -33.72 -24.36
CA GLN C 4 6.32 -32.91 -23.59
C GLN C 4 5.96 -32.85 -22.11
N LEU C 5 4.68 -32.91 -21.76
CA LEU C 5 4.23 -32.72 -20.39
C LEU C 5 4.09 -34.03 -19.61
N GLU C 6 4.84 -35.06 -19.99
CA GLU C 6 4.74 -36.33 -19.27
C GLU C 6 5.41 -36.28 -17.91
N TYR C 7 6.39 -35.39 -17.73
CA TYR C 7 7.15 -35.31 -16.49
C TYR C 7 6.28 -34.93 -15.30
N ILE C 8 5.11 -34.32 -15.55
CA ILE C 8 4.28 -33.82 -14.46
C ILE C 8 3.72 -34.97 -13.63
N TYR C 9 3.48 -36.13 -14.24
CA TYR C 9 2.85 -37.24 -13.55
C TYR C 9 3.84 -38.14 -12.82
N HIS C 10 5.14 -37.91 -12.96
CA HIS C 10 6.10 -38.56 -12.08
C HIS C 10 6.12 -37.93 -10.70
N TYR C 11 5.63 -36.70 -10.56
CA TYR C 11 5.62 -36.00 -9.30
C TYR C 11 4.32 -36.25 -8.54
N GLU C 12 4.41 -36.16 -7.23
CA GLU C 12 3.25 -36.44 -6.39
C GLU C 12 2.23 -35.31 -6.53
N PRO C 13 0.93 -35.65 -6.64
CA PRO C 13 -0.12 -34.64 -6.77
C PRO C 13 -0.48 -33.93 -5.47
N ASN C 14 0.53 -33.48 -4.77
CA ASN C 14 0.42 -32.62 -3.60
C ASN C 14 0.82 -31.20 -3.97
N PRO C 15 0.26 -30.18 -3.30
CA PRO C 15 0.66 -28.81 -3.61
C PRO C 15 2.12 -28.52 -3.34
N SER C 16 2.78 -29.30 -2.48
CA SER C 16 4.19 -29.10 -2.18
C SER C 16 5.10 -29.41 -3.37
N SER C 17 4.61 -30.15 -4.36
CA SER C 17 5.42 -30.50 -5.52
C SER C 17 5.50 -29.37 -6.54
N LEU C 18 4.88 -28.22 -6.27
CA LEU C 18 4.80 -27.15 -7.27
C LEU C 18 6.18 -26.60 -7.62
N ILE C 19 6.95 -26.21 -6.61
CA ILE C 19 8.26 -25.60 -6.85
C ILE C 19 9.23 -26.60 -7.51
N PRO C 20 9.32 -27.86 -7.05
CA PRO C 20 10.11 -28.84 -7.85
C PRO C 20 9.60 -29.01 -9.26
N LEU C 21 8.28 -28.97 -9.46
CA LEU C 21 7.71 -29.05 -10.80
C LEU C 21 8.06 -27.82 -11.64
N LEU C 22 8.06 -26.64 -11.03
CA LEU C 22 8.47 -25.44 -11.76
C LEU C 22 9.93 -25.52 -12.17
N GLN C 23 10.79 -26.03 -11.28
CA GLN C 23 12.20 -26.21 -11.63
C GLN C 23 12.38 -27.22 -12.75
N LYS C 24 11.63 -28.33 -12.69
CA LYS C 24 11.69 -29.33 -13.75
C LYS C 24 11.21 -28.76 -15.08
N THR C 25 10.16 -27.94 -15.04
CA THR C 25 9.67 -27.30 -16.26
C THR C 25 10.71 -26.34 -16.84
N GLN C 26 11.36 -25.55 -15.98
CA GLN C 26 12.36 -24.64 -16.51
C GLN C 26 13.61 -25.37 -16.97
N GLU C 27 13.84 -26.59 -16.50
CA GLU C 27 14.88 -27.41 -17.09
C GLU C 27 14.47 -27.97 -18.44
N THR C 28 13.22 -28.44 -18.57
CA THR C 28 12.78 -29.12 -19.78
C THR C 28 12.59 -28.15 -20.93
N PHE C 29 12.04 -26.97 -20.66
CA PHE C 29 11.73 -26.03 -21.72
C PHE C 29 12.64 -24.82 -21.78
N GLY C 30 13.36 -24.52 -20.71
CA GLY C 30 14.11 -23.29 -20.60
C GLY C 30 13.35 -22.13 -19.99
N TYR C 31 12.03 -22.26 -19.87
CA TYR C 31 11.18 -21.21 -19.30
C TYR C 31 9.90 -21.88 -18.81
N LEU C 32 8.90 -21.08 -18.48
CA LEU C 32 7.63 -21.62 -18.01
C LEU C 32 6.54 -21.37 -19.05
N PRO C 33 6.17 -22.36 -19.85
CA PRO C 33 5.07 -22.18 -20.81
C PRO C 33 3.72 -22.12 -20.11
N LYS C 34 2.76 -21.47 -20.78
CA LYS C 34 1.42 -21.36 -20.25
C LYS C 34 0.73 -22.72 -20.14
N GLU C 35 0.85 -23.55 -21.18
CA GLU C 35 0.18 -24.84 -21.17
C GLU C 35 0.72 -25.74 -20.07
N ALA C 36 2.04 -25.73 -19.88
CA ALA C 36 2.63 -26.49 -18.78
C ALA C 36 2.13 -25.98 -17.43
N LEU C 37 2.01 -24.67 -17.27
CA LEU C 37 1.52 -24.13 -16.01
C LEU C 37 0.08 -24.52 -15.75
N GLU C 38 -0.77 -24.52 -16.78
CA GLU C 38 -2.16 -24.90 -16.56
C GLU C 38 -2.29 -26.40 -16.30
N GLU C 39 -1.42 -27.22 -16.90
CA GLU C 39 -1.44 -28.64 -16.57
C GLU C 39 -0.89 -28.91 -15.18
N ILE C 40 0.07 -28.12 -14.72
CA ILE C 40 0.55 -28.22 -13.34
C ILE C 40 -0.55 -27.83 -12.37
N SER C 41 -1.27 -26.75 -12.67
CA SER C 41 -2.39 -26.31 -11.83
C SER C 41 -3.51 -27.34 -11.82
N ARG C 42 -3.73 -28.03 -12.95
CA ARG C 42 -4.75 -29.06 -13.00
C ARG C 42 -4.34 -30.30 -12.23
N TYR C 43 -3.08 -30.73 -12.38
CA TYR C 43 -2.63 -31.96 -11.75
C TYR C 43 -2.52 -31.81 -10.24
N LEU C 44 -1.97 -30.69 -9.77
CA LEU C 44 -1.82 -30.46 -8.34
C LEU C 44 -3.08 -29.95 -7.68
N LYS C 45 -4.09 -29.56 -8.47
CA LYS C 45 -5.32 -28.95 -7.97
C LYS C 45 -5.01 -27.70 -7.14
N VAL C 46 -4.16 -26.84 -7.67
CA VAL C 46 -3.90 -25.53 -7.09
C VAL C 46 -4.40 -24.47 -8.07
N PRO C 47 -4.82 -23.30 -7.61
CA PRO C 47 -5.23 -22.25 -8.54
C PRO C 47 -4.06 -21.80 -9.41
N LEU C 48 -4.40 -21.40 -10.63
CA LEU C 48 -3.37 -20.90 -11.55
C LEU C 48 -2.79 -19.59 -11.06
N SER C 49 -3.56 -18.82 -10.30
CA SER C 49 -3.04 -17.59 -9.71
C SER C 49 -2.00 -17.90 -8.63
N ARG C 50 -2.20 -18.98 -7.87
CA ARG C 50 -1.19 -19.39 -6.90
C ARG C 50 0.10 -19.84 -7.58
N VAL C 51 -0.04 -20.58 -8.69
CA VAL C 51 1.12 -21.01 -9.46
C VAL C 51 1.87 -19.80 -10.00
N TYR C 52 1.15 -18.81 -10.51
CA TYR C 52 1.81 -17.64 -11.06
C TYR C 52 2.44 -16.79 -9.97
N GLY C 53 1.81 -16.71 -8.80
CA GLY C 53 2.42 -15.98 -7.69
C GLY C 53 3.72 -16.62 -7.22
N VAL C 54 3.72 -17.95 -7.09
CA VAL C 54 4.95 -18.64 -6.73
C VAL C 54 6.02 -18.47 -7.80
N ALA C 55 5.63 -18.59 -9.07
CA ALA C 55 6.59 -18.48 -10.16
C ALA C 55 7.17 -17.08 -10.29
N THR C 56 6.39 -16.05 -9.98
CA THR C 56 6.89 -14.69 -10.04
C THR C 56 7.64 -14.28 -8.78
N PHE C 57 7.49 -15.02 -7.68
CA PHE C 57 8.22 -14.67 -6.46
C PHE C 57 9.72 -14.90 -6.62
N TYR C 58 10.11 -15.98 -7.27
CA TYR C 58 11.52 -16.38 -7.33
C TYR C 58 12.16 -15.87 -8.61
N ALA C 59 13.37 -15.31 -8.48
CA ALA C 59 14.07 -14.74 -9.63
C ALA C 59 14.60 -15.80 -10.58
N GLN C 60 14.62 -17.07 -10.18
CA GLN C 60 15.05 -18.13 -11.07
C GLN C 60 14.13 -18.26 -12.27
N PHE C 61 12.82 -18.17 -12.05
CA PHE C 61 11.83 -18.48 -13.07
C PHE C 61 11.58 -17.30 -13.99
N ARG C 62 11.53 -17.56 -15.29
CA ARG C 62 11.18 -16.56 -16.29
C ARG C 62 10.20 -17.15 -17.28
N PHE C 63 9.41 -16.27 -17.89
CA PHE C 63 8.33 -16.68 -18.77
C PHE C 63 8.67 -16.47 -20.24
N GLU C 64 9.94 -16.20 -20.55
CA GLU C 64 10.43 -16.11 -21.92
C GLU C 64 11.75 -16.86 -22.00
N PRO C 65 12.03 -17.53 -23.12
CA PRO C 65 13.23 -18.36 -23.21
C PRO C 65 14.51 -17.53 -23.16
N LEU C 66 15.57 -18.18 -22.69
CA LEU C 66 16.87 -17.56 -22.52
C LEU C 66 17.70 -17.70 -23.79
N GLY C 67 18.74 -16.87 -23.89
CA GLY C 67 19.58 -16.84 -25.06
C GLY C 67 20.62 -17.94 -25.07
N LYS C 68 21.60 -17.78 -25.94
CA LYS C 68 22.66 -18.77 -26.08
C LYS C 68 23.73 -18.57 -25.02
N TYR C 69 24.33 -17.38 -24.95
CA TYR C 69 25.34 -17.06 -23.96
C TYR C 69 24.69 -16.30 -22.82
N VAL C 70 24.68 -16.89 -21.65
CA VAL C 70 24.15 -16.25 -20.45
C VAL C 70 25.32 -15.61 -19.72
N ILE C 71 25.29 -14.30 -19.56
CA ILE C 71 26.33 -13.59 -18.84
C ILE C 71 25.81 -13.31 -17.43
N LYS C 72 26.55 -13.76 -16.44
CA LYS C 72 26.19 -13.58 -15.04
C LYS C 72 27.17 -12.59 -14.42
N ILE C 73 26.71 -11.38 -14.16
CA ILE C 73 27.52 -10.38 -13.47
C ILE C 73 27.30 -10.54 -11.97
N CYS C 74 28.37 -10.82 -11.25
CA CYS C 74 28.26 -11.00 -9.81
C CYS C 74 28.27 -9.63 -9.14
N HIS C 75 27.19 -9.30 -8.46
CA HIS C 75 27.08 -8.05 -7.72
C HIS C 75 27.06 -8.32 -6.22
N GLY C 76 27.86 -9.27 -5.76
CA GLY C 76 28.07 -9.45 -4.35
C GLY C 76 28.91 -8.33 -3.78
N THR C 77 29.07 -8.35 -2.46
CA THR C 77 29.78 -7.26 -1.81
C THR C 77 31.23 -7.20 -2.26
N ALA C 78 31.90 -8.36 -2.34
CA ALA C 78 33.31 -8.39 -2.72
C ALA C 78 33.50 -7.87 -4.14
N CYS C 79 32.63 -8.26 -5.06
CA CYS C 79 32.75 -7.79 -6.44
C CYS C 79 32.34 -6.34 -6.57
N HIS C 80 31.35 -5.90 -5.79
CA HIS C 80 30.94 -4.50 -5.86
C HIS C 80 32.05 -3.57 -5.37
N VAL C 81 32.71 -3.92 -4.28
CA VAL C 81 33.77 -3.04 -3.79
C VAL C 81 35.00 -3.09 -4.67
N ASN C 82 35.11 -4.09 -5.55
CA ASN C 82 36.23 -4.18 -6.47
C ASN C 82 35.87 -3.74 -7.89
N GLY C 83 34.70 -3.14 -8.10
CA GLY C 83 34.40 -2.53 -9.37
C GLY C 83 33.36 -3.24 -10.21
N ALA C 84 32.32 -3.78 -9.59
CA ALA C 84 31.28 -4.47 -10.36
C ALA C 84 30.45 -3.50 -11.19
N VAL C 85 30.31 -2.26 -10.74
CA VAL C 85 29.52 -1.29 -11.50
C VAL C 85 30.22 -0.95 -12.80
N ASN C 86 31.54 -0.77 -12.78
CA ASN C 86 32.28 -0.46 -13.99
C ASN C 86 32.24 -1.61 -14.99
N ILE C 87 32.38 -2.85 -14.51
CA ILE C 87 32.34 -3.98 -15.43
C ILE C 87 30.93 -4.22 -15.97
N SER C 88 29.91 -3.97 -15.14
CA SER C 88 28.54 -4.06 -15.66
C SER C 88 28.26 -2.96 -16.68
N GLN C 89 28.83 -1.78 -16.47
CA GLN C 89 28.73 -0.71 -17.46
C GLN C 89 29.38 -1.10 -18.77
N ALA C 90 30.57 -1.72 -18.69
CA ALA C 90 31.24 -2.19 -19.90
C ALA C 90 30.41 -3.25 -20.62
N ILE C 91 29.85 -4.20 -19.87
CA ILE C 91 29.05 -5.25 -20.49
C ILE C 91 27.78 -4.69 -21.11
N ARG C 92 27.10 -3.77 -20.42
CA ARG C 92 25.88 -3.19 -20.95
C ARG C 92 26.16 -2.31 -22.17
N GLU C 93 27.30 -1.62 -22.18
CA GLU C 93 27.59 -0.76 -23.32
C GLU C 93 28.04 -1.57 -24.53
N GLU C 94 28.76 -2.67 -24.33
CA GLU C 94 29.14 -3.51 -25.46
C GLU C 94 27.97 -4.31 -26.00
N VAL C 95 27.14 -4.86 -25.10
CA VAL C 95 26.06 -5.73 -25.54
C VAL C 95 24.85 -4.91 -25.99
N GLY C 96 24.57 -3.81 -25.31
CA GLY C 96 23.49 -2.93 -25.71
C GLY C 96 22.17 -3.17 -25.04
N ILE C 97 22.13 -3.96 -23.98
CA ILE C 97 20.92 -4.21 -23.22
C ILE C 97 21.22 -3.96 -21.75
N GLU C 98 20.16 -3.77 -20.98
CA GLU C 98 20.31 -3.69 -19.54
C GLU C 98 20.36 -5.09 -18.94
N GLU C 99 20.68 -5.15 -17.66
CA GLU C 99 20.69 -6.43 -16.95
C GLU C 99 19.26 -6.94 -16.80
N GLY C 100 19.08 -8.24 -17.03
CA GLY C 100 17.76 -8.84 -17.00
C GLY C 100 17.02 -8.84 -18.32
N GLN C 101 17.72 -8.62 -19.43
CA GLN C 101 17.10 -8.54 -20.74
C GLN C 101 17.80 -9.49 -21.70
N THR C 102 17.09 -9.84 -22.76
CA THR C 102 17.61 -10.70 -23.81
C THR C 102 17.72 -9.90 -25.11
N THR C 103 18.82 -10.08 -25.83
CA THR C 103 18.98 -9.44 -27.12
C THR C 103 17.95 -9.98 -28.10
N VAL C 104 17.60 -9.15 -29.09
CA VAL C 104 16.53 -9.50 -30.01
C VAL C 104 16.90 -10.74 -30.83
N ASP C 105 18.17 -10.89 -31.20
CA ASP C 105 18.60 -12.08 -31.91
C ASP C 105 18.79 -13.28 -30.98
N GLY C 106 18.77 -13.07 -29.66
CA GLY C 106 18.85 -14.18 -28.73
C GLY C 106 20.22 -14.75 -28.52
N LEU C 107 21.27 -13.95 -28.72
CA LEU C 107 22.63 -14.45 -28.54
C LEU C 107 23.08 -14.30 -27.09
N ILE C 108 22.88 -13.13 -26.50
CA ILE C 108 23.39 -12.80 -25.18
C ILE C 108 22.21 -12.50 -24.28
N THR C 109 22.10 -13.24 -23.17
CA THR C 109 21.19 -12.92 -22.09
C THR C 109 22.00 -12.41 -20.91
N LEU C 110 21.61 -11.26 -20.37
CA LEU C 110 22.38 -10.57 -19.34
C LEU C 110 21.66 -10.71 -18.01
N GLU C 111 22.37 -11.22 -17.00
CA GLU C 111 21.80 -11.53 -15.70
C GLU C 111 22.69 -11.01 -14.59
N ARG C 112 22.08 -10.81 -13.43
CA ARG C 112 22.79 -10.41 -12.22
C ARG C 112 22.66 -11.52 -11.19
N VAL C 113 23.78 -11.90 -10.58
CA VAL C 113 23.79 -12.98 -9.60
C VAL C 113 24.39 -12.47 -8.30
N ALA C 114 24.15 -13.22 -7.23
CA ALA C 114 24.57 -12.79 -5.90
C ALA C 114 26.04 -13.10 -5.65
N CYS C 115 26.41 -14.37 -5.70
CA CYS C 115 27.79 -14.77 -5.45
C CYS C 115 28.08 -16.03 -6.24
N LEU C 116 29.36 -16.22 -6.56
CA LEU C 116 29.80 -17.40 -7.29
C LEU C 116 30.86 -18.20 -6.55
N GLY C 117 31.30 -17.73 -5.37
CA GLY C 117 32.23 -18.43 -4.54
C GLY C 117 33.67 -17.99 -4.71
N CYS C 118 34.01 -17.39 -5.84
CA CYS C 118 35.37 -16.94 -6.12
C CYS C 118 35.51 -15.45 -5.83
N CYS C 119 35.43 -15.10 -4.54
CA CYS C 119 35.58 -13.71 -4.14
C CYS C 119 37.01 -13.23 -4.26
N SER C 120 37.99 -14.12 -4.27
CA SER C 120 39.38 -13.73 -4.48
C SER C 120 39.63 -13.20 -5.88
N LEU C 121 39.03 -13.79 -6.89
CA LEU C 121 38.97 -13.21 -8.24
C LEU C 121 37.87 -12.17 -8.31
N ALA C 122 38.06 -11.08 -7.58
CA ALA C 122 36.94 -10.26 -7.09
C ALA C 122 36.06 -9.69 -8.20
N PRO C 123 36.57 -9.08 -9.27
CA PRO C 123 35.69 -8.79 -10.41
C PRO C 123 35.53 -10.03 -11.28
N VAL C 124 34.36 -10.64 -11.23
CA VAL C 124 34.11 -11.95 -11.82
C VAL C 124 32.77 -11.96 -12.53
N ILE C 125 32.76 -12.52 -13.75
CA ILE C 125 31.53 -12.85 -14.44
C ILE C 125 31.57 -14.32 -14.81
N MET C 126 30.42 -14.84 -15.24
CA MET C 126 30.29 -16.23 -15.66
C MET C 126 29.53 -16.28 -16.98
N ILE C 127 30.11 -16.93 -17.97
CA ILE C 127 29.49 -17.07 -19.29
C ILE C 127 29.32 -18.57 -19.53
N ASN C 128 28.09 -19.07 -19.40
CA ASN C 128 27.75 -20.47 -19.61
C ASN C 128 28.62 -21.39 -18.75
N GLU C 129 28.53 -21.17 -17.44
CA GLU C 129 29.22 -21.98 -16.43
C GLU C 129 30.74 -21.95 -16.57
N LYS C 130 31.29 -20.86 -17.12
CA LYS C 130 32.73 -20.66 -17.18
C LYS C 130 33.04 -19.28 -16.59
N VAL C 131 33.94 -19.25 -15.62
CA VAL C 131 34.19 -18.06 -14.81
C VAL C 131 35.41 -17.32 -15.33
N TYR C 132 35.23 -16.04 -15.62
CA TYR C 132 36.32 -15.14 -15.97
C TYR C 132 36.51 -14.14 -14.84
N GLY C 133 37.75 -14.01 -14.35
CA GLY C 133 38.03 -13.27 -13.14
C GLY C 133 39.05 -12.16 -13.36
N LYS C 134 39.17 -11.31 -12.32
CA LYS C 134 40.08 -10.17 -12.31
C LYS C 134 39.81 -9.25 -13.49
N LEU C 135 38.60 -8.69 -13.50
CA LEU C 135 38.08 -7.98 -14.66
C LEU C 135 38.15 -6.47 -14.43
N THR C 136 39.10 -5.84 -15.08
CA THR C 136 39.02 -4.41 -15.34
C THR C 136 38.01 -4.19 -16.47
N PRO C 137 37.45 -2.98 -16.60
CA PRO C 137 36.50 -2.75 -17.70
C PRO C 137 37.04 -3.06 -19.09
N ASP C 138 38.31 -2.76 -19.34
CA ASP C 138 38.90 -3.07 -20.65
C ASP C 138 38.92 -4.56 -20.91
N LYS C 139 39.28 -5.36 -19.90
CA LYS C 139 39.38 -6.80 -20.07
C LYS C 139 38.01 -7.40 -20.35
N VAL C 140 36.97 -6.93 -19.66
CA VAL C 140 35.65 -7.50 -19.88
C VAL C 140 35.08 -7.03 -21.22
N ARG C 141 35.45 -5.84 -21.68
CA ARG C 141 35.07 -5.45 -23.04
C ARG C 141 35.72 -6.35 -24.08
N LYS C 142 37.00 -6.69 -23.86
CA LYS C 142 37.67 -7.63 -24.75
C LYS C 142 36.98 -8.99 -24.74
N ILE C 143 36.58 -9.47 -23.55
CA ILE C 143 35.94 -10.77 -23.45
C ILE C 143 34.59 -10.78 -24.14
N ILE C 144 33.81 -9.70 -23.99
CA ILE C 144 32.52 -9.62 -24.68
C ILE C 144 32.71 -9.58 -26.19
N ARG C 145 33.66 -8.77 -26.67
CA ARG C 145 33.86 -8.67 -28.11
C ARG C 145 34.37 -9.97 -28.70
N ASN C 146 35.22 -10.70 -27.97
CA ASN C 146 35.67 -11.99 -28.45
C ASN C 146 34.56 -13.03 -28.39
N LEU C 147 33.65 -12.91 -27.42
CA LEU C 147 32.49 -13.80 -27.37
C LEU C 147 31.56 -13.58 -28.55
N LYS C 148 31.35 -12.32 -28.94
CA LYS C 148 30.38 -12.02 -30.00
C LYS C 148 30.78 -12.65 -31.33
N GLU C 149 32.07 -12.74 -31.62
CA GLU C 149 32.56 -13.22 -32.90
C GLU C 149 32.72 -14.74 -32.95
N GLY C 150 31.98 -15.46 -32.11
CA GLY C 150 31.94 -16.91 -32.20
C GLY C 150 33.08 -17.64 -31.53
N LYS C 151 34.02 -16.94 -30.91
CA LYS C 151 35.11 -17.59 -30.20
C LYS C 151 34.62 -18.05 -28.82
N LEU C 152 35.55 -18.45 -27.96
CA LEU C 152 35.25 -18.93 -26.61
C LEU C 152 34.28 -20.11 -26.62
#